data_6XDX
# 
_entry.id   6XDX 
# 
_audit_conform.dict_name       mmcif_pdbx.dic 
_audit_conform.dict_version    5.380 
_audit_conform.dict_location   http://mmcif.pdb.org/dictionaries/ascii/mmcif_pdbx.dic 
# 
loop_
_database_2.database_id 
_database_2.database_code 
_database_2.pdbx_database_accession 
_database_2.pdbx_DOI 
PDB   6XDX         pdb_00006xdx 10.2210/pdb6xdx/pdb 
WWPDB D_1000249243 ?            ?                   
# 
_pdbx_database_status.status_code                     REL 
_pdbx_database_status.status_code_sf                  REL 
_pdbx_database_status.status_code_mr                  ? 
_pdbx_database_status.entry_id                        6XDX 
_pdbx_database_status.recvd_initial_deposition_date   2020-06-11 
_pdbx_database_status.SG_entry                        N 
_pdbx_database_status.deposit_site                    RCSB 
_pdbx_database_status.process_site                    RCSB 
_pdbx_database_status.status_code_cs                  ? 
_pdbx_database_status.status_code_nmr_data            ? 
_pdbx_database_status.methods_development_category    ? 
_pdbx_database_status.pdb_format_compatible           Y 
# 
loop_
_audit_author.name 
_audit_author.pdbx_ordinal 
_audit_author.identifier_ORCID 
'Simmons, C.R.'      1 0000-0002-2290-6132 
'MacCulloch, T.'     2 0000-0001-5875-3361 
'Stephanopoulos, N.' 3 0000-0001-7859-410X 
'Yan, H.'            4 0000-0001-7397-9852 
# 
_citation.abstract                  ? 
_citation.abstract_id_CAS           ? 
_citation.book_id_ISBN              ? 
_citation.book_publisher            ? 
_citation.book_publisher_city       ? 
_citation.book_title                ? 
_citation.coordinate_linkage        ? 
_citation.country                   UK 
_citation.database_id_Medline       ? 
_citation.details                   ? 
_citation.id                        primary 
_citation.journal_abbrev            'Nat Commun' 
_citation.journal_id_ASTM           ? 
_citation.journal_id_CSD            ? 
_citation.journal_id_ISSN           2041-1723 
_citation.journal_full              ? 
_citation.journal_issue             ? 
_citation.journal_volume            13 
_citation.language                  ? 
_citation.page_first                3112 
_citation.page_last                 3112 
_citation.title                     'The influence of Holliday junction sequence and dynamics on DNA crystal self-assembly.' 
_citation.year                      2022 
_citation.database_id_CSD           ? 
_citation.pdbx_database_id_DOI      10.1038/s41467-022-30779-6 
_citation.pdbx_database_id_PubMed   35662248 
_citation.unpublished_flag          ? 
# 
loop_
_citation_author.citation_id 
_citation_author.name 
_citation_author.ordinal 
_citation_author.identifier_ORCID 
primary 'Simmons, C.R.'      1  ?                   
primary 'MacCulloch, T.'     2  ?                   
primary 'Krepl, M.'          3  0000-0002-9833-4281 
primary 'Matthies, M.'       4  ?                   
primary 'Buchberger, A.'     5  ?                   
primary 'Crawford, I.'       6  ?                   
primary 'Sponer, J.'         7  0000-0001-6558-6186 
primary 'Sulc, P.'           8  0000-0003-1565-6769 
primary 'Stephanopoulos, N.' 9  0000-0001-7859-410X 
primary 'Yan, H.'            10 0000-0001-7397-9852 
# 
_cell.angle_alpha                  90.000 
_cell.angle_alpha_esd              ? 
_cell.angle_beta                   90.000 
_cell.angle_beta_esd               ? 
_cell.angle_gamma                  120.000 
_cell.angle_gamma_esd              ? 
_cell.entry_id                     6XDX 
_cell.details                      ? 
_cell.formula_units_Z              ? 
_cell.length_a                     68.848 
_cell.length_a_esd                 ? 
_cell.length_b                     68.848 
_cell.length_b_esd                 ? 
_cell.length_c                     59.374 
_cell.length_c_esd                 ? 
_cell.volume                       ? 
_cell.volume_esd                   ? 
_cell.Z_PDB                        3 
_cell.reciprocal_angle_alpha       ? 
_cell.reciprocal_angle_beta        ? 
_cell.reciprocal_angle_gamma       ? 
_cell.reciprocal_angle_alpha_esd   ? 
_cell.reciprocal_angle_beta_esd    ? 
_cell.reciprocal_angle_gamma_esd   ? 
_cell.reciprocal_length_a          ? 
_cell.reciprocal_length_b          ? 
_cell.reciprocal_length_c          ? 
_cell.reciprocal_length_a_esd      ? 
_cell.reciprocal_length_b_esd      ? 
_cell.reciprocal_length_c_esd      ? 
_cell.pdbx_unique_axis             ? 
# 
_symmetry.entry_id                         6XDX 
_symmetry.cell_setting                     ? 
_symmetry.Int_Tables_number                145 
_symmetry.space_group_name_Hall            ? 
_symmetry.space_group_name_H-M             'P 32' 
_symmetry.pdbx_full_space_group_name_H-M   ? 
# 
loop_
_entity.id 
_entity.type 
_entity.src_method 
_entity.pdbx_description 
_entity.formula_weight 
_entity.pdbx_number_of_molecules 
_entity.pdbx_ec 
_entity.pdbx_mutation 
_entity.pdbx_fragment 
_entity.details 
1 polymer     syn 
;DNA (5'-D(*GP*AP*GP*CP*AP*GP*AP*CP*AP*AP*G)-3')
;
3416.263 1 ? ? ? ? 
2 polymer     syn 
;DNA (5'-D(P*AP*CP*TP*TP*CP*AP*CP*TP*CP*A)-3')
;
2963.969 1 ? ? ? ? 
3 polymer     syn 
;DNA (5'-D(P*CP*TP*AP*GP*T)-3')
;
1495.023 1 ? ? ? ? 
4 polymer     syn 
;DNA (5'-D(*TP*CP*TP*GP*AP*GP*TP*GP*AP*TP*GP*TP*CP*TP*GP*C)-3')
;
4920.187 1 ? ? ? ? 
5 non-polymer syn 'CACODYLATE ION'                                                 136.989  2 ? ? ? ? 
6 non-polymer syn 'MAGNESIUM ION'                                                  24.305   1 ? ? ? ? 
# 
loop_
_entity_poly.entity_id 
_entity_poly.type 
_entity_poly.nstd_linkage 
_entity_poly.nstd_monomer 
_entity_poly.pdbx_seq_one_letter_code 
_entity_poly.pdbx_seq_one_letter_code_can 
_entity_poly.pdbx_strand_id 
_entity_poly.pdbx_target_identifier 
1 polydeoxyribonucleotide no no '(DG)(DA)(DG)(DC)(DA)(DG)(DA)(DC)(DA)(DA)(DG)'                     GAGCAGACAAG      A ? 
2 polydeoxyribonucleotide no no '(DA)(DC)(DT)(DT)(DC)(DA)(DC)(DT)(DC)(DA)'                         ACTTCACTCA       B ? 
3 polydeoxyribonucleotide no no '(DC)(DT)(DA)(DG)(DT)'                                             CTAGT            C ? 
4 polydeoxyribonucleotide no no '(DT)(DC)(DT)(DG)(DA)(DG)(DT)(DG)(DA)(DT)(DG)(DT)(DC)(DT)(DG)(DC)' TCTGAGTGATGTCTGC D ? 
# 
loop_
_entity_poly_seq.entity_id 
_entity_poly_seq.num 
_entity_poly_seq.mon_id 
_entity_poly_seq.hetero 
1 1  DG n 
1 2  DA n 
1 3  DG n 
1 4  DC n 
1 5  DA n 
1 6  DG n 
1 7  DA n 
1 8  DC n 
1 9  DA n 
1 10 DA n 
1 11 DG n 
2 1  DA n 
2 2  DC n 
2 3  DT n 
2 4  DT n 
2 5  DC n 
2 6  DA n 
2 7  DC n 
2 8  DT n 
2 9  DC n 
2 10 DA n 
3 1  DC n 
3 2  DT n 
3 3  DA n 
3 4  DG n 
3 5  DT n 
4 1  DT n 
4 2  DC n 
4 3  DT n 
4 4  DG n 
4 5  DA n 
4 6  DG n 
4 7  DT n 
4 8  DG n 
4 9  DA n 
4 10 DT n 
4 11 DG n 
4 12 DT n 
4 13 DC n 
4 14 DT n 
4 15 DG n 
4 16 DC n 
# 
loop_
_pdbx_entity_src_syn.entity_id 
_pdbx_entity_src_syn.pdbx_src_id 
_pdbx_entity_src_syn.pdbx_alt_source_flag 
_pdbx_entity_src_syn.pdbx_beg_seq_num 
_pdbx_entity_src_syn.pdbx_end_seq_num 
_pdbx_entity_src_syn.organism_scientific 
_pdbx_entity_src_syn.organism_common_name 
_pdbx_entity_src_syn.ncbi_taxonomy_id 
_pdbx_entity_src_syn.details 
1 1 sample 1 11 'synthetic construct' ? 32630 ? 
2 1 sample 1 10 'synthetic construct' ? 32630 ? 
3 1 sample 1 5  'synthetic construct' ? 32630 ? 
4 1 sample 1 16 'synthetic construct' ? 32630 ? 
# 
loop_
_struct_ref.id 
_struct_ref.db_name 
_struct_ref.db_code 
_struct_ref.pdbx_db_accession 
_struct_ref.pdbx_db_isoform 
_struct_ref.entity_id 
_struct_ref.pdbx_seq_one_letter_code 
_struct_ref.pdbx_align_begin 
1 PDB 6XDX 6XDX ? 1 ? 1 
2 PDB 6XDX 6XDX ? 2 ? 1 
3 PDB 6XDX 6XDX ? 3 ? 1 
4 PDB 6XDX 6XDX ? 4 ? 1 
# 
loop_
_struct_ref_seq.align_id 
_struct_ref_seq.ref_id 
_struct_ref_seq.pdbx_PDB_id_code 
_struct_ref_seq.pdbx_strand_id 
_struct_ref_seq.seq_align_beg 
_struct_ref_seq.pdbx_seq_align_beg_ins_code 
_struct_ref_seq.seq_align_end 
_struct_ref_seq.pdbx_seq_align_end_ins_code 
_struct_ref_seq.pdbx_db_accession 
_struct_ref_seq.db_align_beg 
_struct_ref_seq.pdbx_db_align_beg_ins_code 
_struct_ref_seq.db_align_end 
_struct_ref_seq.pdbx_db_align_end_ins_code 
_struct_ref_seq.pdbx_auth_seq_align_beg 
_struct_ref_seq.pdbx_auth_seq_align_end 
1 1 6XDX A 1 ? 11 ? 6XDX 1  ? 11 ? 1  11 
2 2 6XDX B 1 ? 10 ? 6XDX 12 ? 21 ? 12 21 
3 3 6XDX C 1 ? 5  ? 6XDX 1  ? 5  ? 1  5  
4 4 6XDX D 1 ? 16 ? 6XDX 1  ? 16 ? 1  16 
# 
loop_
_chem_comp.id 
_chem_comp.type 
_chem_comp.mon_nstd_flag 
_chem_comp.name 
_chem_comp.pdbx_synonyms 
_chem_comp.formula 
_chem_comp.formula_weight 
CAC non-polymer   . 'CACODYLATE ION'                     dimethylarsinate 'C2 H6 As O2 -1'  136.989 
DA  'DNA linking' y "2'-DEOXYADENOSINE-5'-MONOPHOSPHATE" ?                'C10 H14 N5 O6 P' 331.222 
DC  'DNA linking' y "2'-DEOXYCYTIDINE-5'-MONOPHOSPHATE"  ?                'C9 H14 N3 O7 P'  307.197 
DG  'DNA linking' y "2'-DEOXYGUANOSINE-5'-MONOPHOSPHATE" ?                'C10 H14 N5 O7 P' 347.221 
DT  'DNA linking' y "THYMIDINE-5'-MONOPHOSPHATE"         ?                'C10 H15 N2 O8 P' 322.208 
MG  non-polymer   . 'MAGNESIUM ION'                      ?                'Mg 2'            24.305  
# 
_exptl.absorpt_coefficient_mu     ? 
_exptl.absorpt_correction_T_max   ? 
_exptl.absorpt_correction_T_min   ? 
_exptl.absorpt_correction_type    ? 
_exptl.absorpt_process_details    ? 
_exptl.entry_id                   6XDX 
_exptl.crystals_number            1 
_exptl.details                    ? 
_exptl.method                     'X-RAY DIFFRACTION' 
_exptl.method_details             ? 
# 
_exptl_crystal.colour                      ? 
_exptl_crystal.density_diffrn              ? 
_exptl_crystal.density_Matthews            6.35 
_exptl_crystal.density_method              ? 
_exptl_crystal.density_percent_sol         80.63 
_exptl_crystal.description                 ? 
_exptl_crystal.F_000                       ? 
_exptl_crystal.id                          1 
_exptl_crystal.preparation                 ? 
_exptl_crystal.size_max                    ? 
_exptl_crystal.size_mid                    ? 
_exptl_crystal.size_min                    ? 
_exptl_crystal.size_rad                    ? 
_exptl_crystal.colour_lustre               ? 
_exptl_crystal.colour_modifier             ? 
_exptl_crystal.colour_primary              ? 
_exptl_crystal.density_meas                ? 
_exptl_crystal.density_meas_esd            ? 
_exptl_crystal.density_meas_gt             ? 
_exptl_crystal.density_meas_lt             ? 
_exptl_crystal.density_meas_temp           ? 
_exptl_crystal.density_meas_temp_esd       ? 
_exptl_crystal.density_meas_temp_gt        ? 
_exptl_crystal.density_meas_temp_lt        ? 
_exptl_crystal.pdbx_crystal_image_url      ? 
_exptl_crystal.pdbx_crystal_image_format   ? 
_exptl_crystal.pdbx_mosaicity              ? 
_exptl_crystal.pdbx_mosaicity_esd          ? 
# 
_exptl_crystal_grow.apparatus       ? 
_exptl_crystal_grow.atmosphere      ? 
_exptl_crystal_grow.crystal_id      1 
_exptl_crystal_grow.details         ? 
_exptl_crystal_grow.method          'VAPOR DIFFUSION, SITTING DROP' 
_exptl_crystal_grow.method_ref      ? 
_exptl_crystal_grow.pH              ? 
_exptl_crystal_grow.pressure        ? 
_exptl_crystal_grow.pressure_esd    ? 
_exptl_crystal_grow.seeding         ? 
_exptl_crystal_grow.seeding_ref     ? 
_exptl_crystal_grow.temp            298 
_exptl_crystal_grow.temp_details    'temperature gradient generated from 60 to 25 C at 0.3 degrees per hour' 
_exptl_crystal_grow.temp_esd        ? 
_exptl_crystal_grow.time            ? 
_exptl_crystal_grow.pdbx_details    
;0.5 mL of 0.05 M Cacodylate pH 6.5 with 18 mM MgCl2, 2.25 mM spermine, and 9% Isopropanol was added to the reservoir with 2 uL added to the drop containing 4 uL of DNA stock
;
_exptl_crystal_grow.pdbx_pH_range   ? 
# 
_diffrn.ambient_environment              ? 
_diffrn.ambient_temp                     100 
_diffrn.ambient_temp_details             ? 
_diffrn.ambient_temp_esd                 ? 
_diffrn.crystal_id                       1 
_diffrn.crystal_support                  ? 
_diffrn.crystal_treatment                ? 
_diffrn.details                          ? 
_diffrn.id                               1 
_diffrn.ambient_pressure                 ? 
_diffrn.ambient_pressure_esd             ? 
_diffrn.ambient_pressure_gt              ? 
_diffrn.ambient_pressure_lt              ? 
_diffrn.ambient_temp_gt                  ? 
_diffrn.ambient_temp_lt                  ? 
_diffrn.pdbx_serial_crystal_experiment   N 
# 
_diffrn_detector.details                      ? 
_diffrn_detector.detector                     PIXEL 
_diffrn_detector.diffrn_id                    1 
_diffrn_detector.type                         'DECTRIS PILATUS3 6M' 
_diffrn_detector.area_resol_mean              ? 
_diffrn_detector.dtime                        ? 
_diffrn_detector.pdbx_frames_total            ? 
_diffrn_detector.pdbx_collection_time_total   ? 
_diffrn_detector.pdbx_collection_date         2018-03-15 
_diffrn_detector.pdbx_frequency               ? 
# 
_diffrn_radiation.collimation                      ? 
_diffrn_radiation.diffrn_id                        1 
_diffrn_radiation.filter_edge                      ? 
_diffrn_radiation.inhomogeneity                    ? 
_diffrn_radiation.monochromator                    ? 
_diffrn_radiation.polarisn_norm                    ? 
_diffrn_radiation.polarisn_ratio                   ? 
_diffrn_radiation.probe                            ? 
_diffrn_radiation.type                             ? 
_diffrn_radiation.xray_symbol                      ? 
_diffrn_radiation.wavelength_id                    1 
_diffrn_radiation.pdbx_monochromatic_or_laue_m_l   M 
_diffrn_radiation.pdbx_wavelength_list             ? 
_diffrn_radiation.pdbx_wavelength                  ? 
_diffrn_radiation.pdbx_diffrn_protocol             'SINGLE WAVELENGTH' 
_diffrn_radiation.pdbx_analyzer                    ? 
_diffrn_radiation.pdbx_scattering_type             x-ray 
# 
_diffrn_radiation_wavelength.id           1 
_diffrn_radiation_wavelength.wavelength   0.92 
_diffrn_radiation_wavelength.wt           1.0 
# 
_diffrn_source.current                     ? 
_diffrn_source.details                     ? 
_diffrn_source.diffrn_id                   1 
_diffrn_source.power                       ? 
_diffrn_source.size                        ? 
_diffrn_source.source                      SYNCHROTRON 
_diffrn_source.target                      ? 
_diffrn_source.type                        'APS BEAMLINE 19-ID' 
_diffrn_source.voltage                     ? 
_diffrn_source.take-off_angle              ? 
_diffrn_source.pdbx_wavelength_list        0.92 
_diffrn_source.pdbx_wavelength             ? 
_diffrn_source.pdbx_synchrotron_beamline   19-ID 
_diffrn_source.pdbx_synchrotron_site       APS 
# 
_reflns.B_iso_Wilson_estimate            76.180 
_reflns.entry_id                         6XDX 
_reflns.data_reduction_details           ? 
_reflns.data_reduction_method            ? 
_reflns.d_resolution_high                2.899 
_reflns.d_resolution_low                 50.000 
_reflns.details                          ? 
_reflns.limit_h_max                      ? 
_reflns.limit_h_min                      ? 
_reflns.limit_k_max                      ? 
_reflns.limit_k_min                      ? 
_reflns.limit_l_max                      ? 
_reflns.limit_l_min                      ? 
_reflns.number_all                       ? 
_reflns.number_obs                       6565 
_reflns.observed_criterion               ? 
_reflns.observed_criterion_F_max         ? 
_reflns.observed_criterion_F_min         ? 
_reflns.observed_criterion_I_max         ? 
_reflns.observed_criterion_I_min         ? 
_reflns.observed_criterion_sigma_F       ? 
_reflns.observed_criterion_sigma_I       ? 
_reflns.percent_possible_obs             93.800 
_reflns.R_free_details                   ? 
_reflns.Rmerge_F_all                     ? 
_reflns.Rmerge_F_obs                     ? 
_reflns.Friedel_coverage                 ? 
_reflns.number_gt                        ? 
_reflns.threshold_expression             ? 
_reflns.pdbx_redundancy                  9.800 
_reflns.pdbx_Rmerge_I_obs                0.125 
_reflns.pdbx_Rmerge_I_all                ? 
_reflns.pdbx_Rsym_value                  ? 
_reflns.pdbx_netI_over_av_sigmaI         ? 
_reflns.pdbx_netI_over_sigmaI            7.500 
_reflns.pdbx_res_netI_over_av_sigmaI_2   ? 
_reflns.pdbx_res_netI_over_sigmaI_2      ? 
_reflns.pdbx_chi_squared                 4.863 
_reflns.pdbx_scaling_rejects             ? 
_reflns.pdbx_d_res_high_opt              ? 
_reflns.pdbx_d_res_low_opt               ? 
_reflns.pdbx_d_res_opt_method            ? 
_reflns.phase_calculation_details        ? 
_reflns.pdbx_Rrim_I_all                  0.133 
_reflns.pdbx_Rpim_I_all                  0.044 
_reflns.pdbx_d_opt                       ? 
_reflns.pdbx_number_measured_all         ? 
_reflns.pdbx_diffrn_id                   1 
_reflns.pdbx_ordinal                     1 
_reflns.pdbx_CC_half                     0.997 
_reflns.pdbx_CC_star                     ? 
_reflns.pdbx_R_split                     ? 
# 
loop_
_reflns_shell.d_res_high 
_reflns_shell.d_res_low 
_reflns_shell.meanI_over_sigI_all 
_reflns_shell.meanI_over_sigI_obs 
_reflns_shell.number_measured_all 
_reflns_shell.number_measured_obs 
_reflns_shell.number_possible 
_reflns_shell.number_unique_all 
_reflns_shell.number_unique_obs 
_reflns_shell.percent_possible_all 
_reflns_shell.percent_possible_obs 
_reflns_shell.Rmerge_F_all 
_reflns_shell.Rmerge_F_obs 
_reflns_shell.Rmerge_I_all 
_reflns_shell.Rmerge_I_obs 
_reflns_shell.meanI_over_sigI_gt 
_reflns_shell.meanI_over_uI_all 
_reflns_shell.meanI_over_uI_gt 
_reflns_shell.number_measured_gt 
_reflns_shell.number_unique_gt 
_reflns_shell.percent_possible_gt 
_reflns_shell.Rmerge_F_gt 
_reflns_shell.Rmerge_I_gt 
_reflns_shell.pdbx_redundancy 
_reflns_shell.pdbx_Rsym_value 
_reflns_shell.pdbx_chi_squared 
_reflns_shell.pdbx_netI_over_sigmaI_all 
_reflns_shell.pdbx_netI_over_sigmaI_obs 
_reflns_shell.pdbx_Rrim_I_all 
_reflns_shell.pdbx_Rpim_I_all 
_reflns_shell.pdbx_rejects 
_reflns_shell.pdbx_ordinal 
_reflns_shell.pdbx_diffrn_id 
_reflns_shell.pdbx_CC_half 
_reflns_shell.pdbx_CC_star 
_reflns_shell.pdbx_R_split 
2.900 2.950  ? ? ? ? ? ? 222 64.500  ? ? ? ? 1.009 ? ? ? ? ? ? ? ? 8.000  ? 0.462  ? ? 1.073 0.354 ? 1  1 0.770 ? ? 
2.950 3.000  ? ? ? ? ? ? 252 70.000  ? ? ? ? 0.596 ? ? ? ? ? ? ? ? 8.500  ? 0.453  ? ? 0.632 0.205 ? 2  1 0.947 ? ? 
3.000 3.060  ? ? ? ? ? ? 252 72.800  ? ? ? ? 0.422 ? ? ? ? ? ? ? ? 8.200  ? 0.535  ? ? 0.448 0.146 ? 3  1 0.962 ? ? 
3.060 3.120  ? ? ? ? ? ? 306 82.300  ? ? ? ? 0.234 ? ? ? ? ? ? ? ? 8.100  ? 0.736  ? ? 0.247 0.080 ? 4  1 0.991 ? ? 
3.120 3.190  ? ? ? ? ? ? 299 92.000  ? ? ? ? 0.198 ? ? ? ? ? ? ? ? 8.200  ? 1.017  ? ? 0.209 0.065 ? 5  1 0.995 ? ? 
3.190 3.270  ? ? ? ? ? ? 347 96.400  ? ? ? ? 0.103 ? ? ? ? ? ? ? ? 7.700  ? 1.691  ? ? 0.109 0.036 ? 6  1 0.996 ? ? 
3.270 3.350  ? ? ? ? ? ? 338 100.000 ? ? ? ? 0.134 ? ? ? ? ? ? ? ? 9.200  ? 1.193  ? ? 0.145 0.051 ? 7  1 0.982 ? ? 
3.350 3.440  ? ? ? ? ? ? 360 100.000 ? ? ? ? 0.122 ? ? ? ? ? ? ? ? 10.400 ? 1.647  ? ? 0.129 0.041 ? 8  1 0.994 ? ? 
3.440 3.540  ? ? ? ? ? ? 331 100.000 ? ? ? ? 0.152 ? ? ? ? ? ? ? ? 10.500 ? 1.187  ? ? 0.160 0.049 ? 9  1 0.996 ? ? 
3.540 3.650  ? ? ? ? ? ? 355 99.700  ? ? ? ? 0.135 ? ? ? ? ? ? ? ? 10.800 ? 1.282  ? ? 0.142 0.043 ? 10 1 0.996 ? ? 
3.650 3.780  ? ? ? ? ? ? 342 100.000 ? ? ? ? 0.146 ? ? ? ? ? ? ? ? 10.600 ? 1.107  ? ? 0.153 0.047 ? 11 1 0.996 ? ? 
3.780 3.940  ? ? ? ? ? ? 359 100.000 ? ? ? ? 0.123 ? ? ? ? ? ? ? ? 10.200 ? 1.792  ? ? 0.129 0.040 ? 12 1 0.992 ? ? 
3.940 4.110  ? ? ? ? ? ? 348 99.400  ? ? ? ? 0.123 ? ? ? ? ? ? ? ? 9.700  ? 3.762  ? ? 0.130 0.041 ? 13 1 0.985 ? ? 
4.110 4.330  ? ? ? ? ? ? 357 100.000 ? ? ? ? 0.107 ? ? ? ? ? ? ? ? 10.900 ? 2.213  ? ? 0.112 0.034 ? 14 1 0.993 ? ? 
4.330 4.600  ? ? ? ? ? ? 346 100.000 ? ? ? ? 0.104 ? ? ? ? ? ? ? ? 10.800 ? 2.075  ? ? 0.109 0.033 ? 15 1 0.994 ? ? 
4.600 4.960  ? ? ? ? ? ? 352 100.000 ? ? ? ? 0.106 ? ? ? ? ? ? ? ? 10.700 ? 3.526  ? ? 0.111 0.034 ? 16 1 0.966 ? ? 
4.960 5.460  ? ? ? ? ? ? 347 100.000 ? ? ? ? 0.104 ? ? ? ? ? ? ? ? 9.900  ? 7.457  ? ? 0.110 0.036 ? 17 1 0.930 ? ? 
5.460 6.240  ? ? ? ? ? ? 355 100.000 ? ? ? ? 0.091 ? ? ? ? ? ? ? ? 11.100 ? 7.086  ? ? 0.095 0.029 ? 18 1 0.977 ? ? 
6.240 7.860  ? ? ? ? ? ? 343 100.000 ? ? ? ? 0.093 ? ? ? ? ? ? ? ? 10.300 ? 12.410 ? ? 0.099 0.033 ? 19 1 0.930 ? ? 
7.860 50.000 ? ? ? ? ? ? 354 99.400  ? ? ? ? 0.138 ? ? ? ? ? ? ? ? 10.200 ? 36.019 ? ? 0.147 0.050 ? 20 1 0.946 ? ? 
# 
_refine.aniso_B[1][1]                            ? 
_refine.aniso_B[1][2]                            ? 
_refine.aniso_B[1][3]                            ? 
_refine.aniso_B[2][2]                            ? 
_refine.aniso_B[2][3]                            ? 
_refine.aniso_B[3][3]                            ? 
_refine.B_iso_max                                184.630 
_refine.B_iso_mean                               108.7101 
_refine.B_iso_min                                56.230 
_refine.correlation_coeff_Fo_to_Fc               ? 
_refine.correlation_coeff_Fo_to_Fc_free          ? 
_refine.details                                  ? 
_refine.diff_density_max                         ? 
_refine.diff_density_max_esd                     ? 
_refine.diff_density_min                         ? 
_refine.diff_density_min_esd                     ? 
_refine.diff_density_rms                         ? 
_refine.diff_density_rms_esd                     ? 
_refine.entry_id                                 6XDX 
_refine.pdbx_refine_id                           'X-RAY DIFFRACTION' 
_refine.ls_abs_structure_details                 ? 
_refine.ls_abs_structure_Flack                   ? 
_refine.ls_abs_structure_Flack_esd               ? 
_refine.ls_abs_structure_Rogers                  ? 
_refine.ls_abs_structure_Rogers_esd              ? 
_refine.ls_d_res_high                            2.8990 
_refine.ls_d_res_low                             29.7810 
_refine.ls_extinction_coef                       ? 
_refine.ls_extinction_coef_esd                   ? 
_refine.ls_extinction_expression                 ? 
_refine.ls_extinction_method                     ? 
_refine.ls_goodness_of_fit_all                   ? 
_refine.ls_goodness_of_fit_all_esd               ? 
_refine.ls_goodness_of_fit_obs                   ? 
_refine.ls_goodness_of_fit_obs_esd               ? 
_refine.ls_hydrogen_treatment                    ? 
_refine.ls_matrix_type                           ? 
_refine.ls_number_constraints                    ? 
_refine.ls_number_parameters                     ? 
_refine.ls_number_reflns_all                     ? 
_refine.ls_number_reflns_obs                     6412 
_refine.ls_number_reflns_R_free                  633 
_refine.ls_number_reflns_R_work                  5779 
_refine.ls_number_restraints                     ? 
_refine.ls_percent_reflns_obs                    91.8400 
_refine.ls_percent_reflns_R_free                 9.8700 
_refine.ls_R_factor_all                          ? 
_refine.ls_R_factor_obs                          0.2460 
_refine.ls_R_factor_R_free                       0.2588 
_refine.ls_R_factor_R_free_error                 ? 
_refine.ls_R_factor_R_free_error_details         ? 
_refine.ls_R_factor_R_work                       0.2446 
_refine.ls_R_Fsqd_factor_obs                     ? 
_refine.ls_R_I_factor_obs                        ? 
_refine.ls_redundancy_reflns_all                 ? 
_refine.ls_redundancy_reflns_obs                 ? 
_refine.ls_restrained_S_all                      ? 
_refine.ls_restrained_S_obs                      ? 
_refine.ls_shift_over_esd_max                    ? 
_refine.ls_shift_over_esd_mean                   ? 
_refine.ls_structure_factor_coef                 ? 
_refine.ls_weighting_details                     ? 
_refine.ls_weighting_scheme                      ? 
_refine.ls_wR_factor_all                         ? 
_refine.ls_wR_factor_obs                         ? 
_refine.ls_wR_factor_R_free                      ? 
_refine.ls_wR_factor_R_work                      ? 
_refine.occupancy_max                            ? 
_refine.occupancy_min                            ? 
_refine.solvent_model_details                    'FLAT BULK SOLVENT MODEL' 
_refine.solvent_model_param_bsol                 ? 
_refine.solvent_model_param_ksol                 ? 
_refine.pdbx_R_complete                          ? 
_refine.ls_R_factor_gt                           ? 
_refine.ls_goodness_of_fit_gt                    ? 
_refine.ls_goodness_of_fit_ref                   ? 
_refine.ls_shift_over_su_max                     ? 
_refine.ls_shift_over_su_max_lt                  ? 
_refine.ls_shift_over_su_mean                    ? 
_refine.ls_shift_over_su_mean_lt                 ? 
_refine.pdbx_ls_sigma_I                          ? 
_refine.pdbx_ls_sigma_F                          2.000 
_refine.pdbx_ls_sigma_Fsqd                       ? 
_refine.pdbx_data_cutoff_high_absF               ? 
_refine.pdbx_data_cutoff_high_rms_absF           ? 
_refine.pdbx_data_cutoff_low_absF                ? 
_refine.pdbx_isotropic_thermal_model             ? 
_refine.pdbx_ls_cross_valid_method               THROUGHOUT 
_refine.pdbx_method_to_determine_struct          'MOLECULAR REPLACEMENT' 
_refine.pdbx_starting_model                      6X8C 
_refine.pdbx_stereochemistry_target_values       ML 
_refine.pdbx_R_Free_selection_details            ? 
_refine.pdbx_stereochem_target_val_spec_case     ? 
_refine.pdbx_overall_ESU_R                       ? 
_refine.pdbx_overall_ESU_R_Free                  ? 
_refine.pdbx_solvent_vdw_probe_radii             1.1100 
_refine.pdbx_solvent_ion_probe_radii             ? 
_refine.pdbx_solvent_shrinkage_radii             0.9000 
_refine.pdbx_real_space_R                        ? 
_refine.pdbx_density_correlation                 ? 
_refine.pdbx_pd_number_of_powder_patterns        ? 
_refine.pdbx_pd_number_of_points                 ? 
_refine.pdbx_pd_meas_number_of_points            ? 
_refine.pdbx_pd_proc_ls_prof_R_factor            ? 
_refine.pdbx_pd_proc_ls_prof_wR_factor           ? 
_refine.pdbx_pd_Marquardt_correlation_coeff      ? 
_refine.pdbx_pd_Fsqrd_R_factor                   ? 
_refine.pdbx_pd_ls_matrix_band_width             ? 
_refine.pdbx_overall_phase_error                 37.7400 
_refine.pdbx_overall_SU_R_free_Cruickshank_DPI   ? 
_refine.pdbx_overall_SU_R_free_Blow_DPI          ? 
_refine.pdbx_overall_SU_R_Blow_DPI               ? 
_refine.pdbx_TLS_residual_ADP_flag               ? 
_refine.pdbx_diffrn_id                           1 
_refine.overall_SU_B                             ? 
_refine.overall_SU_ML                            0.4500 
_refine.overall_SU_R_Cruickshank_DPI             ? 
_refine.overall_SU_R_free                        ? 
_refine.overall_FOM_free_R_set                   ? 
_refine.overall_FOM_work_R_set                   ? 
_refine.pdbx_average_fsc_overall                 ? 
_refine.pdbx_average_fsc_work                    ? 
_refine.pdbx_average_fsc_free                    ? 
# 
_refine_hist.pdbx_refine_id                   'X-RAY DIFFRACTION' 
_refine_hist.cycle_id                         final 
_refine_hist.details                          ? 
_refine_hist.d_res_high                       2.8990 
_refine_hist.d_res_low                        29.7810 
_refine_hist.number_atoms_solvent             0 
_refine_hist.number_atoms_total               858 
_refine_hist.number_reflns_all                ? 
_refine_hist.number_reflns_obs                ? 
_refine_hist.number_reflns_R_free             ? 
_refine_hist.number_reflns_R_work             ? 
_refine_hist.R_factor_all                     ? 
_refine_hist.R_factor_obs                     ? 
_refine_hist.R_factor_R_free                  ? 
_refine_hist.R_factor_R_work                  ? 
_refine_hist.pdbx_number_residues_total       42 
_refine_hist.pdbx_B_iso_mean_ligand           136.30 
_refine_hist.pdbx_B_iso_mean_solvent          ? 
_refine_hist.pdbx_number_atoms_protein        0 
_refine_hist.pdbx_number_atoms_nucleic_acid   855 
_refine_hist.pdbx_number_atoms_ligand         3 
_refine_hist.pdbx_number_atoms_lipid          ? 
_refine_hist.pdbx_number_atoms_carb           ? 
_refine_hist.pdbx_pseudo_atom_details         ? 
# 
loop_
_refine_ls_restr.pdbx_refine_id 
_refine_ls_restr.criterion 
_refine_ls_restr.dev_ideal 
_refine_ls_restr.dev_ideal_target 
_refine_ls_restr.number 
_refine_ls_restr.rejects 
_refine_ls_restr.type 
_refine_ls_restr.weight 
_refine_ls_restr.pdbx_restraint_function 
'X-RAY DIFFRACTION' ? 0.006  ? 956  ? f_bond_d           ? ? 
'X-RAY DIFFRACTION' ? 0.766  ? 1467 ? f_angle_d          ? ? 
'X-RAY DIFFRACTION' ? 0.036  ? 166  ? f_chiral_restr     ? ? 
'X-RAY DIFFRACTION' ? 0.005  ? 42   ? f_plane_restr      ? ? 
'X-RAY DIFFRACTION' ? 33.995 ? 406  ? f_dihedral_angle_d ? ? 
# 
loop_
_refine_ls_shell.pdbx_refine_id 
_refine_ls_shell.d_res_high 
_refine_ls_shell.d_res_low 
_refine_ls_shell.number_reflns_all 
_refine_ls_shell.number_reflns_obs 
_refine_ls_shell.number_reflns_R_free 
_refine_ls_shell.number_reflns_R_work 
_refine_ls_shell.percent_reflns_obs 
_refine_ls_shell.percent_reflns_R_free 
_refine_ls_shell.R_factor_all 
_refine_ls_shell.R_factor_obs 
_refine_ls_shell.R_factor_R_free 
_refine_ls_shell.R_factor_R_free_error 
_refine_ls_shell.R_factor_R_work 
_refine_ls_shell.redundancy_reflns_all 
_refine_ls_shell.redundancy_reflns_obs 
_refine_ls_shell.wR_factor_all 
_refine_ls_shell.wR_factor_obs 
_refine_ls_shell.wR_factor_R_free 
_refine_ls_shell.wR_factor_R_work 
_refine_ls_shell.pdbx_R_complete 
_refine_ls_shell.pdbx_total_number_of_bins_used 
_refine_ls_shell.pdbx_phase_error 
_refine_ls_shell.pdbx_fsc_work 
_refine_ls_shell.pdbx_fsc_free 
'X-RAY DIFFRACTION' 2.899  3.1226  . . 98  934  73.0000  . . . 0.4583 0.0000 0.4339 . . . . . . . . . . . 
'X-RAY DIFFRACTION' 3.1226 3.4364  . . 93  1130 89.0000  . . . 0.2885 0.0000 0.3235 . . . . . . . . . . . 
'X-RAY DIFFRACTION' 3.4364 3.9327  . . 124 1255 100.0000 . . . 0.3172 0.0000 0.3066 . . . . . . . . . . . 
'X-RAY DIFFRACTION' 3.9327 4.9511  . . 152 1248 100.0000 . . . 0.3119 0.0000 0.2820 . . . . . . . . . . . 
'X-RAY DIFFRACTION' 4.9511 29.7810 . . 166 1212 99.0000  . . . 0.2092 0.0000 0.1843 . . . . . . . . . . . 
# 
_struct.entry_id                     6XDX 
_struct.title                        
'Self-assembly of a 3D DNA crystal lattice (4x5 junction version) containing the J6 immobile Holliday junction' 
_struct.pdbx_model_details           ? 
_struct.pdbx_formula_weight          ? 
_struct.pdbx_formula_weight_method   ? 
_struct.pdbx_model_type_details      ? 
_struct.pdbx_CASP_flag               N 
# 
_struct_keywords.entry_id        6XDX 
_struct_keywords.text            
'Structural DNA nanotechnology, immobile Holliday junctions, 3D DNA self-assembly, designer DNA crystals, DNA' 
_struct_keywords.pdbx_keywords   DNA 
# 
loop_
_struct_asym.id 
_struct_asym.pdbx_blank_PDB_chainid_flag 
_struct_asym.pdbx_modified 
_struct_asym.entity_id 
_struct_asym.details 
A N N 1 ? 
B N N 2 ? 
C N N 3 ? 
D N N 4 ? 
E N N 5 ? 
F N N 5 ? 
G N N 6 ? 
# 
loop_
_struct_conn.id 
_struct_conn.conn_type_id 
_struct_conn.pdbx_leaving_atom_flag 
_struct_conn.pdbx_PDB_id 
_struct_conn.ptnr1_label_asym_id 
_struct_conn.ptnr1_label_comp_id 
_struct_conn.ptnr1_label_seq_id 
_struct_conn.ptnr1_label_atom_id 
_struct_conn.pdbx_ptnr1_label_alt_id 
_struct_conn.pdbx_ptnr1_PDB_ins_code 
_struct_conn.pdbx_ptnr1_standard_comp_id 
_struct_conn.ptnr1_symmetry 
_struct_conn.ptnr2_label_asym_id 
_struct_conn.ptnr2_label_comp_id 
_struct_conn.ptnr2_label_seq_id 
_struct_conn.ptnr2_label_atom_id 
_struct_conn.pdbx_ptnr2_label_alt_id 
_struct_conn.pdbx_ptnr2_PDB_ins_code 
_struct_conn.ptnr1_auth_asym_id 
_struct_conn.ptnr1_auth_comp_id 
_struct_conn.ptnr1_auth_seq_id 
_struct_conn.ptnr2_auth_asym_id 
_struct_conn.ptnr2_auth_comp_id 
_struct_conn.ptnr2_auth_seq_id 
_struct_conn.ptnr2_symmetry 
_struct_conn.pdbx_ptnr3_label_atom_id 
_struct_conn.pdbx_ptnr3_label_seq_id 
_struct_conn.pdbx_ptnr3_label_comp_id 
_struct_conn.pdbx_ptnr3_label_asym_id 
_struct_conn.pdbx_ptnr3_label_alt_id 
_struct_conn.pdbx_ptnr3_PDB_ins_code 
_struct_conn.details 
_struct_conn.pdbx_dist_value 
_struct_conn.pdbx_value_order 
_struct_conn.pdbx_role 
metalc1  metalc ? ? D DG 8  OP2 ? ? ? 1_555 G MG .  MG ? ? D DG 8  D MG 102 1_555 ? ? ? ? ? ? ?            2.565 ? ? 
hydrog1  hydrog ? ? A DG 3  N2  ? ? ? 1_555 D DC 16 N3 ? ? A DG 3  D DC 16  1_555 ? ? ? ? ? ? 'DG-DC PAIR' ?     ? ? 
hydrog2  hydrog ? ? A DC 4  O2  ? ? ? 1_555 D DG 15 N2 ? ? A DC 4  D DG 15  1_555 ? ? ? ? ? ? 'DC-DG PAIR' ?     ? ? 
hydrog3  hydrog ? ? A DA 5  N1  ? ? ? 1_555 D DT 14 N3 ? ? A DA 5  D DT 14  1_555 ? ? ? ? ? ? WATSON-CRICK ?     ? ? 
hydrog4  hydrog ? ? A DA 5  N6  ? ? ? 1_555 D DT 14 O4 ? ? A DA 5  D DT 14  1_555 ? ? ? ? ? ? WATSON-CRICK ?     ? ? 
hydrog5  hydrog ? ? A DG 6  N1  ? ? ? 1_555 D DC 13 N3 ? ? A DG 6  D DC 13  1_555 ? ? ? ? ? ? WATSON-CRICK ?     ? ? 
hydrog6  hydrog ? ? A DG 6  N2  ? ? ? 1_555 D DC 13 O2 ? ? A DG 6  D DC 13  1_555 ? ? ? ? ? ? WATSON-CRICK ?     ? ? 
hydrog7  hydrog ? ? A DG 6  O6  ? ? ? 1_555 D DC 13 N4 ? ? A DG 6  D DC 13  1_555 ? ? ? ? ? ? WATSON-CRICK ?     ? ? 
hydrog8  hydrog ? ? A DA 7  N1  ? ? ? 1_555 D DT 12 N3 ? ? A DA 7  D DT 12  1_555 ? ? ? ? ? ? WATSON-CRICK ?     ? ? 
hydrog9  hydrog ? ? A DA 7  N6  ? ? ? 1_555 D DT 12 O4 ? ? A DA 7  D DT 12  1_555 ? ? ? ? ? ? WATSON-CRICK ?     ? ? 
hydrog10 hydrog ? ? A DC 8  N3  ? ? ? 1_555 D DG 11 N1 ? ? A DC 8  D DG 11  1_555 ? ? ? ? ? ? WATSON-CRICK ?     ? ? 
hydrog11 hydrog ? ? A DC 8  N4  ? ? ? 1_555 D DG 11 O6 ? ? A DC 8  D DG 11  1_555 ? ? ? ? ? ? WATSON-CRICK ?     ? ? 
hydrog12 hydrog ? ? A DC 8  O2  ? ? ? 1_555 D DG 11 N2 ? ? A DC 8  D DG 11  1_555 ? ? ? ? ? ? WATSON-CRICK ?     ? ? 
hydrog13 hydrog ? ? A DA 9  N1  ? ? ? 1_555 D DT 10 N3 ? ? A DA 9  D DT 10  1_555 ? ? ? ? ? ? WATSON-CRICK ?     ? ? 
hydrog14 hydrog ? ? A DA 9  N6  ? ? ? 1_555 D DT 10 O4 ? ? A DA 9  D DT 10  1_555 ? ? ? ? ? ? WATSON-CRICK ?     ? ? 
hydrog15 hydrog ? ? A DA 10 N1  ? ? ? 1_555 C DT 2  N3 ? ? A DA 10 C DT 2   1_555 ? ? ? ? ? ? WATSON-CRICK ?     ? ? 
hydrog16 hydrog ? ? A DA 10 N6  ? ? ? 1_555 C DT 2  O4 ? ? A DA 10 C DT 2   1_555 ? ? ? ? ? ? WATSON-CRICK ?     ? ? 
hydrog17 hydrog ? ? A DG 11 N1  ? ? ? 1_555 C DC 1  N3 ? ? A DG 11 C DC 1   1_555 ? ? ? ? ? ? WATSON-CRICK ?     ? ? 
hydrog18 hydrog ? ? A DG 11 N2  ? ? ? 1_555 C DC 1  O2 ? ? A DG 11 C DC 1   1_555 ? ? ? ? ? ? WATSON-CRICK ?     ? ? 
hydrog19 hydrog ? ? A DG 11 O6  ? ? ? 1_555 C DC 1  N4 ? ? A DG 11 C DC 1   1_555 ? ? ? ? ? ? WATSON-CRICK ?     ? ? 
hydrog20 hydrog ? ? B DA 1  N1  ? ? ? 1_555 C DT 5  N3 ? ? B DA 12 C DT 5   1_555 ? ? ? ? ? ? WATSON-CRICK ?     ? ? 
hydrog21 hydrog ? ? B DA 1  N6  ? ? ? 1_555 C DT 5  O4 ? ? B DA 12 C DT 5   1_555 ? ? ? ? ? ? WATSON-CRICK ?     ? ? 
hydrog22 hydrog ? ? B DC 2  N3  ? ? ? 1_555 C DG 4  N1 ? ? B DC 13 C DG 4   1_555 ? ? ? ? ? ? WATSON-CRICK ?     ? ? 
hydrog23 hydrog ? ? B DC 2  N4  ? ? ? 1_555 C DG 4  O6 ? ? B DC 13 C DG 4   1_555 ? ? ? ? ? ? WATSON-CRICK ?     ? ? 
hydrog24 hydrog ? ? B DC 2  O2  ? ? ? 1_555 C DG 4  N2 ? ? B DC 13 C DG 4   1_555 ? ? ? ? ? ? WATSON-CRICK ?     ? ? 
hydrog25 hydrog ? ? B DT 3  N3  ? ? ? 1_555 C DA 3  N1 ? ? B DT 14 C DA 3   1_555 ? ? ? ? ? ? WATSON-CRICK ?     ? ? 
hydrog26 hydrog ? ? B DT 3  O4  ? ? ? 1_555 C DA 3  N6 ? ? B DT 14 C DA 3   1_555 ? ? ? ? ? ? WATSON-CRICK ?     ? ? 
hydrog27 hydrog ? ? B DT 4  N3  ? ? ? 1_555 D DA 9  N1 ? ? B DT 15 D DA 9   1_555 ? ? ? ? ? ? WATSON-CRICK ?     ? ? 
hydrog28 hydrog ? ? B DT 4  O4  ? ? ? 1_555 D DA 9  N6 ? ? B DT 15 D DA 9   1_555 ? ? ? ? ? ? WATSON-CRICK ?     ? ? 
hydrog29 hydrog ? ? B DC 5  N3  ? ? ? 1_555 D DG 8  N1 ? ? B DC 16 D DG 8   1_555 ? ? ? ? ? ? WATSON-CRICK ?     ? ? 
hydrog30 hydrog ? ? B DC 5  N4  ? ? ? 1_555 D DG 8  O6 ? ? B DC 16 D DG 8   1_555 ? ? ? ? ? ? WATSON-CRICK ?     ? ? 
hydrog31 hydrog ? ? B DC 5  O2  ? ? ? 1_555 D DG 8  N2 ? ? B DC 16 D DG 8   1_555 ? ? ? ? ? ? WATSON-CRICK ?     ? ? 
hydrog32 hydrog ? ? B DA 6  N1  ? ? ? 1_555 D DT 7  N3 ? ? B DA 17 D DT 7   1_555 ? ? ? ? ? ? WATSON-CRICK ?     ? ? 
hydrog33 hydrog ? ? B DA 6  N6  ? ? ? 1_555 D DT 7  O4 ? ? B DA 17 D DT 7   1_555 ? ? ? ? ? ? WATSON-CRICK ?     ? ? 
hydrog34 hydrog ? ? B DC 7  O2  ? ? ? 1_555 D DG 6  N2 ? ? B DC 18 D DG 6   1_555 ? ? ? ? ? ? 'DC-DG PAIR' ?     ? ? 
hydrog35 hydrog ? ? B DT 8  N3  ? ? ? 1_555 D DA 5  N1 ? ? B DT 19 D DA 5   1_555 ? ? ? ? ? ? WATSON-CRICK ?     ? ? 
hydrog36 hydrog ? ? B DT 8  O4  ? ? ? 1_555 D DA 5  N6 ? ? B DT 19 D DA 5   1_555 ? ? ? ? ? ? WATSON-CRICK ?     ? ? 
hydrog37 hydrog ? ? B DC 9  N3  ? ? ? 1_555 D DG 4  N2 ? ? B DC 20 D DG 4   1_555 ? ? ? ? ? ? 'DC-DG PAIR' ?     ? ? 
hydrog38 hydrog ? ? B DA 10 N1  ? ? ? 1_555 D DT 3  N3 ? ? B DA 21 D DT 3   1_555 ? ? ? ? ? ? WATSON-CRICK ?     ? ? 
hydrog39 hydrog ? ? B DA 10 N6  ? ? ? 1_555 D DT 3  O4 ? ? B DA 21 D DT 3   1_555 ? ? ? ? ? ? WATSON-CRICK ?     ? ? 
# 
loop_
_struct_conn_type.id 
_struct_conn_type.criteria 
_struct_conn_type.reference 
metalc ? ? 
hydrog ? ? 
# 
_struct_site.id                   AC1 
_struct_site.pdbx_evidence_code   Software 
_struct_site.pdbx_auth_asym_id    D 
_struct_site.pdbx_auth_comp_id    MG 
_struct_site.pdbx_auth_seq_id     102 
_struct_site.pdbx_auth_ins_code   ? 
_struct_site.pdbx_num_residues    1 
_struct_site.details              'binding site for residue MG D 102' 
# 
_struct_site_gen.id                   1 
_struct_site_gen.site_id              AC1 
_struct_site_gen.pdbx_num_res         1 
_struct_site_gen.label_comp_id        DG 
_struct_site_gen.label_asym_id        D 
_struct_site_gen.label_seq_id         8 
_struct_site_gen.pdbx_auth_ins_code   ? 
_struct_site_gen.auth_comp_id         DG 
_struct_site_gen.auth_asym_id         D 
_struct_site_gen.auth_seq_id          8 
_struct_site_gen.label_atom_id        . 
_struct_site_gen.label_alt_id         ? 
_struct_site_gen.symmetry             1_555 
_struct_site_gen.details              ? 
# 
_atom_sites.entry_id                    6XDX 
_atom_sites.Cartn_transf_matrix[1][1]   ? 
_atom_sites.Cartn_transf_matrix[1][2]   ? 
_atom_sites.Cartn_transf_matrix[1][3]   ? 
_atom_sites.Cartn_transf_matrix[2][1]   ? 
_atom_sites.Cartn_transf_matrix[2][2]   ? 
_atom_sites.Cartn_transf_matrix[2][3]   ? 
_atom_sites.Cartn_transf_matrix[3][1]   ? 
_atom_sites.Cartn_transf_matrix[3][2]   ? 
_atom_sites.Cartn_transf_matrix[3][3]   ? 
_atom_sites.Cartn_transf_vector[1]      ? 
_atom_sites.Cartn_transf_vector[2]      ? 
_atom_sites.Cartn_transf_vector[3]      ? 
_atom_sites.fract_transf_matrix[1][1]   -0.01343790 
_atom_sites.fract_transf_matrix[1][2]   -0.00309427 
_atom_sites.fract_transf_matrix[1][3]   -0.00954719 
_atom_sites.fract_transf_matrix[2][1]   -0.01539890 
_atom_sites.fract_transf_matrix[2][2]   0.00132383 
_atom_sites.fract_transf_matrix[2][3]   0.00651318 
_atom_sites.fract_transf_matrix[3][1]   -0.00051952 
_atom_sites.fract_transf_matrix[3][2]   0.01621470 
_atom_sites.fract_transf_matrix[3][3]   -0.00452399 
_atom_sites.fract_transf_vector[1]      0.121970 
_atom_sites.fract_transf_vector[2]      -0.166132 
_atom_sites.fract_transf_vector[3]      -0.125774 
_atom_sites.solution_primary            ? 
_atom_sites.solution_secondary          ? 
_atom_sites.solution_hydrogens          ? 
_atom_sites.special_details             ? 
# 
loop_
_atom_type.symbol 
AS 
C  
MG 
N  
O  
P  
# 
loop_
_atom_site.group_PDB 
_atom_site.id 
_atom_site.type_symbol 
_atom_site.label_atom_id 
_atom_site.label_alt_id 
_atom_site.label_comp_id 
_atom_site.label_asym_id 
_atom_site.label_entity_id 
_atom_site.label_seq_id 
_atom_site.pdbx_PDB_ins_code 
_atom_site.Cartn_x 
_atom_site.Cartn_y 
_atom_site.Cartn_z 
_atom_site.occupancy 
_atom_site.B_iso_or_equiv 
_atom_site.pdbx_formal_charge 
_atom_site.auth_seq_id 
_atom_site.auth_comp_id 
_atom_site.auth_asym_id 
_atom_site.auth_atom_id 
_atom_site.pdbx_PDB_model_num 
ATOM   1   O  "O5'" . DG  A 1 1  ? 19.591  -12.600 -4.733  1.00 158.63 ? 1   DG  A "O5'" 1 
ATOM   2   C  "C5'" . DG  A 1 1  ? 19.266  -13.567 -5.725  1.00 156.16 ? 1   DG  A "C5'" 1 
ATOM   3   C  "C4'" . DG  A 1 1  ? 19.954  -13.246 -7.039  1.00 154.13 ? 1   DG  A "C4'" 1 
ATOM   4   O  "O4'" . DG  A 1 1  ? 19.865  -14.391 -7.924  1.00 147.43 ? 1   DG  A "O4'" 1 
ATOM   5   C  "C3'" . DG  A 1 1  ? 19.340  -12.095 -7.821  1.00 153.04 ? 1   DG  A "C3'" 1 
ATOM   6   O  "O3'" . DG  A 1 1  ? 19.900  -10.858 -7.393  1.00 156.94 ? 1   DG  A "O3'" 1 
ATOM   7   C  "C2'" . DG  A 1 1  ? 19.755  -12.423 -9.246  1.00 149.84 ? 1   DG  A "C2'" 1 
ATOM   8   C  "C1'" . DG  A 1 1  ? 19.684  -13.953 -9.260  1.00 145.89 ? 1   DG  A "C1'" 1 
ATOM   9   N  N9    . DG  A 1 1  ? 18.428  -14.521 -9.775  1.00 141.13 ? 1   DG  A N9    1 
ATOM   10  C  C8    . DG  A 1 1  ? 17.892  -15.743 -9.440  1.00 138.41 ? 1   DG  A C8    1 
ATOM   11  N  N7    . DG  A 1 1  ? 16.776  -16.015 -10.057 1.00 135.67 ? 1   DG  A N7    1 
ATOM   12  C  C5    . DG  A 1 1  ? 16.550  -14.907 -10.863 1.00 137.88 ? 1   DG  A C5    1 
ATOM   13  C  C6    . DG  A 1 1  ? 15.484  -14.634 -11.759 1.00 138.65 ? 1   DG  A C6    1 
ATOM   14  O  O6    . DG  A 1 1  ? 14.501  -15.345 -12.026 1.00 134.58 ? 1   DG  A O6    1 
ATOM   15  N  N1    . DG  A 1 1  ? 15.636  -13.395 -12.382 1.00 140.24 ? 1   DG  A N1    1 
ATOM   16  C  C2    . DG  A 1 1  ? 16.683  -12.529 -12.163 1.00 141.08 ? 1   DG  A C2    1 
ATOM   17  N  N2    . DG  A 1 1  ? 16.660  -11.377 -12.852 1.00 138.89 ? 1   DG  A N2    1 
ATOM   18  N  N3    . DG  A 1 1  ? 17.685  -12.773 -11.330 1.00 140.65 ? 1   DG  A N3    1 
ATOM   19  C  C4    . DG  A 1 1  ? 17.557  -13.975 -10.710 1.00 139.38 ? 1   DG  A C4    1 
ATOM   20  P  P     . DA  A 1 2  ? 19.068  -9.896  -6.411  1.00 162.40 ? 2   DA  A P     1 
ATOM   21  O  OP1   . DA  A 1 2  ? 19.937  -9.608  -5.247  1.00 168.17 ? 2   DA  A OP1   1 
ATOM   22  O  OP2   . DA  A 1 2  ? 17.740  -10.512 -6.206  1.00 155.55 ? 2   DA  A OP2   1 
ATOM   23  O  "O5'" . DA  A 1 2  ? 18.861  -8.544  -7.248  1.00 155.52 ? 2   DA  A "O5'" 1 
ATOM   24  C  "C5'" . DA  A 1 2  ? 18.827  -8.575  -8.671  1.00 152.54 ? 2   DA  A "C5'" 1 
ATOM   25  C  "C4'" . DA  A 1 2  ? 17.398  -8.572  -9.191  1.00 145.99 ? 2   DA  A "C4'" 1 
ATOM   26  O  "O4'" . DA  A 1 2  ? 16.905  -9.923  -9.278  1.00 144.35 ? 2   DA  A "O4'" 1 
ATOM   27  C  "C3'" . DA  A 1 2  ? 16.388  -7.803  -8.335  1.00 139.74 ? 2   DA  A "C3'" 1 
ATOM   28  O  "O3'" . DA  A 1 2  ? 15.915  -6.673  -9.055  1.00 140.09 ? 2   DA  A "O3'" 1 
ATOM   29  C  "C2'" . DA  A 1 2  ? 15.261  -8.818  -8.061  1.00 137.50 ? 2   DA  A "C2'" 1 
ATOM   30  C  "C1'" . DA  A 1 2  ? 15.518  -9.905  -9.096  1.00 139.08 ? 2   DA  A "C1'" 1 
ATOM   31  N  N9    . DA  A 1 2  ? 15.105  -11.243 -8.674  1.00 141.16 ? 2   DA  A N9    1 
ATOM   32  C  C8    . DA  A 1 2  ? 15.664  -12.004 -7.683  1.00 141.59 ? 2   DA  A C8    1 
ATOM   33  N  N7    . DA  A 1 2  ? 15.097  -13.178 -7.530  1.00 140.98 ? 2   DA  A N7    1 
ATOM   34  C  C5    . DA  A 1 2  ? 14.102  -13.194 -8.495  1.00 139.21 ? 2   DA  A C5    1 
ATOM   35  C  C6    . DA  A 1 2  ? 13.140  -14.165 -8.853  1.00 137.58 ? 2   DA  A C6    1 
ATOM   36  N  N6    . DA  A 1 2  ? 13.028  -15.352 -8.247  1.00 136.86 ? 2   DA  A N6    1 
ATOM   37  N  N1    . DA  A 1 2  ? 12.296  -13.863 -9.861  1.00 138.29 ? 2   DA  A N1    1 
ATOM   38  C  C2    . DA  A 1 2  ? 12.408  -12.672 -10.463 1.00 139.07 ? 2   DA  A C2    1 
ATOM   39  N  N3    . DA  A 1 2  ? 13.268  -11.683 -10.216 1.00 138.52 ? 2   DA  A N3    1 
ATOM   40  C  C4    . DA  A 1 2  ? 14.096  -12.010 -9.211  1.00 139.17 ? 2   DA  A C4    1 
ATOM   41  P  P     . DG  A 1 3  ? 14.906  -5.633  -8.363  1.00 136.68 ? 3   DG  A P     1 
ATOM   42  O  OP1   . DG  A 1 3  ? 15.091  -4.311  -9.006  1.00 132.79 ? 3   DG  A OP1   1 
ATOM   43  O  OP2   . DG  A 1 3  ? 15.067  -5.762  -6.897  1.00 146.57 ? 3   DG  A OP2   1 
ATOM   44  O  "O5'" . DG  A 1 3  ? 13.464  -6.191  -8.757  1.00 129.15 ? 3   DG  A "O5'" 1 
ATOM   45  C  "C5'" . DG  A 1 3  ? 13.079  -6.250  -10.117 1.00 127.45 ? 3   DG  A "C5'" 1 
ATOM   46  C  "C4'" . DG  A 1 3  ? 11.702  -6.862  -10.248 1.00 130.30 ? 3   DG  A "C4'" 1 
ATOM   47  O  "O4'" . DG  A 1 3  ? 11.768  -8.258  -9.900  1.00 129.55 ? 3   DG  A "O4'" 1 
ATOM   48  C  "C3'" . DG  A 1 3  ? 10.645  -6.229  -9.349  1.00 135.86 ? 3   DG  A "C3'" 1 
ATOM   49  O  "O3'" . DG  A 1 3  ? 9.638   -5.633  -10.145 1.00 138.36 ? 3   DG  A "O3'" 1 
ATOM   50  C  "C2'" . DG  A 1 3  ? 10.095  -7.382  -8.491  1.00 135.81 ? 3   DG  A "C2'" 1 
ATOM   51  C  "C1'" . DG  A 1 3  ? 10.628  -8.638  -9.172  1.00 132.80 ? 3   DG  A "C1'" 1 
ATOM   52  N  N9    . DG  A 1 3  ? 11.053  -9.670  -8.234  1.00 133.32 ? 3   DG  A N9    1 
ATOM   53  C  C8    . DG  A 1 3  ? 12.067  -9.571  -7.313  1.00 135.89 ? 3   DG  A C8    1 
ATOM   54  N  N7    . DG  A 1 3  ? 12.250  -10.658 -6.618  1.00 135.80 ? 3   DG  A N7    1 
ATOM   55  C  C5    . DG  A 1 3  ? 11.302  -11.541 -7.115  1.00 135.60 ? 3   DG  A C5    1 
ATOM   56  C  C6    . DG  A 1 3  ? 11.026  -12.878 -6.744  1.00 138.99 ? 3   DG  A C6    1 
ATOM   57  O  O6    . DG  A 1 3  ? 11.586  -13.567 -5.875  1.00 138.81 ? 3   DG  A O6    1 
ATOM   58  N  N1    . DG  A 1 3  ? 9.983   -13.414 -7.500  1.00 138.59 ? 3   DG  A N1    1 
ATOM   59  C  C2    . DG  A 1 3  ? 9.295   -12.740 -8.485  1.00 135.85 ? 3   DG  A C2    1 
ATOM   60  N  N2    . DG  A 1 3  ? 8.320   -13.422 -9.101  1.00 136.89 ? 3   DG  A N2    1 
ATOM   61  N  N3    . DG  A 1 3  ? 9.545   -11.485 -8.841  1.00 131.22 ? 3   DG  A N3    1 
ATOM   62  C  C4    . DG  A 1 3  ? 10.558  -10.950 -8.116  1.00 132.32 ? 3   DG  A C4    1 
ATOM   63  P  P     . DC  A 1 4  ? 8.561   -4.651  -9.475  1.00 142.31 ? 4   DC  A P     1 
ATOM   64  O  OP1   . DC  A 1 4  ? 8.232   -3.593  -10.458 1.00 138.82 ? 4   DC  A OP1   1 
ATOM   65  O  OP2   . DC  A 1 4  ? 9.086   -4.276  -8.143  1.00 143.26 ? 4   DC  A OP2   1 
ATOM   66  O  "O5'" . DC  A 1 4  ? 7.284   -5.592  -9.268  1.00 140.23 ? 4   DC  A "O5'" 1 
ATOM   67  C  "C5'" . DC  A 1 4  ? 6.743   -6.302  -10.377 1.00 137.53 ? 4   DC  A "C5'" 1 
ATOM   68  C  "C4'" . DC  A 1 4  ? 5.644   -7.254  -9.936  1.00 142.06 ? 4   DC  A "C4'" 1 
ATOM   69  O  "O4'" . DC  A 1 4  ? 6.227   -8.427  -9.309  1.00 136.99 ? 4   DC  A "O4'" 1 
ATOM   70  C  "C3'" . DC  A 1 4  ? 4.645   -6.680  -8.925  1.00 149.20 ? 4   DC  A "C3'" 1 
ATOM   71  O  "O3'" . DC  A 1 4  ? 3.315   -7.048  -9.297  1.00 156.36 ? 4   DC  A "O3'" 1 
ATOM   72  C  "C2'" . DC  A 1 4  ? 5.063   -7.337  -7.609  1.00 142.06 ? 4   DC  A "C2'" 1 
ATOM   73  C  "C1'" . DC  A 1 4  ? 5.559   -8.689  -8.096  1.00 137.13 ? 4   DC  A "C1'" 1 
ATOM   74  N  N1    . DC  A 1 4  ? 6.515   -9.351  -7.168  1.00 130.47 ? 4   DC  A N1    1 
ATOM   75  C  C2    . DC  A 1 4  ? 6.429   -10.732 -6.956  1.00 129.41 ? 4   DC  A C2    1 
ATOM   76  O  O2    . DC  A 1 4  ? 5.552   -11.379 -7.543  1.00 131.26 ? 4   DC  A O2    1 
ATOM   77  N  N3    . DC  A 1 4  ? 7.310   -11.322 -6.112  1.00 127.67 ? 4   DC  A N3    1 
ATOM   78  C  C4    . DC  A 1 4  ? 8.243   -10.589 -5.501  1.00 128.74 ? 4   DC  A C4    1 
ATOM   79  N  N4    . DC  A 1 4  ? 9.088   -11.216 -4.676  1.00 128.83 ? 4   DC  A N4    1 
ATOM   80  C  C5    . DC  A 1 4  ? 8.346   -9.181  -5.706  1.00 128.00 ? 4   DC  A C5    1 
ATOM   81  C  C6    . DC  A 1 4  ? 7.471   -8.610  -6.539  1.00 129.83 ? 4   DC  A C6    1 
ATOM   82  P  P     . DA  A 1 5  ? 2.063   -6.129  -8.879  1.00 161.84 ? 5   DA  A P     1 
ATOM   83  O  OP1   . DA  A 1 5  ? 1.457   -5.582  -10.114 1.00 155.52 ? 5   DA  A OP1   1 
ATOM   84  O  OP2   . DA  A 1 5  ? 2.512   -5.207  -7.811  1.00 157.86 ? 5   DA  A OP2   1 
ATOM   85  O  "O5'" . DA  A 1 5  ? 1.034   -7.170  -8.236  1.00 150.39 ? 5   DA  A "O5'" 1 
ATOM   86  C  "C5'" . DA  A 1 5  ? 0.753   -8.391  -8.905  1.00 144.96 ? 5   DA  A "C5'" 1 
ATOM   87  C  "C4'" . DA  A 1 5  ? 0.526   -9.503  -7.899  1.00 144.68 ? 5   DA  A "C4'" 1 
ATOM   88  O  "O4'" . DA  A 1 5  ? 1.773   -9.823  -7.254  1.00 140.51 ? 5   DA  A "O4'" 1 
ATOM   89  C  "C3'" . DA  A 1 5  ? -0.460  -9.154  -6.789  1.00 143.40 ? 5   DA  A "C3'" 1 
ATOM   90  O  "O3'" . DA  A 1 5  ? -1.654  -9.897  -6.969  1.00 144.91 ? 5   DA  A "O3'" 1 
ATOM   91  C  "C2'" . DA  A 1 5  ? 0.258   -9.523  -5.476  1.00 137.52 ? 5   DA  A "C2'" 1 
ATOM   92  C  "C1'" . DA  A 1 5  ? 1.537   -10.224 -5.930  1.00 135.76 ? 5   DA  A "C1'" 1 
ATOM   93  N  N9    . DA  A 1 5  ? 2.716   -9.860  -5.147  1.00 131.67 ? 5   DA  A N9    1 
ATOM   94  C  C8    . DA  A 1 5  ? 3.255   -8.610  -5.009  1.00 133.10 ? 5   DA  A C8    1 
ATOM   95  N  N7    . DA  A 1 5  ? 4.333   -8.575  -4.261  1.00 129.11 ? 5   DA  A N7    1 
ATOM   96  C  C5    . DA  A 1 5  ? 4.520   -9.896  -3.884  1.00 127.72 ? 5   DA  A C5    1 
ATOM   97  C  C6    . DA  A 1 5  ? 5.496   -10.527 -3.082  1.00 124.40 ? 5   DA  A C6    1 
ATOM   98  N  N6    . DA  A 1 5  ? 6.504   -9.871  -2.495  1.00 121.81 ? 5   DA  A N6    1 
ATOM   99  N  N1    . DA  A 1 5  ? 5.393   -11.862 -2.908  1.00 122.43 ? 5   DA  A N1    1 
ATOM   100 C  C2    . DA  A 1 5  ? 4.382   -12.513 -3.496  1.00 125.34 ? 5   DA  A C2    1 
ATOM   101 N  N3    . DA  A 1 5  ? 3.406   -12.031 -4.269  1.00 127.10 ? 5   DA  A N3    1 
ATOM   102 C  C4    . DA  A 1 5  ? 3.534   -10.703 -4.426  1.00 128.23 ? 5   DA  A C4    1 
ATOM   103 P  P     . DG  A 1 6  ? -2.987  -9.501  -6.168  1.00 145.90 ? 6   DG  A P     1 
ATOM   104 O  OP1   . DG  A 1 6  ? -4.132  -9.668  -7.094  1.00 135.97 ? 6   DG  A OP1   1 
ATOM   105 O  OP2   . DG  A 1 6  ? -2.747  -8.191  -5.521  1.00 145.66 ? 6   DG  A OP2   1 
ATOM   106 O  "O5'" . DG  A 1 6  ? -3.071  -10.618 -5.028  1.00 138.89 ? 6   DG  A "O5'" 1 
ATOM   107 C  "C5'" . DG  A 1 6  ? -2.873  -11.980 -5.372  1.00 134.72 ? 6   DG  A "C5'" 1 
ATOM   108 C  "C4'" . DG  A 1 6  ? -2.291  -12.761 -4.207  1.00 137.82 ? 6   DG  A "C4'" 1 
ATOM   109 O  "O4'" . DG  A 1 6  ? -0.977  -12.275 -3.888  1.00 136.85 ? 6   DG  A "O4'" 1 
ATOM   110 C  "C3'" . DG  A 1 6  ? -3.080  -12.668 -2.904  1.00 136.33 ? 6   DG  A "C3'" 1 
ATOM   111 O  "O3'" . DG  A 1 6  ? -3.816  -13.861 -2.719  1.00 145.53 ? 6   DG  A "O3'" 1 
ATOM   112 C  "C2'" . DG  A 1 6  ? -2.005  -12.483 -1.811  1.00 128.73 ? 6   DG  A "C2'" 1 
ATOM   113 C  "C1'" . DG  A 1 6  ? -0.696  -12.663 -2.573  1.00 129.03 ? 6   DG  A "C1'" 1 
ATOM   114 N  N9    . DG  A 1 6  ? 0.409   -11.846 -2.073  1.00 127.43 ? 6   DG  A N9    1 
ATOM   115 C  C8    . DG  A 1 6  ? 0.595   -10.497 -2.264  1.00 128.57 ? 6   DG  A C8    1 
ATOM   116 N  N7    . DG  A 1 6  ? 1.686   -10.037 -1.712  1.00 126.17 ? 6   DG  A N7    1 
ATOM   117 C  C5    . DG  A 1 6  ? 2.267   -11.153 -1.122  1.00 120.81 ? 6   DG  A C5    1 
ATOM   118 C  C6    . DG  A 1 6  ? 3.470   -11.272 -0.382  1.00 116.36 ? 6   DG  A C6    1 
ATOM   119 O  O6    . DG  A 1 6  ? 4.283   -10.382 -0.092  1.00 114.29 ? 6   DG  A O6    1 
ATOM   120 N  N1    . DG  A 1 6  ? 3.694   -12.583 0.035   1.00 115.48 ? 6   DG  A N1    1 
ATOM   121 C  C2    . DG  A 1 6  ? 2.862   -13.645 -0.230  1.00 119.43 ? 6   DG  A C2    1 
ATOM   122 N  N2    . DG  A 1 6  ? 3.247   -14.835 0.257   1.00 117.23 ? 6   DG  A N2    1 
ATOM   123 N  N3    . DG  A 1 6  ? 1.730   -13.548 -0.923  1.00 123.85 ? 6   DG  A N3    1 
ATOM   124 C  C4    . DG  A 1 6  ? 1.497   -12.276 -1.337  1.00 124.63 ? 6   DG  A C4    1 
ATOM   125 P  P     . DA  A 1 7  ? -4.878  -13.985 -1.523  1.00 158.15 ? 7   DA  A P     1 
ATOM   126 O  OP1   . DA  A 1 7  ? -5.936  -14.924 -1.966  1.00 151.76 ? 7   DA  A OP1   1 
ATOM   127 O  OP2   . DA  A 1 7  ? -5.246  -12.617 -1.093  1.00 148.92 ? 7   DA  A OP2   1 
ATOM   128 O  "O5'" . DA  A 1 7  ? -4.033  -14.656 -0.348  1.00 135.83 ? 7   DA  A "O5'" 1 
ATOM   129 C  "C5'" . DA  A 1 7  ? -3.150  -15.723 -0.641  1.00 130.68 ? 7   DA  A "C5'" 1 
ATOM   130 C  "C4'" . DA  A 1 7  ? -2.315  -16.061 0.572   1.00 132.13 ? 7   DA  A "C4'" 1 
ATOM   131 O  "O4'" . DA  A 1 7  ? -1.184  -15.158 0.652   1.00 128.96 ? 7   DA  A "O4'" 1 
ATOM   132 C  "C3'" . DA  A 1 7  ? -3.053  -15.942 1.907   1.00 132.90 ? 7   DA  A "C3'" 1 
ATOM   133 O  "O3'" . DA  A 1 7  ? -2.788  -17.082 2.700   1.00 136.68 ? 7   DA  A "O3'" 1 
ATOM   134 C  "C2'" . DA  A 1 7  ? -2.465  -14.673 2.529   1.00 125.40 ? 7   DA  A "C2'" 1 
ATOM   135 C  "C1'" . DA  A 1 7  ? -1.052  -14.709 1.979   1.00 127.56 ? 7   DA  A "C1'" 1 
ATOM   136 N  N9    . DA  A 1 7  ? -0.385  -13.409 1.967   1.00 123.53 ? 7   DA  A N9    1 
ATOM   137 C  C8    . DA  A 1 7  ? -0.796  -12.275 1.322   1.00 120.83 ? 7   DA  A C8    1 
ATOM   138 N  N7    . DA  A 1 7  ? 0.013   -11.252 1.482   1.00 116.70 ? 7   DA  A N7    1 
ATOM   139 C  C5    . DA  A 1 7  ? 1.028   -11.751 2.285   1.00 116.89 ? 7   DA  A C5    1 
ATOM   140 C  C6    . DA  A 1 7  ? 2.198   -11.167 2.820   1.00 111.39 ? 7   DA  A C6    1 
ATOM   141 N  N6    . DA  A 1 7  ? 2.550   -9.894  2.606   1.00 105.70 ? 7   DA  A N6    1 
ATOM   142 N  N1    . DA  A 1 7  ? 2.997   -11.946 3.582   1.00 108.77 ? 7   DA  A N1    1 
ATOM   143 C  C2    . DA  A 1 7  ? 2.643   -13.221 3.792   1.00 113.50 ? 7   DA  A C2    1 
ATOM   144 N  N3    . DA  A 1 7  ? 1.572   -13.881 3.346   1.00 119.10 ? 7   DA  A N3    1 
ATOM   145 C  C4    . DA  A 1 7  ? 0.798   -13.081 2.591   1.00 120.47 ? 7   DA  A C4    1 
ATOM   146 P  P     . DC  A 1 8  ? -3.631  -17.345 4.040   1.00 145.34 ? 8   DC  A P     1 
ATOM   147 O  OP1   . DC  A 1 8  ? -3.736  -18.811 4.222   1.00 142.84 ? 8   DC  A OP1   1 
ATOM   148 O  OP2   . DC  A 1 8  ? -4.868  -16.537 3.948   1.00 140.46 ? 8   DC  A OP2   1 
ATOM   149 O  "O5'" . DC  A 1 8  ? -2.698  -16.750 5.200   1.00 130.26 ? 8   DC  A "O5'" 1 
ATOM   150 C  "C5'" . DC  A 1 8  ? -1.522  -17.450 5.588   1.00 120.14 ? 8   DC  A "C5'" 1 
ATOM   151 C  "C4'" . DC  A 1 8  ? -0.626  -16.587 6.463   1.00 125.14 ? 8   DC  A "C4'" 1 
ATOM   152 O  "O4'" . DC  A 1 8  ? -0.325  -15.340 5.794   1.00 122.67 ? 8   DC  A "O4'" 1 
ATOM   153 C  "C3'" . DC  A 1 8  ? -1.209  -16.194 7.835   1.00 127.82 ? 8   DC  A "C3'" 1 
ATOM   154 O  "O3'" . DC  A 1 8  ? -0.424  -16.773 8.880   1.00 129.64 ? 8   DC  A "O3'" 1 
ATOM   155 C  "C2'" . DC  A 1 8  ? -1.123  -14.659 7.850   1.00 119.44 ? 8   DC  A "C2'" 1 
ATOM   156 C  "C1'" . DC  A 1 8  ? -0.067  -14.393 6.793   1.00 119.83 ? 8   DC  A "C1'" 1 
ATOM   157 N  N1    . DC  A 1 8  ? -0.128  -13.018 6.211   1.00 113.28 ? 8   DC  A N1    1 
ATOM   158 C  C2    . DC  A 1 8  ? 0.886   -12.097 6.510   1.00 105.52 ? 8   DC  A C2    1 
ATOM   159 O  O2    . DC  A 1 8  ? 1.824   -12.444 7.241   1.00 103.47 ? 8   DC  A O2    1 
ATOM   160 N  N3    . DC  A 1 8  ? 0.817   -10.850 5.983   1.00 97.32  ? 8   DC  A N3    1 
ATOM   161 C  C4    . DC  A 1 8  ? -0.207  -10.515 5.199   1.00 101.25 ? 8   DC  A C4    1 
ATOM   162 N  N4    . DC  A 1 8  ? -0.233  -9.274  4.704   1.00 97.45  ? 8   DC  A N4    1 
ATOM   163 C  C5    . DC  A 1 8  ? -1.253  -11.438 4.887   1.00 107.93 ? 8   DC  A C5    1 
ATOM   164 C  C6    . DC  A 1 8  ? -1.175  -12.666 5.411   1.00 111.18 ? 8   DC  A C6    1 
ATOM   165 P  P     . DA  A 1 9  ? -0.645  -16.340 10.416  1.00 130.23 ? 9   DA  A P     1 
ATOM   166 O  OP1   . DA  A 1 9  ? -0.166  -17.461 11.254  1.00 128.43 ? 9   DA  A OP1   1 
ATOM   167 O  OP2   . DA  A 1 9  ? -2.032  -15.842 10.577  1.00 127.28 ? 9   DA  A OP2   1 
ATOM   168 O  "O5'" . DA  A 1 9  ? 0.363   -15.113 10.625  1.00 119.42 ? 9   DA  A "O5'" 1 
ATOM   169 C  "C5'" . DA  A 1 9  ? 1.749   -15.273 10.323  1.00 119.55 ? 9   DA  A "C5'" 1 
ATOM   170 C  "C4'" . DA  A 1 9  ? 2.623   -14.401 11.217  1.00 114.94 ? 9   DA  A "C4'" 1 
ATOM   171 O  "O4'" . DA  A 1 9  ? 2.783   -13.080 10.637  1.00 115.01 ? 9   DA  A "O4'" 1 
ATOM   172 C  "C3'" . DA  A 1 9  ? 2.105   -14.178 12.628  1.00 115.02 ? 9   DA  A "C3'" 1 
ATOM   173 O  "O3'" . DA  A 1 9  ? 3.206   -14.088 13.514  1.00 116.55 ? 9   DA  A "O3'" 1 
ATOM   174 C  "C2'" . DA  A 1 9  ? 1.352   -12.848 12.516  1.00 112.91 ? 9   DA  A "C2'" 1 
ATOM   175 C  "C1'" . DA  A 1 9  ? 2.125   -12.103 11.428  1.00 106.49 ? 9   DA  A "C1'" 1 
ATOM   176 N  N9    . DA  A 1 9  ? 1.268   -11.307 10.540  1.00 100.09 ? 9   DA  A N9    1 
ATOM   177 C  C8    . DA  A 1 9  ? 0.154   -11.740 9.872   1.00 102.51 ? 9   DA  A C8    1 
ATOM   178 N  N7    . DA  A 1 9  ? -0.417  -10.815 9.133   1.00 98.58  ? 9   DA  A N7    1 
ATOM   179 C  C5    . DA  A 1 9  ? 0.379   -9.697  9.321   1.00 90.06  ? 9   DA  A C5    1 
ATOM   180 C  C6    . DA  A 1 9  ? 0.308   -8.383  8.804   1.00 79.80  ? 9   DA  A C6    1 
ATOM   181 N  N6    . DA  A 1 9  ? -0.647  -7.973  7.963   1.00 76.13  ? 9   DA  A N6    1 
ATOM   182 N  N1    . DA  A 1 9  ? 1.260   -7.506  9.189   1.00 72.44  ? 9   DA  A N1    1 
ATOM   183 C  C2    . DA  A 1 9  ? 2.213   -7.922  10.039  1.00 83.63  ? 9   DA  A C2    1 
ATOM   184 N  N3    . DA  A 1 9  ? 2.385   -9.130  10.590  1.00 89.60  ? 9   DA  A N3    1 
ATOM   185 C  C4    . DA  A 1 9  ? 1.425   -9.980  10.185  1.00 92.35  ? 9   DA  A C4    1 
ATOM   186 P  P     . DA  A 1 10 ? 2.989   -14.042 15.106  1.00 115.86 ? 10  DA  A P     1 
ATOM   187 O  OP1   . DA  A 1 10 ? 3.661   -15.234 15.675  1.00 108.99 ? 10  DA  A OP1   1 
ATOM   188 O  OP2   . DA  A 1 10 ? 1.560   -13.791 15.401  1.00 119.20 ? 10  DA  A OP2   1 
ATOM   189 O  "O5'" . DA  A 1 10 ? 3.808   -12.747 15.541  1.00 101.69 ? 10  DA  A "O5'" 1 
ATOM   190 C  "C5'" . DA  A 1 10 ? 3.994   -11.691 14.617  1.00 96.96  ? 10  DA  A "C5'" 1 
ATOM   191 C  "C4'" . DA  A 1 10 ? 4.830   -10.603 15.239  1.00 96.96  ? 10  DA  A "C4'" 1 
ATOM   192 O  "O4'" . DA  A 1 10 ? 4.509   -9.334  14.626  1.00 103.52 ? 10  DA  A "O4'" 1 
ATOM   193 C  "C3'" . DA  A 1 10 ? 4.551   -10.379 16.699  1.00 102.41 ? 10  DA  A "C3'" 1 
ATOM   194 O  "O3'" . DA  A 1 10 ? 5.626   -9.667  17.262  1.00 106.18 ? 10  DA  A "O3'" 1 
ATOM   195 C  "C2'" . DA  A 1 10 ? 3.272   -9.538  16.640  1.00 97.08  ? 10  DA  A "C2'" 1 
ATOM   196 C  "C1'" . DA  A 1 10 ? 3.518   -8.669  15.400  1.00 98.57  ? 10  DA  A "C1'" 1 
ATOM   197 N  N9    . DA  A 1 10 ? 2.335   -8.472  14.547  1.00 91.89  ? 10  DA  A N9    1 
ATOM   198 C  C8    . DA  A 1 10 ? 1.417   -9.416  14.174  1.00 88.88  ? 10  DA  A C8    1 
ATOM   199 N  N7    . DA  A 1 10 ? 0.476   -8.955  13.377  1.00 84.02  ? 10  DA  A N7    1 
ATOM   200 C  C5    . DA  A 1 10 ? 0.810   -7.621  13.200  1.00 79.78  ? 10  DA  A C5    1 
ATOM   201 C  C6    . DA  A 1 10 ? 0.211   -6.576  12.458  1.00 81.63  ? 10  DA  A C6    1 
ATOM   202 N  N6    . DA  A 1 10 ? -0.903  -6.732  11.729  1.00 78.92  ? 10  DA  A N6    1 
ATOM   203 N  N1    . DA  A 1 10 ? 0.801   -5.362  12.497  1.00 76.02  ? 10  DA  A N1    1 
ATOM   204 C  C2    . DA  A 1 10 ? 1.909   -5.208  13.229  1.00 78.21  ? 10  DA  A C2    1 
ATOM   205 N  N3    . DA  A 1 10 ? 2.563   -6.109  13.964  1.00 88.83  ? 10  DA  A N3    1 
ATOM   206 C  C4    . DA  A 1 10 ? 1.955   -7.307  13.908  1.00 84.69  ? 10  DA  A C4    1 
ATOM   207 P  P     . DG  A 1 11 ? 5.570   -9.203  18.792  1.00 116.99 ? 11  DG  A P     1 
ATOM   208 O  OP1   . DG  A 1 11 ? 6.961   -8.929  19.233  1.00 109.76 ? 11  DG  A OP1   1 
ATOM   209 O  OP2   . DG  A 1 11 ? 4.711   -10.182 19.503  1.00 103.71 ? 11  DG  A OP2   1 
ATOM   210 O  "O5'" . DG  A 1 11 ? 4.794   -7.813  18.721  1.00 102.85 ? 11  DG  A "O5'" 1 
ATOM   211 C  "C5'" . DG  A 1 11 ? 4.450   -7.124  19.898  1.00 107.17 ? 11  DG  A "C5'" 1 
ATOM   212 C  "C4'" . DG  A 1 11 ? 3.938   -5.749  19.549  1.00 102.94 ? 11  DG  A "C4'" 1 
ATOM   213 O  "O4'" . DG  A 1 11 ? 3.669   -5.691  18.123  1.00 101.75 ? 11  DG  A "O4'" 1 
ATOM   214 C  "C3'" . DG  A 1 11 ? 2.619   -5.375  20.187  1.00 102.68 ? 11  DG  A "C3'" 1 
ATOM   215 O  "O3'" . DG  A 1 11 ? 2.823   -4.874  21.500  1.00 102.15 ? 11  DG  A "O3'" 1 
ATOM   216 C  "C2'" . DG  A 1 11 ? 2.148   -4.290  19.240  1.00 96.09  ? 11  DG  A "C2'" 1 
ATOM   217 C  "C1'" . DG  A 1 11 ? 2.537   -4.868  17.893  1.00 92.68  ? 11  DG  A "C1'" 1 
ATOM   218 N  N9    . DG  A 1 11 ? 1.467   -5.664  17.305  1.00 83.16  ? 11  DG  A N9    1 
ATOM   219 C  C8    . DG  A 1 11 ? 1.197   -6.995  17.520  1.00 86.31  ? 11  DG  A C8    1 
ATOM   220 N  N7    . DG  A 1 11 ? 0.157   -7.427  16.860  1.00 82.17  ? 11  DG  A N7    1 
ATOM   221 C  C5    . DG  A 1 11 ? -0.298  -6.308  16.174  1.00 78.10  ? 11  DG  A C5    1 
ATOM   222 C  C6    . DG  A 1 11 ? -1.397  -6.161  15.295  1.00 76.65  ? 11  DG  A C6    1 
ATOM   223 O  O6    . DG  A 1 11 ? -2.212  -7.024  14.935  1.00 77.12  ? 11  DG  A O6    1 
ATOM   224 N  N1    . DG  A 1 11 ? -1.503  -4.855  14.816  1.00 71.93  ? 11  DG  A N1    1 
ATOM   225 C  C2    . DG  A 1 11 ? -0.651  -3.826  15.152  1.00 76.84  ? 11  DG  A C2    1 
ATOM   226 N  N2    . DG  A 1 11 ? -0.906  -2.635  14.597  1.00 77.51  ? 11  DG  A N2    1 
ATOM   227 N  N3    . DG  A 1 11 ? 0.381   -3.952  15.971  1.00 78.67  ? 11  DG  A N3    1 
ATOM   228 C  C4    . DG  A 1 11 ? 0.494   -5.215  16.444  1.00 81.11  ? 11  DG  A C4    1 
ATOM   229 P  P     . DA  B 2 1  ? -10.598 16.875  18.204  1.00 126.27 ? 12  DA  B P     1 
ATOM   230 O  OP1   . DA  B 2 1  ? -11.218 15.542  18.392  1.00 115.82 ? 12  DA  B OP1   1 
ATOM   231 O  OP2   . DA  B 2 1  ? -9.287  17.186  18.824  1.00 110.11 ? 12  DA  B OP2   1 
ATOM   232 O  "O5'" . DA  B 2 1  ? -10.512 17.191  16.635  1.00 123.96 ? 12  DA  B "O5'" 1 
ATOM   233 C  "C5'" . DA  B 2 1  ? -9.360  16.802  15.892  1.00 102.96 ? 12  DA  B "C5'" 1 
ATOM   234 C  "C4'" . DA  B 2 1  ? -8.560  18.013  15.445  1.00 102.70 ? 12  DA  B "C4'" 1 
ATOM   235 O  "O4'" . DA  B 2 1  ? -7.141  17.796  15.701  1.00 91.38  ? 12  DA  B "O4'" 1 
ATOM   236 C  "C3'" . DA  B 2 1  ? -8.691  18.329  13.959  1.00 103.46 ? 12  DA  B "C3'" 1 
ATOM   237 O  "O3'" . DA  B 2 1  ? -8.798  19.728  13.739  1.00 109.91 ? 12  DA  B "O3'" 1 
ATOM   238 C  "C2'" . DA  B 2 1  ? -7.413  17.763  13.357  1.00 99.56  ? 12  DA  B "C2'" 1 
ATOM   239 C  "C1'" . DA  B 2 1  ? -6.404  17.880  14.499  1.00 87.59  ? 12  DA  B "C1'" 1 
ATOM   240 N  N9    . DA  B 2 1  ? -5.418  16.796  14.461  1.00 79.82  ? 12  DA  B N9    1 
ATOM   241 C  C8    . DA  B 2 1  ? -5.620  15.485  14.801  1.00 79.91  ? 12  DA  B C8    1 
ATOM   242 N  N7    . DA  B 2 1  ? -4.567  14.718  14.629  1.00 77.94  ? 12  DA  B N7    1 
ATOM   243 C  C5    . DA  B 2 1  ? -3.608  15.576  14.114  1.00 72.76  ? 12  DA  B C5    1 
ATOM   244 C  C6    . DA  B 2 1  ? -2.268  15.372  13.711  1.00 72.99  ? 12  DA  B C6    1 
ATOM   245 N  N6    . DA  B 2 1  ? -1.652  14.186  13.777  1.00 68.86  ? 12  DA  B N6    1 
ATOM   246 N  N1    . DA  B 2 1  ? -1.588  16.438  13.235  1.00 73.06  ? 12  DA  B N1    1 
ATOM   247 C  C2    . DA  B 2 1  ? -2.215  17.625  13.173  1.00 76.15  ? 12  DA  B C2    1 
ATOM   248 N  N3    . DA  B 2 1  ? -3.468  17.938  13.524  1.00 72.39  ? 12  DA  B N3    1 
ATOM   249 C  C4    . DA  B 2 1  ? -4.118  16.860  13.990  1.00 73.92  ? 12  DA  B C4    1 
ATOM   250 P  P     . DC  B 2 2  ? -9.328  20.260  12.318  1.00 122.47 ? 13  DC  B P     1 
ATOM   251 O  OP1   . DC  B 2 2  ? -9.658  21.696  12.465  1.00 117.76 ? 13  DC  B OP1   1 
ATOM   252 O  OP2   . DC  B 2 2  ? -10.360 19.299  11.863  1.00 104.48 ? 13  DC  B OP2   1 
ATOM   253 O  "O5'" . DC  B 2 2  ? -8.062  20.102  11.348  1.00 104.68 ? 13  DC  B "O5'" 1 
ATOM   254 C  "C5'" . DC  B 2 2  ? -6.847  20.780  11.651  1.00 94.58  ? 13  DC  B "C5'" 1 
ATOM   255 C  "C4'" . DC  B 2 2  ? -5.714  20.269  10.780  1.00 91.27  ? 13  DC  B "C4'" 1 
ATOM   256 O  "O4'" . DC  B 2 2  ? -5.260  18.988  11.262  1.00 89.79  ? 13  DC  B "O4'" 1 
ATOM   257 C  "C3'" . DC  B 2 2  ? -6.077  20.038  9.310   1.00 93.75  ? 13  DC  B "C3'" 1 
ATOM   258 O  "O3'" . DC  B 2 2  ? -5.516  21.058  8.493   1.00 93.99  ? 13  DC  B "O3'" 1 
ATOM   259 C  "C2'" . DC  B 2 2  ? -5.472  18.661  8.977   1.00 87.48  ? 13  DC  B "C2'" 1 
ATOM   260 C  "C1'" . DC  B 2 2  ? -4.613  18.355  10.195  1.00 77.24  ? 13  DC  B "C1'" 1 
ATOM   261 N  N1    . DC  B 2 2  ? -4.500  16.896  10.470  1.00 66.08  ? 13  DC  B N1    1 
ATOM   262 C  C2    . DC  B 2 2  ? -3.301  16.236  10.189  1.00 68.22  ? 13  DC  B C2    1 
ATOM   263 O  O2    . DC  B 2 2  ? -2.345  16.887  9.750   1.00 69.70  ? 13  DC  B O2    1 
ATOM   264 N  N3    . DC  B 2 2  ? -3.216  14.901  10.418  1.00 65.40  ? 13  DC  B N3    1 
ATOM   265 C  C4    . DC  B 2 2  ? -4.269  14.239  10.899  1.00 64.70  ? 13  DC  B C4    1 
ATOM   266 N  N4    . DC  B 2 2  ? -4.141  12.925  11.110  1.00 63.14  ? 13  DC  B N4    1 
ATOM   267 C  C5    . DC  B 2 2  ? -5.502  14.896  11.181  1.00 67.61  ? 13  DC  B C5    1 
ATOM   268 C  C6    . DC  B 2 2  ? -5.575  16.209  10.944  1.00 67.50  ? 13  DC  B C6    1 
ATOM   269 P  P     . DT  B 2 3  ? -5.621  20.956  6.890   1.00 103.83 ? 14  DT  B P     1 
ATOM   270 O  OP1   . DT  B 2 3  ? -5.506  22.332  6.353   1.00 96.59  ? 14  DT  B OP1   1 
ATOM   271 O  OP2   . DT  B 2 3  ? -6.808  20.129  6.558   1.00 94.56  ? 14  DT  B OP2   1 
ATOM   272 O  "O5'" . DT  B 2 3  ? -4.308  20.142  6.470   1.00 86.00  ? 14  DT  B "O5'" 1 
ATOM   273 C  "C5'" . DT  B 2 3  ? -3.034  20.624  6.855   1.00 78.44  ? 14  DT  B "C5'" 1 
ATOM   274 C  "C4'" . DT  B 2 3  ? -1.932  19.734  6.314   1.00 81.36  ? 14  DT  B "C4'" 1 
ATOM   275 O  "O4'" . DT  B 2 3  ? -2.043  18.407  6.892   1.00 83.77  ? 14  DT  B "O4'" 1 
ATOM   276 C  "C3'" . DT  B 2 3  ? -1.937  19.533  4.795   1.00 83.61  ? 14  DT  B "C3'" 1 
ATOM   277 O  "O3'" . DT  B 2 3  ? -0.611  19.670  4.296   1.00 91.77  ? 14  DT  B "O3'" 1 
ATOM   278 C  "C2'" . DT  B 2 3  ? -2.449  18.099  4.641   1.00 84.30  ? 14  DT  B "C2'" 1 
ATOM   279 C  "C1'" . DT  B 2 3  ? -1.851  17.457  5.875   1.00 72.34  ? 14  DT  B "C1'" 1 
ATOM   280 N  N1    . DT  B 2 3  ? -2.495  16.169  6.291   1.00 64.17  ? 14  DT  B N1    1 
ATOM   281 C  C2    . DT  B 2 3  ? -1.753  15.001  6.251   1.00 73.28  ? 14  DT  B C2    1 
ATOM   282 O  O2    . DT  B 2 3  ? -0.587  14.955  5.876   1.00 73.41  ? 14  DT  B O2    1 
ATOM   283 N  N3    . DT  B 2 3  ? -2.430  13.879  6.664   1.00 65.39  ? 14  DT  B N3    1 
ATOM   284 C  C4    . DT  B 2 3  ? -3.740  13.806  7.105   1.00 63.52  ? 14  DT  B C4    1 
ATOM   285 O  O4    . DT  B 2 3  ? -4.259  12.749  7.460   1.00 63.29  ? 14  DT  B O4    1 
ATOM   286 C  C5    . DT  B 2 3  ? -4.455  15.062  7.123   1.00 61.89  ? 14  DT  B C5    1 
ATOM   287 C  C7    . DT  B 2 3  ? -5.881  15.104  7.586   1.00 56.56  ? 14  DT  B C7    1 
ATOM   288 C  C6    . DT  B 2 3  ? -3.805  16.170  6.721   1.00 59.99  ? 14  DT  B C6    1 
ATOM   289 P  P     . DT  B 2 4  ? -0.326  19.676  2.713   1.00 90.51  ? 15  DT  B P     1 
ATOM   290 O  OP1   . DT  B 2 4  ? 0.899   20.476  2.499   1.00 81.74  ? 15  DT  B OP1   1 
ATOM   291 O  OP2   . DT  B 2 4  ? -1.583  20.067  2.038   1.00 79.14  ? 15  DT  B OP2   1 
ATOM   292 O  "O5'" . DT  B 2 4  ? -0.036  18.136  2.363   1.00 82.85  ? 15  DT  B "O5'" 1 
ATOM   293 C  "C5'" . DT  B 2 4  ? 0.691   17.318  3.278   1.00 83.10  ? 15  DT  B "C5'" 1 
ATOM   294 C  "C4'" . DT  B 2 4  ? 1.812   16.574  2.573   1.00 83.28  ? 15  DT  B "C4'" 1 
ATOM   295 O  "O4'" . DT  B 2 4  ? 1.756   15.165  2.905   1.00 80.12  ? 15  DT  B "O4'" 1 
ATOM   296 C  "C3'" . DT  B 2 4  ? 1.755   16.616  1.064   1.00 87.72  ? 15  DT  B "C3'" 1 
ATOM   297 O  "O3'" . DT  B 2 4  ? 3.059   16.430  0.534   1.00 95.11  ? 15  DT  B "O3'" 1 
ATOM   298 C  "C2'" . DT  B 2 4  ? 0.829   15.438  0.732   1.00 93.04  ? 15  DT  B "C2'" 1 
ATOM   299 C  "C1'" . DT  B 2 4  ? 1.086   14.452  1.879   1.00 83.94  ? 15  DT  B "C1'" 1 
ATOM   300 N  N1    . DT  B 2 4  ? -0.160  13.875  2.467   1.00 77.33  ? 15  DT  B N1    1 
ATOM   301 C  C2    . DT  B 2 4  ? -0.140  12.597  2.992   1.00 79.40  ? 15  DT  B C2    1 
ATOM   302 O  O2    . DT  B 2 4  ? 0.853   11.890  2.997   1.00 85.71  ? 15  DT  B O2    1 
ATOM   303 N  N3    . DT  B 2 4  ? -1.328  12.176  3.517   1.00 68.64  ? 15  DT  B N3    1 
ATOM   304 C  C4    . DT  B 2 4  ? -2.515  12.882  3.563   1.00 68.02  ? 15  DT  B C4    1 
ATOM   305 O  O4    . DT  B 2 4  ? -3.536  12.414  4.050   1.00 64.69  ? 15  DT  B O4    1 
ATOM   306 C  C5    . DT  B 2 4  ? -2.467  14.209  3.000   1.00 68.45  ? 15  DT  B C5    1 
ATOM   307 C  C7    . DT  B 2 4  ? -3.693  15.067  2.995   1.00 58.57  ? 15  DT  B C7    1 
ATOM   308 C  C6    . DT  B 2 4  ? -1.306  14.638  2.490   1.00 70.56  ? 15  DT  B C6    1 
ATOM   309 P  P     . DC  B 2 5  ? 3.331   16.632  -1.035  1.00 107.12 ? 16  DC  B P     1 
ATOM   310 O  OP1   . DC  B 2 5  ? 4.794   16.800  -1.212  1.00 103.36 ? 16  DC  B OP1   1 
ATOM   311 O  OP2   . DC  B 2 5  ? 2.392   17.674  -1.519  1.00 95.62  ? 16  DC  B OP2   1 
ATOM   312 O  "O5'" . DC  B 2 5  ? 2.912   15.230  -1.675  1.00 89.52  ? 16  DC  B "O5'" 1 
ATOM   313 C  "C5'" . DC  B 2 5  ? 3.600   14.046  -1.300  1.00 87.97  ? 16  DC  B "C5'" 1 
ATOM   314 C  "C4'" . DC  B 2 5  ? 3.026   12.833  -2.014  1.00 97.65  ? 16  DC  B "C4'" 1 
ATOM   315 O  "O4'" . DC  B 2 5  ? 1.896   12.296  -1.268  1.00 96.95  ? 16  DC  B "O4'" 1 
ATOM   316 C  "C3'" . DC  B 2 5  ? 2.483   13.090  -3.424  1.00 94.07  ? 16  DC  B "C3'" 1 
ATOM   317 O  "O3'" . DC  B 2 5  ? 2.666   11.931  -4.184  1.00 92.66  ? 16  DC  B "O3'" 1 
ATOM   318 C  "C2'" . DC  B 2 5  ? 1.001   13.281  -3.146  1.00 85.55  ? 16  DC  B "C2'" 1 
ATOM   319 C  "C1'" . DC  B 2 5  ? 0.823   12.142  -2.169  1.00 87.25  ? 16  DC  B "C1'" 1 
ATOM   320 N  N1    . DC  B 2 5  ? -0.446  12.156  -1.426  1.00 86.39  ? 16  DC  B N1    1 
ATOM   321 C  C2    . DC  B 2 5  ? -0.753  11.085  -0.583  1.00 88.39  ? 16  DC  B C2    1 
ATOM   322 O  O2    . DC  B 2 5  ? 0.061   10.159  -0.470  1.00 90.51  ? 16  DC  B O2    1 
ATOM   323 N  N3    . DC  B 2 5  ? -1.928  11.094  0.091   1.00 84.56  ? 16  DC  B N3    1 
ATOM   324 C  C4    . DC  B 2 5  ? -2.773  12.115  -0.064  1.00 81.87  ? 16  DC  B C4    1 
ATOM   325 N  N4    . DC  B 2 5  ? -3.917  12.087  0.623   1.00 78.23  ? 16  DC  B N4    1 
ATOM   326 C  C5    . DC  B 2 5  ? -2.478  13.214  -0.927  1.00 81.03  ? 16  DC  B C5    1 
ATOM   327 C  C6    . DC  B 2 5  ? -1.316  13.190  -1.584  1.00 85.78  ? 16  DC  B C6    1 
ATOM   328 P  P     . DA  B 2 6  ? 3.657   11.910  -5.441  1.00 102.23 ? 17  DA  B P     1 
ATOM   329 O  OP1   . DA  B 2 6  ? 4.866   12.702  -5.112  1.00 93.31  ? 17  DA  B OP1   1 
ATOM   330 O  OP2   . DA  B 2 6  ? 2.834   12.251  -6.627  1.00 106.93 ? 17  DA  B OP2   1 
ATOM   331 O  "O5'" . DA  B 2 6  ? 4.057   10.364  -5.548  1.00 95.06  ? 17  DA  B "O5'" 1 
ATOM   332 C  "C5'" . DA  B 2 6  ? 4.534   9.680   -4.398  1.00 87.98  ? 17  DA  B "C5'" 1 
ATOM   333 C  "C4'" . DA  B 2 6  ? 3.882   8.310   -4.252  1.00 91.61  ? 17  DA  B "C4'" 1 
ATOM   334 O  "O4'" . DA  B 2 6  ? 2.528   8.442   -3.751  1.00 95.21  ? 17  DA  B "O4'" 1 
ATOM   335 C  "C3'" . DA  B 2 6  ? 3.772   7.481   -5.520  1.00 95.70  ? 17  DA  B "C3'" 1 
ATOM   336 O  "O3'" . DA  B 2 6  ? 3.924   6.117   -5.177  1.00 100.24 ? 17  DA  B "O3'" 1 
ATOM   337 C  "C2'" . DA  B 2 6  ? 2.354   7.786   -6.006  1.00 92.16  ? 17  DA  B "C2'" 1 
ATOM   338 C  "C1'" . DA  B 2 6  ? 1.597   7.938   -4.694  1.00 91.84  ? 17  DA  B "C1'" 1 
ATOM   339 N  N9    . DA  B 2 6  ? 0.498   8.894   -4.742  1.00 91.66  ? 17  DA  B N9    1 
ATOM   340 C  C8    . DA  B 2 6  ? 0.420   10.028  -5.503  1.00 89.57  ? 17  DA  B C8    1 
ATOM   341 N  N7    . DA  B 2 6  ? -0.678  10.723  -5.306  1.00 90.06  ? 17  DA  B N7    1 
ATOM   342 C  C5    . DA  B 2 6  ? -1.359  10.004  -4.333  1.00 88.85  ? 17  DA  B C5    1 
ATOM   343 C  C6    . DA  B 2 6  ? -2.598  10.210  -3.688  1.00 91.36  ? 17  DA  B C6    1 
ATOM   344 N  N6    . DA  B 2 6  ? -3.397  11.252  -3.942  1.00 88.44  ? 17  DA  B N6    1 
ATOM   345 N  N1    . DA  B 2 6  ? -2.984  9.300   -2.766  1.00 89.95  ? 17  DA  B N1    1 
ATOM   346 C  C2    . DA  B 2 6  ? -2.179  8.258   -2.514  1.00 89.21  ? 17  DA  B C2    1 
ATOM   347 N  N3    . DA  B 2 6  ? -0.999  7.958   -3.059  1.00 87.34  ? 17  DA  B N3    1 
ATOM   348 C  C4    . DA  B 2 6  ? -0.643  8.878   -3.970  1.00 90.30  ? 17  DA  B C4    1 
ATOM   349 P  P     . DC  B 2 7  ? 3.999   4.991   -6.314  1.00 106.79 ? 18  DC  B P     1 
ATOM   350 O  OP1   . DC  B 2 7  ? 4.905   3.936   -5.801  1.00 102.42 ? 18  DC  B OP1   1 
ATOM   351 O  OP2   . DC  B 2 7  ? 4.280   5.671   -7.598  1.00 103.32 ? 18  DC  B OP2   1 
ATOM   352 O  "O5'" . DC  B 2 7  ? 2.519   4.391   -6.348  1.00 94.52  ? 18  DC  B "O5'" 1 
ATOM   353 C  "C5'" . DC  B 2 7  ? 2.078   3.603   -5.267  1.00 93.73  ? 18  DC  B "C5'" 1 
ATOM   354 C  "C4'" . DC  B 2 7  ? 0.565   3.517   -5.222  1.00 96.65  ? 18  DC  B "C4'" 1 
ATOM   355 O  "O4'" . DC  B 2 7  ? -0.020  4.821   -5.248  1.00 96.89  ? 18  DC  B "O4'" 1 
ATOM   356 C  "C3'" . DC  B 2 7  ? -0.089  2.780   -6.386  1.00 101.39 ? 18  DC  B "C3'" 1 
ATOM   357 O  "O3'" . DC  B 2 7  ? -0.385  1.467   -5.977  1.00 105.82 ? 18  DC  B "O3'" 1 
ATOM   358 C  "C2'" . DC  B 2 7  ? -1.375  3.597   -6.686  1.00 97.99  ? 18  DC  B "C2'" 1 
ATOM   359 C  "C1'" . DC  B 2 7  ? -1.372  4.644   -5.575  1.00 95.61  ? 18  DC  B "C1'" 1 
ATOM   360 N  N1    . DC  B 2 7  ? -1.942  5.977   -5.938  1.00 93.70  ? 18  DC  B N1    1 
ATOM   361 C  C2    . DC  B 2 7  ? -3.033  6.478   -5.221  1.00 94.07  ? 18  DC  B C2    1 
ATOM   362 O  O2    . DC  B 2 7  ? -3.533  5.787   -4.325  1.00 96.02  ? 18  DC  B O2    1 
ATOM   363 N  N3    . DC  B 2 7  ? -3.519  7.705   -5.536  1.00 96.15  ? 18  DC  B N3    1 
ATOM   364 C  C4    . DC  B 2 7  ? -2.954  8.417   -6.513  1.00 95.77  ? 18  DC  B C4    1 
ATOM   365 N  N4    . DC  B 2 7  ? -3.467  9.621   -6.790  1.00 97.69  ? 18  DC  B N4    1 
ATOM   366 C  C5    . DC  B 2 7  ? -1.832  7.929   -7.243  1.00 96.04  ? 18  DC  B C5    1 
ATOM   367 C  C6    . DC  B 2 7  ? -1.358  6.720   -6.919  1.00 96.96  ? 18  DC  B C6    1 
ATOM   368 P  P     . DT  B 2 8  ? -0.854  0.369   -7.045  1.00 115.25 ? 19  DT  B P     1 
ATOM   369 O  OP1   . DT  B 2 8  ? -0.289  -0.927  -6.600  1.00 111.70 ? 19  DT  B OP1   1 
ATOM   370 O  OP2   . DT  B 2 8  ? -0.532  0.876   -8.400  1.00 113.76 ? 19  DT  B OP2   1 
ATOM   371 O  "O5'" . DT  B 2 8  ? -2.439  0.336   -6.849  1.00 102.74 ? 19  DT  B "O5'" 1 
ATOM   372 C  "C5'" . DT  B 2 8  ? -2.964  -0.076  -5.606  1.00 100.38 ? 19  DT  B "C5'" 1 
ATOM   373 C  "C4'" . DT  B 2 8  ? -4.406  0.359   -5.440  1.00 106.42 ? 19  DT  B "C4'" 1 
ATOM   374 O  "O4'" . DT  B 2 8  ? -4.535  1.772   -5.694  1.00 103.46 ? 19  DT  B "O4'" 1 
ATOM   375 C  "C3'" . DT  B 2 8  ? -5.409  -0.333  -6.356  1.00 112.63 ? 19  DT  B "C3'" 1 
ATOM   376 O  "O3'" . DT  B 2 8  ? -6.428  -0.893  -5.558  1.00 114.16 ? 19  DT  B "O3'" 1 
ATOM   377 C  "C2'" . DT  B 2 8  ? -5.936  0.801   -7.257  1.00 117.93 ? 19  DT  B "C2'" 1 
ATOM   378 C  "C1'" . DT  B 2 8  ? -5.747  2.009   -6.360  1.00 106.30 ? 19  DT  B "C1'" 1 
ATOM   379 N  N1    . DT  B 2 8  ? -5.603  3.318   -7.062  1.00 105.60 ? 19  DT  B N1    1 
ATOM   380 C  C2    . DT  B 2 8  ? -6.327  4.397   -6.614  1.00 108.82 ? 19  DT  B C2    1 
ATOM   381 O  O2    . DT  B 2 8  ? -7.131  4.328   -5.698  1.00 111.47 ? 19  DT  B O2    1 
ATOM   382 N  N3    . DT  B 2 8  ? -6.090  5.568   -7.288  1.00 105.57 ? 19  DT  B N3    1 
ATOM   383 C  C4    . DT  B 2 8  ? -5.205  5.766   -8.332  1.00 102.01 ? 19  DT  B C4    1 
ATOM   384 O  O4    . DT  B 2 8  ? -5.061  6.859   -8.873  1.00 101.05 ? 19  DT  B O4    1 
ATOM   385 C  C5    . DT  B 2 8  ? -4.465  4.598   -8.742  1.00 101.13 ? 19  DT  B C5    1 
ATOM   386 C  C7    . DT  B 2 8  ? -3.478  4.692   -9.866  1.00 96.07  ? 19  DT  B C7    1 
ATOM   387 C  C6    . DT  B 2 8  ? -4.687  3.445   -8.088  1.00 104.10 ? 19  DT  B C6    1 
ATOM   388 P  P     . DC  B 2 9  ? -7.200  -2.214  -6.038  1.00 131.38 ? 20  DC  B P     1 
ATOM   389 O  OP1   . DC  B 2 9  ? -7.469  -3.035  -4.835  1.00 128.53 ? 20  DC  B OP1   1 
ATOM   390 O  OP2   . DC  B 2 9  ? -6.445  -2.793  -7.176  1.00 118.22 ? 20  DC  B OP2   1 
ATOM   391 O  "O5'" . DC  B 2 9  ? -8.589  -1.632  -6.570  1.00 126.59 ? 20  DC  B "O5'" 1 
ATOM   392 C  "C5'" . DC  B 2 9  ? -9.151  -0.494  -5.931  1.00 124.92 ? 20  DC  B "C5'" 1 
ATOM   393 C  "C4'" . DC  B 2 9  ? -10.236 0.128   -6.785  1.00 126.05 ? 20  DC  B "C4'" 1 
ATOM   394 O  "O4'" . DC  B 2 9  ? -9.737  1.328   -7.435  1.00 121.53 ? 20  DC  B "O4'" 1 
ATOM   395 C  "C3'" . DC  B 2 9  ? -10.777 -0.763  -7.905  1.00 131.60 ? 20  DC  B "C3'" 1 
ATOM   396 O  "O3'" . DC  B 2 9  ? -12.177 -0.637  -7.947  1.00 135.92 ? 20  DC  B "O3'" 1 
ATOM   397 C  "C2'" . DC  B 2 9  ? -10.136 -0.164  -9.157  1.00 128.82 ? 20  DC  B "C2'" 1 
ATOM   398 C  "C1'" . DC  B 2 9  ? -10.144 1.305   -8.782  1.00 130.01 ? 20  DC  B "C1'" 1 
ATOM   399 N  N1    . DC  B 2 9  ? -9.214  2.152   -9.584  1.00 128.47 ? 20  DC  B N1    1 
ATOM   400 C  C2    . DC  B 2 9  ? -9.231  3.543   -9.413  1.00 126.65 ? 20  DC  B C2    1 
ATOM   401 O  O2    . DC  B 2 9  ? -10.018 4.039   -8.595  1.00 129.34 ? 20  DC  B O2    1 
ATOM   402 N  N3    . DC  B 2 9  ? -8.382  4.307   -10.145 1.00 120.08 ? 20  DC  B N3    1 
ATOM   403 C  C4    . DC  B 2 9  ? -7.550  3.732   -11.013 1.00 119.73 ? 20  DC  B C4    1 
ATOM   404 N  N4    . DC  B 2 9  ? -6.731  4.526   -11.712 1.00 119.60 ? 20  DC  B N4    1 
ATOM   405 C  C5    . DC  B 2 9  ? -7.519  2.317   -11.204 1.00 119.55 ? 20  DC  B C5    1 
ATOM   406 C  C6    . DC  B 2 9  ? -8.361  1.573   -10.477 1.00 123.65 ? 20  DC  B C6    1 
ATOM   407 P  P     . DA  B 2 10 ? -13.098 -1.877  -8.373  1.00 139.00 ? 21  DA  B P     1 
ATOM   408 O  OP1   . DA  B 2 10 ? -13.017 -2.895  -7.299  1.00 135.82 ? 21  DA  B OP1   1 
ATOM   409 O  OP2   . DA  B 2 10 ? -12.727 -2.236  -9.762  1.00 136.21 ? 21  DA  B OP2   1 
ATOM   410 O  "O5'" . DA  B 2 10 ? -14.572 -1.250  -8.385  1.00 136.01 ? 21  DA  B "O5'" 1 
ATOM   411 C  "C5'" . DA  B 2 10 ? -14.929 -0.254  -7.428  1.00 132.10 ? 21  DA  B "C5'" 1 
ATOM   412 C  "C4'" . DA  B 2 10 ? -15.031 1.118   -8.079  1.00 135.04 ? 21  DA  B "C4'" 1 
ATOM   413 O  "O4'" . DA  B 2 10 ? -13.856 1.363   -8.896  1.00 131.41 ? 21  DA  B "O4'" 1 
ATOM   414 C  "C3'" . DA  B 2 10 ? -16.243 1.317   -8.999  1.00 136.47 ? 21  DA  B "C3'" 1 
ATOM   415 O  "O3'" . DA  B 2 10 ? -16.908 2.535   -8.676  1.00 132.40 ? 21  DA  B "O3'" 1 
ATOM   416 C  "C2'" . DA  B 2 10 ? -15.632 1.364   -10.403 1.00 137.63 ? 21  DA  B "C2'" 1 
ATOM   417 C  "C1'" . DA  B 2 10 ? -14.251 1.931   -10.120 1.00 134.43 ? 21  DA  B "C1'" 1 
ATOM   418 N  N9    . DA  B 2 10 ? -13.256 1.583   -11.133 1.00 132.67 ? 21  DA  B N9    1 
ATOM   419 C  C8    . DA  B 2 10 ? -12.967 0.335   -11.612 1.00 130.36 ? 21  DA  B C8    1 
ATOM   420 N  N7    . DA  B 2 10 ? -12.021 0.323   -12.520 1.00 128.52 ? 21  DA  B N7    1 
ATOM   421 C  C5    . DA  B 2 10 ? -11.664 1.654   -12.646 1.00 129.42 ? 21  DA  B C5    1 
ATOM   422 C  C6    . DA  B 2 10 ? -10.712 2.307   -13.451 1.00 130.09 ? 21  DA  B C6    1 
ATOM   423 N  N6    . DA  B 2 10 ? -9.920  1.668   -14.317 1.00 129.25 ? 21  DA  B N6    1 
ATOM   424 N  N1    . DA  B 2 10 ? -10.606 3.648   -13.333 1.00 131.12 ? 21  DA  B N1    1 
ATOM   425 C  C2    . DA  B 2 10 ? -11.405 4.284   -12.465 1.00 131.77 ? 21  DA  B C2    1 
ATOM   426 N  N3    . DA  B 2 10 ? -12.335 3.779   -11.657 1.00 132.99 ? 21  DA  B N3    1 
ATOM   427 C  C4    . DA  B 2 10 ? -12.415 2.446   -11.798 1.00 132.29 ? 21  DA  B C4    1 
ATOM   428 P  P     . DC  C 3 1  ? -9.587  0.779   9.623   1.00 85.66  ? 1   DC  C P     1 
ATOM   429 O  OP1   . DC  C 3 1  ? -9.354  0.275   8.250   1.00 83.98  ? 1   DC  C OP1   1 
ATOM   430 O  OP2   . DC  C 3 1  ? -10.810 0.416   10.370  1.00 100.31 ? 1   DC  C OP2   1 
ATOM   431 O  "O5'" . DC  C 3 1  ? -8.351  0.365   10.526  1.00 77.01  ? 1   DC  C "O5'" 1 
ATOM   432 C  "C5'" . DC  C 3 1  ? -7.064  0.419   9.987   1.00 81.63  ? 1   DC  C "C5'" 1 
ATOM   433 C  "C4'" . DC  C 3 1  ? -6.202  1.366   10.784  1.00 73.69  ? 1   DC  C "C4'" 1 
ATOM   434 O  "O4'" . DC  C 3 1  ? -5.663  0.665   11.924  1.00 71.00  ? 1   DC  C "O4'" 1 
ATOM   435 C  "C3'" . DC  C 3 1  ? -4.997  1.886   10.034  1.00 72.43  ? 1   DC  C "C3'" 1 
ATOM   436 O  "O3'" . DC  C 3 1  ? -4.597  3.134   10.558  1.00 56.23  ? 1   DC  C "O3'" 1 
ATOM   437 C  "C2'" . DC  C 3 1  ? -3.958  0.798   10.285  1.00 68.28  ? 1   DC  C "C2'" 1 
ATOM   438 C  "C1'" . DC  C 3 1  ? -4.305  0.339   11.696  1.00 70.14  ? 1   DC  C "C1'" 1 
ATOM   439 N  N1    . DC  C 3 1  ? -4.142  -1.125  11.922  1.00 69.23  ? 1   DC  C N1    1 
ATOM   440 C  C2    . DC  C 3 1  ? -3.117  -1.583  12.756  1.00 71.47  ? 1   DC  C C2    1 
ATOM   441 O  O2    . DC  C 3 1  ? -2.345  -0.762  13.267  1.00 79.98  ? 1   DC  C O2    1 
ATOM   442 N  N3    . DC  C 3 1  ? -2.985  -2.912  12.974  1.00 64.39  ? 1   DC  C N3    1 
ATOM   443 C  C4    . DC  C 3 1  ? -3.835  -3.762  12.411  1.00 71.23  ? 1   DC  C C4    1 
ATOM   444 N  N4    . DC  C 3 1  ? -3.663  -5.064  12.662  1.00 72.86  ? 1   DC  C N4    1 
ATOM   445 C  C5    . DC  C 3 1  ? -4.897  -3.318  11.558  1.00 68.80  ? 1   DC  C C5    1 
ATOM   446 C  C6    . DC  C 3 1  ? -5.013  -2.002  11.349  1.00 65.37  ? 1   DC  C C6    1 
ATOM   447 P  P     . DT  C 3 2  ? -3.292  3.853   9.967   1.00 74.88  ? 2   DT  C P     1 
ATOM   448 O  OP1   . DT  C 3 2  ? -3.329  5.283   10.357  1.00 77.08  ? 2   DT  C OP1   1 
ATOM   449 O  OP2   . DT  C 3 2  ? -3.210  3.499   8.528   1.00 77.69  ? 2   DT  C OP2   1 
ATOM   450 O  "O5'" . DT  C 3 2  ? -2.091  3.100   10.710  1.00 73.46  ? 2   DT  C "O5'" 1 
ATOM   451 C  "C5'" . DT  C 3 2  ? -0.907  3.797   11.052  1.00 77.36  ? 2   DT  C "C5'" 1 
ATOM   452 C  "C4'" . DT  C 3 2  ? 0.222   2.827   11.332  1.00 73.00  ? 2   DT  C "C4'" 1 
ATOM   453 O  "O4'" . DT  C 3 2  ? -0.286  1.477   11.390  1.00 77.11  ? 2   DT  C "O4'" 1 
ATOM   454 C  "C3'" . DT  C 3 2  ? 1.318   2.809   10.270  1.00 77.18  ? 2   DT  C "C3'" 1 
ATOM   455 O  "O3'" . DT  C 3 2  ? 2.530   3.172   10.856  1.00 75.82  ? 2   DT  C "O3'" 1 
ATOM   456 C  "C2'" . DT  C 3 2  ? 1.336   1.360   9.764   1.00 79.09  ? 2   DT  C "C2'" 1 
ATOM   457 C  "C1'" . DT  C 3 2  ? 0.728   0.627   10.935  1.00 70.21  ? 2   DT  C "C1'" 1 
ATOM   458 N  N1    . DT  C 3 2  ? 0.142   -0.708  10.601  1.00 69.93  ? 2   DT  C N1    1 
ATOM   459 C  C2    . DT  C 3 2  ? 0.701   -1.834  11.167  1.00 70.10  ? 2   DT  C C2    1 
ATOM   460 O  O2    . DT  C 3 2  ? 1.654   -1.792  11.921  1.00 80.27  ? 2   DT  C O2    1 
ATOM   461 N  N3    . DT  C 3 2  ? 0.102   -3.016  10.822  1.00 66.95  ? 2   DT  C N3    1 
ATOM   462 C  C4    . DT  C 3 2  ? -0.984  -3.184  9.986   1.00 74.64  ? 2   DT  C C4    1 
ATOM   463 O  O4    . DT  C 3 2  ? -1.459  -4.292  9.738   1.00 72.95  ? 2   DT  C O4    1 
ATOM   464 C  C5    . DT  C 3 2  ? -1.524  -1.964  9.417   1.00 72.00  ? 2   DT  C C5    1 
ATOM   465 C  C7    . DT  C 3 2  ? -2.698  -2.028  8.488   1.00 60.46  ? 2   DT  C C7    1 
ATOM   466 C  C6    . DT  C 3 2  ? -0.942  -0.795  9.749   1.00 71.78  ? 2   DT  C C6    1 
ATOM   467 P  P     . DA  C 3 3  ? 2.884   4.728   10.986  1.00 85.62  ? 3   DA  C P     1 
ATOM   468 O  OP1   . DA  C 3 3  ? 4.317   4.836   11.354  1.00 83.29  ? 3   DA  C OP1   1 
ATOM   469 O  OP2   . DA  C 3 3  ? 1.805   5.361   11.788  1.00 76.48  ? 3   DA  C OP2   1 
ATOM   470 O  "O5'" . DA  C 3 3  ? 2.760   5.261   9.492   1.00 77.61  ? 3   DA  C "O5'" 1 
ATOM   471 C  "C5'" . DA  C 3 3  ? 3.737   4.894   8.534   1.00 83.09  ? 3   DA  C "C5'" 1 
ATOM   472 C  "C4'" . DA  C 3 3  ? 4.060   6.075   7.655   1.00 79.37  ? 3   DA  C "C4'" 1 
ATOM   473 O  "O4'" . DA  C 3 3  ? 2.882   6.419   6.889   1.00 74.64  ? 3   DA  C "O4'" 1 
ATOM   474 C  "C3'" . DA  C 3 3  ? 4.421   7.332   8.426   1.00 75.41  ? 3   DA  C "C3'" 1 
ATOM   475 O  "O3'" . DA  C 3 3  ? 5.825   7.391   8.628   1.00 77.83  ? 3   DA  C "O3'" 1 
ATOM   476 C  "C2'" . DA  C 3 3  ? 3.942   8.441   7.501   1.00 75.05  ? 3   DA  C "C2'" 1 
ATOM   477 C  "C1'" . DA  C 3 3  ? 2.713   7.822   6.857   1.00 64.61  ? 3   DA  C "C1'" 1 
ATOM   478 N  N9    . DA  C 3 3  ? 1.460   8.150   7.519   1.00 61.61  ? 3   DA  C N9    1 
ATOM   479 C  C8    . DA  C 3 3  ? 0.708   7.334   8.312   1.00 68.63  ? 3   DA  C C8    1 
ATOM   480 N  N7    . DA  C 3 3  ? -0.397  7.895   8.751   1.00 65.73  ? 3   DA  C N7    1 
ATOM   481 C  C5    . DA  C 3 3  ? -0.364  9.162   8.202   1.00 61.28  ? 3   DA  C C5    1 
ATOM   482 C  C6    . DA  C 3 3  ? -1.246  10.255  8.287   1.00 69.25  ? 3   DA  C C6    1 
ATOM   483 N  N6    . DA  C 3 3  ? -2.381  10.228  8.997   1.00 70.70  ? 3   DA  C N6    1 
ATOM   484 N  N1    . DA  C 3 3  ? -0.918  11.378  7.611   1.00 69.89  ? 3   DA  C N1    1 
ATOM   485 C  C2    . DA  C 3 3  ? 0.217   11.396  6.902   1.00 69.55  ? 3   DA  C C2    1 
ATOM   486 N  N3    . DA  C 3 3  ? 1.127   10.433  6.754   1.00 69.76  ? 3   DA  C N3    1 
ATOM   487 C  C4    . DA  C 3 3  ? 0.772   9.334   7.436   1.00 66.04  ? 3   DA  C C4    1 
ATOM   488 P  P     . DG  C 3 4  ? 6.426   8.205   9.878   1.00 94.63  ? 4   DG  C P     1 
ATOM   489 O  OP1   . DG  C 3 4  ? 7.901   8.065   9.826   1.00 85.76  ? 4   DG  C OP1   1 
ATOM   490 O  OP2   . DG  C 3 4  ? 5.704   7.817   11.115  1.00 82.43  ? 4   DG  C OP2   1 
ATOM   491 O  "O5'" . DG  C 3 4  ? 6.041   9.713   9.547   1.00 74.16  ? 4   DG  C "O5'" 1 
ATOM   492 C  "C5'" . DG  C 3 4  ? 6.617   10.354  8.429   1.00 73.31  ? 4   DG  C "C5'" 1 
ATOM   493 C  "C4'" . DG  C 3 4  ? 5.902   11.653  8.170   1.00 76.04  ? 4   DG  C "C4'" 1 
ATOM   494 O  "O4'" . DG  C 3 4  ? 4.492   11.397  8.120   1.00 74.06  ? 4   DG  C "O4'" 1 
ATOM   495 C  "C3'" . DG  C 3 4  ? 6.051   12.667  9.279   1.00 86.68  ? 4   DG  C "C3'" 1 
ATOM   496 O  "O3'" . DG  C 3 4  ? 7.225   13.447  9.067   1.00 89.15  ? 4   DG  C "O3'" 1 
ATOM   497 C  "C2'" . DG  C 3 4  ? 4.772   13.504  9.160   1.00 83.69  ? 4   DG  C "C2'" 1 
ATOM   498 C  "C1'" . DG  C 3 4  ? 3.793   12.573  8.456   1.00 73.37  ? 4   DG  C "C1'" 1 
ATOM   499 N  N9    . DG  C 3 4  ? 2.630   12.206  9.257   1.00 70.71  ? 4   DG  C N9    1 
ATOM   500 C  C8    . DG  C 3 4  ? 2.430   11.029  9.934   1.00 71.88  ? 4   DG  C C8    1 
ATOM   501 N  N7    . DG  C 3 4  ? 1.273   10.966  10.534  1.00 71.40  ? 4   DG  C N7    1 
ATOM   502 C  C5    . DG  C 3 4  ? 0.669   12.179  10.236  1.00 65.26  ? 4   DG  C C5    1 
ATOM   503 C  C6    . DG  C 3 4  ? -0.595  12.681  10.617  1.00 70.63  ? 4   DG  C C6    1 
ATOM   504 O  O6    . DG  C 3 4  ? -1.456  12.135  11.321  1.00 77.60  ? 4   DG  C O6    1 
ATOM   505 N  N1    . DG  C 3 4  ? -0.825  13.951  10.098  1.00 68.97  ? 4   DG  C N1    1 
ATOM   506 C  C2    . DG  C 3 4  ? 0.061   14.652  9.313   1.00 73.30  ? 4   DG  C C2    1 
ATOM   507 N  N2    . DG  C 3 4  ? -0.339  15.869  8.909   1.00 73.13  ? 4   DG  C N2    1 
ATOM   508 N  N3    . DG  C 3 4  ? 1.255   14.192  8.950   1.00 70.52  ? 4   DG  C N3    1 
ATOM   509 C  C4    . DG  C 3 4  ? 1.490   12.955  9.449   1.00 68.02  ? 4   DG  C C4    1 
ATOM   510 P  P     . DT  C 3 5  ? 7.322   14.950  9.634   1.00 107.35 ? 5   DT  C P     1 
ATOM   511 O  OP1   . DT  C 3 5  ? 8.748   15.339  9.518   1.00 108.62 ? 5   DT  C OP1   1 
ATOM   512 O  OP2   . DT  C 3 5  ? 6.652   15.037  10.958  1.00 93.82  ? 5   DT  C OP2   1 
ATOM   513 O  "O5'" . DT  C 3 5  ? 6.467   15.802  8.584   1.00 83.82  ? 5   DT  C "O5'" 1 
ATOM   514 C  "C5'" . DT  C 3 5  ? 6.623   17.193  8.508   1.00 82.90  ? 5   DT  C "C5'" 1 
ATOM   515 C  "C4'" . DT  C 3 5  ? 5.574   17.912  9.334   1.00 78.75  ? 5   DT  C "C4'" 1 
ATOM   516 O  "O4'" . DT  C 3 5  ? 4.394   17.106  9.487   1.00 78.50  ? 5   DT  C "O4'" 1 
ATOM   517 C  "C3'" . DT  C 3 5  ? 5.959   18.197  10.765  1.00 89.86  ? 5   DT  C "C3'" 1 
ATOM   518 O  "O3'" . DT  C 3 5  ? 6.814   19.327  10.835  1.00 101.84 ? 5   DT  C "O3'" 1 
ATOM   519 C  "C2'" . DT  C 3 5  ? 4.596   18.483  11.400  1.00 84.68  ? 5   DT  C "C2'" 1 
ATOM   520 C  "C1'" . DT  C 3 5  ? 3.615   17.722  10.495  1.00 77.58  ? 5   DT  C "C1'" 1 
ATOM   521 N  N1    . DT  C 3 5  ? 2.813   16.706  11.244  1.00 70.71  ? 5   DT  C N1    1 
ATOM   522 C  C2    . DT  C 3 5  ? 1.524   17.024  11.623  1.00 73.49  ? 5   DT  C C2    1 
ATOM   523 O  O2    . DT  C 3 5  ? 0.988   18.085  11.348  1.00 75.44  ? 5   DT  C O2    1 
ATOM   524 N  N3    . DT  C 3 5  ? 0.875   16.046  12.331  1.00 72.97  ? 5   DT  C N3    1 
ATOM   525 C  C4    . DT  C 3 5  ? 1.380   14.813  12.705  1.00 73.70  ? 5   DT  C C4    1 
ATOM   526 O  O4    . DT  C 3 5  ? 0.720   14.001  13.344  1.00 72.62  ? 5   DT  C O4    1 
ATOM   527 C  C5    . DT  C 3 5  ? 2.742   14.549  12.289  1.00 70.60  ? 5   DT  C C5    1 
ATOM   528 C  C7    . DT  C 3 5  ? 3.395   13.245  12.636  1.00 69.90  ? 5   DT  C C7    1 
ATOM   529 C  C6    . DT  C 3 5  ? 3.388   15.501  11.594  1.00 72.01  ? 5   DT  C C6    1 
ATOM   530 O  "O5'" . DT  D 4 1  ? -2.322  1.709   -23.784 1.00 147.06 ? 1   DT  D "O5'" 1 
ATOM   531 C  "C5'" . DT  D 4 1  ? -3.647  1.217   -23.613 1.00 143.83 ? 1   DT  D "C5'" 1 
ATOM   532 C  "C4'" . DT  D 4 1  ? -4.660  2.340   -23.741 1.00 142.54 ? 1   DT  D "C4'" 1 
ATOM   533 O  "O4'" . DT  D 4 1  ? -5.970  1.842   -23.403 1.00 140.36 ? 1   DT  D "O4'" 1 
ATOM   534 C  "C3'" . DT  D 4 1  ? -4.408  3.541   -22.824 1.00 140.76 ? 1   DT  D "C3'" 1 
ATOM   535 O  "O3'" . DT  D 4 1  ? -4.057  4.684   -23.599 1.00 144.92 ? 1   DT  D "O3'" 1 
ATOM   536 C  "C2'" . DT  D 4 1  ? -5.732  3.750   -22.070 1.00 137.90 ? 1   DT  D "C2'" 1 
ATOM   537 C  "C1'" . DT  D 4 1  ? -6.721  2.883   -22.839 1.00 140.06 ? 1   DT  D "C1'" 1 
ATOM   538 N  N1    . DT  D 4 1  ? -7.768  2.284   -21.968 1.00 137.83 ? 1   DT  D N1    1 
ATOM   539 C  C2    . DT  D 4 1  ? -8.864  3.037   -21.619 1.00 138.93 ? 1   DT  D C2    1 
ATOM   540 O  O2    . DT  D 4 1  ? -9.034  4.185   -21.991 1.00 141.69 ? 1   DT  D O2    1 
ATOM   541 N  N3    . DT  D 4 1  ? -9.765  2.395   -20.813 1.00 136.63 ? 1   DT  D N3    1 
ATOM   542 C  C4    . DT  D 4 1  ? -9.681  1.103   -20.330 1.00 138.42 ? 1   DT  D C4    1 
ATOM   543 O  O4    . DT  D 4 1  ? -10.543 0.615   -19.608 1.00 140.37 ? 1   DT  D O4    1 
ATOM   544 C  C5    . DT  D 4 1  ? -8.504  0.370   -20.731 1.00 136.67 ? 1   DT  D C5    1 
ATOM   545 C  C7    . DT  D 4 1  ? -8.301  -1.042  -20.268 1.00 134.10 ? 1   DT  D C7    1 
ATOM   546 C  C6    . DT  D 4 1  ? -7.614  0.989   -21.522 1.00 136.47 ? 1   DT  D C6    1 
ATOM   547 P  P     . DC  D 4 2  ? -3.425  5.981   -22.890 1.00 151.21 ? 2   DC  D P     1 
ATOM   548 O  OP1   . DC  D 4 2  ? -2.934  6.894   -23.948 1.00 150.91 ? 2   DC  D OP1   1 
ATOM   549 O  OP2   . DC  D 4 2  ? -2.485  5.505   -21.852 1.00 152.75 ? 2   DC  D OP2   1 
ATOM   550 O  "O5'" . DC  D 4 2  ? -4.680  6.679   -22.187 1.00 143.17 ? 2   DC  D "O5'" 1 
ATOM   551 C  "C5'" . DC  D 4 2  ? -4.497  7.830   -21.380 1.00 143.89 ? 2   DC  D "C5'" 1 
ATOM   552 C  "C4'" . DC  D 4 2  ? -5.831  8.486   -21.088 1.00 145.52 ? 2   DC  D "C4'" 1 
ATOM   553 O  "O4'" . DC  D 4 2  ? -6.855  7.464   -20.953 1.00 140.36 ? 2   DC  D "O4'" 1 
ATOM   554 C  "C3'" . DC  D 4 2  ? -5.875  9.311   -19.802 1.00 141.52 ? 2   DC  D "C3'" 1 
ATOM   555 O  "O3'" . DC  D 4 2  ? -6.556  10.534  -20.036 1.00 144.46 ? 2   DC  D "O3'" 1 
ATOM   556 C  "C2'" . DC  D 4 2  ? -6.646  8.415   -18.834 1.00 140.74 ? 2   DC  D "C2'" 1 
ATOM   557 C  "C1'" . DC  D 4 2  ? -7.591  7.689   -19.775 1.00 139.53 ? 2   DC  D "C1'" 1 
ATOM   558 N  N1    . DC  D 4 2  ? -8.062  6.376   -19.254 1.00 136.44 ? 2   DC  D N1    1 
ATOM   559 C  C2    . DC  D 4 2  ? -9.368  6.255   -18.767 1.00 138.70 ? 2   DC  D C2    1 
ATOM   560 O  O2    . DC  D 4 2  ? -10.108 7.246   -18.775 1.00 139.71 ? 2   DC  D O2    1 
ATOM   561 N  N3    . DC  D 4 2  ? -9.785  5.053   -18.299 1.00 136.99 ? 2   DC  D N3    1 
ATOM   562 C  C4    . DC  D 4 2  ? -8.958  4.008   -18.310 1.00 134.76 ? 2   DC  D C4    1 
ATOM   563 N  N4    . DC  D 4 2  ? -9.417  2.846   -17.838 1.00 133.13 ? 2   DC  D N4    1 
ATOM   564 C  C5    . DC  D 4 2  ? -7.622  4.112   -18.801 1.00 131.06 ? 2   DC  D C5    1 
ATOM   565 C  C6    . DC  D 4 2  ? -7.222  5.302   -19.260 1.00 132.71 ? 2   DC  D C6    1 
ATOM   566 P  P     . DT  D 4 3  ? -6.363  11.777  -19.035 1.00 160.61 ? 3   DT  D P     1 
ATOM   567 O  OP1   . DT  D 4 3  ? -5.622  12.828  -19.768 1.00 160.58 ? 3   DT  D OP1   1 
ATOM   568 O  OP2   . DT  D 4 3  ? -5.839  11.265  -17.749 1.00 157.67 ? 3   DT  D OP2   1 
ATOM   569 O  "O5'" . DT  D 4 3  ? -7.852  12.301  -18.795 1.00 154.88 ? 3   DT  D "O5'" 1 
ATOM   570 C  "C5'" . DT  D 4 3  ? -8.901  11.366  -18.595 1.00 149.79 ? 3   DT  D "C5'" 1 
ATOM   571 C  "C4'" . DT  D 4 3  ? -9.633  11.650  -17.300 1.00 149.56 ? 3   DT  D "C4'" 1 
ATOM   572 O  "O4'" . DT  D 4 3  ? -10.070 10.394  -16.711 1.00 147.37 ? 3   DT  D "O4'" 1 
ATOM   573 C  "C3'" . DT  D 4 3  ? -8.790  12.322  -16.223 1.00 146.03 ? 3   DT  D "C3'" 1 
ATOM   574 O  "O3'" . DT  D 4 3  ? -9.632  13.061  -15.364 1.00 144.02 ? 3   DT  D "O3'" 1 
ATOM   575 C  "C2'" . DT  D 4 3  ? -8.207  11.120  -15.501 1.00 142.73 ? 3   DT  D "C2'" 1 
ATOM   576 C  "C1'" . DT  D 4 3  ? -9.428  10.217  -15.465 1.00 141.75 ? 3   DT  D "C1'" 1 
ATOM   577 N  N1    . DT  D 4 3  ? -9.109  8.773   -15.283 1.00 137.26 ? 3   DT  D N1    1 
ATOM   578 C  C2    . DT  D 4 3  ? -10.080 7.932   -14.800 1.00 136.40 ? 3   DT  D C2    1 
ATOM   579 O  O2    . DT  D 4 3  ? -11.204 8.306   -14.517 1.00 139.54 ? 3   DT  D O2    1 
ATOM   580 N  N3    . DT  D 4 3  ? -9.692  6.628   -14.663 1.00 132.15 ? 3   DT  D N3    1 
ATOM   581 C  C4    . DT  D 4 3  ? -8.451  6.093   -14.951 1.00 130.59 ? 3   DT  D C4    1 
ATOM   582 O  O4    . DT  D 4 3  ? -8.199  4.903   -14.795 1.00 128.36 ? 3   DT  D O4    1 
ATOM   583 C  C5    . DT  D 4 3  ? -7.475  7.030   -15.450 1.00 129.64 ? 3   DT  D C5    1 
ATOM   584 C  C7    . DT  D 4 3  ? -6.094  6.564   -15.797 1.00 127.80 ? 3   DT  D C7    1 
ATOM   585 C  C6    . DT  D 4 3  ? -7.845  8.312   -15.588 1.00 133.46 ? 3   DT  D C6    1 
ATOM   586 P  P     . DG  D 4 4  ? -9.246  14.558  -14.931 1.00 156.84 ? 4   DG  D P     1 
ATOM   587 O  OP1   . DG  D 4 4  ? -9.676  15.464  -16.021 1.00 156.51 ? 4   DG  D OP1   1 
ATOM   588 O  OP2   . DG  D 4 4  ? -7.834  14.558  -14.488 1.00 155.39 ? 4   DG  D OP2   1 
ATOM   589 O  "O5'" . DG  D 4 4  ? -10.172 14.820  -13.654 1.00 151.26 ? 4   DG  D "O5'" 1 
ATOM   590 C  "C5'" . DG  D 4 4  ? -11.557 14.516  -13.721 1.00 148.31 ? 4   DG  D "C5'" 1 
ATOM   591 C  "C4'" . DG  D 4 4  ? -11.976 13.620  -12.568 1.00 147.87 ? 4   DG  D "C4'" 1 
ATOM   592 O  "O4'" . DG  D 4 4  ? -11.269 12.357  -12.636 1.00 145.39 ? 4   DG  D "O4'" 1 
ATOM   593 C  "C3'" . DG  D 4 4  ? -11.739 14.198  -11.178 1.00 141.89 ? 4   DG  D "C3'" 1 
ATOM   594 O  "O3'" . DG  D 4 4  ? -12.965 14.178  -10.452 1.00 140.19 ? 4   DG  D "O3'" 1 
ATOM   595 C  "C2'" . DG  D 4 4  ? -10.659 13.295  -10.554 1.00 136.47 ? 4   DG  D "C2'" 1 
ATOM   596 C  "C1'" . DG  D 4 4  ? -10.722 12.014  -11.380 1.00 135.26 ? 4   DG  D "C1'" 1 
ATOM   597 N  N9    . DG  D 4 4  ? -9.411  11.410  -11.637 1.00 132.95 ? 4   DG  D N9    1 
ATOM   598 C  C8    . DG  D 4 4  ? -8.303  12.042  -12.153 1.00 136.88 ? 4   DG  D C8    1 
ATOM   599 N  N7    . DG  D 4 4  ? -7.275  11.253  -12.306 1.00 133.16 ? 4   DG  D N7    1 
ATOM   600 C  C5    . DG  D 4 4  ? -7.729  10.013  -11.878 1.00 127.67 ? 4   DG  D C5    1 
ATOM   601 C  C6    . DG  D 4 4  ? -7.053  8.771   -11.817 1.00 123.66 ? 4   DG  D C6    1 
ATOM   602 O  O6    . DG  D 4 4  ? -5.884  8.517   -12.137 1.00 125.12 ? 4   DG  D O6    1 
ATOM   603 N  N1    . DG  D 4 4  ? -7.876  7.761   -11.323 1.00 118.52 ? 4   DG  D N1    1 
ATOM   604 C  C2    . DG  D 4 4  ? -9.184  7.931   -10.935 1.00 122.34 ? 4   DG  D C2    1 
ATOM   605 N  N2    . DG  D 4 4  ? -9.812  6.836   -10.483 1.00 121.27 ? 4   DG  D N2    1 
ATOM   606 N  N3    . DG  D 4 4  ? -9.832  9.091   -10.987 1.00 125.35 ? 4   DG  D N3    1 
ATOM   607 C  C4    . DG  D 4 4  ? -9.045  10.087  -11.469 1.00 127.80 ? 4   DG  D C4    1 
ATOM   608 P  P     . DA  D 4 5  ? -13.004 14.483  -8.877  1.00 150.68 ? 5   DA  D P     1 
ATOM   609 O  OP1   . DA  D 4 5  ? -14.364 14.984  -8.567  1.00 146.97 ? 5   DA  D OP1   1 
ATOM   610 O  OP2   . DA  D 4 5  ? -11.826 15.298  -8.508  1.00 145.11 ? 5   DA  D OP2   1 
ATOM   611 O  "O5'" . DA  D 4 5  ? -12.845 13.035  -8.232  1.00 136.42 ? 5   DA  D "O5'" 1 
ATOM   612 C  "C5'" . DA  D 4 5  ? -13.698 11.979  -8.656  1.00 132.94 ? 5   DA  D "C5'" 1 
ATOM   613 C  "C4'" . DA  D 4 5  ? -14.002 11.029  -7.510  1.00 133.08 ? 5   DA  D "C4'" 1 
ATOM   614 O  "O4'" . DA  D 4 5  ? -12.972 10.022  -7.428  1.00 130.37 ? 5   DA  D "O4'" 1 
ATOM   615 C  "C3'" . DA  D 4 5  ? -14.040 11.666  -6.134  1.00 127.28 ? 5   DA  D "C3'" 1 
ATOM   616 O  "O3'" . DA  D 4 5  ? -14.867 10.904  -5.279  1.00 127.86 ? 5   DA  D "O3'" 1 
ATOM   617 C  "C2'" . DA  D 4 5  ? -12.580 11.604  -5.693  1.00 123.64 ? 5   DA  D "C2'" 1 
ATOM   618 C  "C1'" . DA  D 4 5  ? -12.059 10.348  -6.399  1.00 122.12 ? 5   DA  D "C1'" 1 
ATOM   619 N  N9    . DA  D 4 5  ? -10.741 10.533  -6.999  1.00 118.41 ? 5   DA  D N9    1 
ATOM   620 C  C8    . DA  D 4 5  ? -10.198 11.705  -7.445  1.00 119.50 ? 5   DA  D C8    1 
ATOM   621 N  N7    . DA  D 4 5  ? -8.987  11.573  -7.938  1.00 118.97 ? 5   DA  D N7    1 
ATOM   622 C  C5    . DA  D 4 5  ? -8.722  10.219  -7.807  1.00 116.57 ? 5   DA  D C5    1 
ATOM   623 C  C6    . DA  D 4 5  ? -7.600  9.433   -8.144  1.00 115.50 ? 5   DA  D C6    1 
ATOM   624 N  N6    . DA  D 4 5  ? -6.494  9.931   -8.708  1.00 117.18 ? 5   DA  D N6    1 
ATOM   625 N  N1    . DA  D 4 5  ? -7.660  8.110   -7.879  1.00 110.19 ? 5   DA  D N1    1 
ATOM   626 C  C2    . DA  D 4 5  ? -8.767  7.616   -7.314  1.00 111.49 ? 5   DA  D C2    1 
ATOM   627 N  N3    . DA  D 4 5  ? -9.882  8.254   -6.955  1.00 114.57 ? 5   DA  D N3    1 
ATOM   628 C  C4    . DA  D 4 5  ? -9.792  9.565   -7.231  1.00 116.04 ? 5   DA  D C4    1 
ATOM   629 P  P     . DG  D 4 6  ? -15.469 11.570  -3.948  1.00 144.39 ? 6   DG  D P     1 
ATOM   630 O  OP1   . DG  D 4 6  ? -16.942 11.427  -4.002  1.00 142.22 ? 6   DG  D OP1   1 
ATOM   631 O  OP2   . DG  D 4 6  ? -14.846 12.908  -3.804  1.00 134.92 ? 6   DG  D OP2   1 
ATOM   632 O  "O5'" . DG  D 4 6  ? -14.909 10.647  -2.774  1.00 128.96 ? 6   DG  D "O5'" 1 
ATOM   633 C  "C5'" . DG  D 4 6  ? -13.515 10.526  -2.584  1.00 120.25 ? 6   DG  D "C5'" 1 
ATOM   634 C  "C4'" . DG  D 4 6  ? -13.137 9.085   -2.335  1.00 116.08 ? 6   DG  D "C4'" 1 
ATOM   635 O  "O4'" . DG  D 4 6  ? -12.194 8.646   -3.337  1.00 112.14 ? 6   DG  D "O4'" 1 
ATOM   636 C  "C3'" . DG  D 4 6  ? -12.504 8.829   -0.976  1.00 110.03 ? 6   DG  D "C3'" 1 
ATOM   637 O  "O3'" . DG  D 4 6  ? -13.111 7.714   -0.355  1.00 112.42 ? 6   DG  D "O3'" 1 
ATOM   638 C  "C2'" . DG  D 4 6  ? -11.020 8.583   -1.256  1.00 105.18 ? 6   DG  D "C2'" 1 
ATOM   639 C  "C1'" . DG  D 4 6  ? -10.913 8.466   -2.777  1.00 109.00 ? 6   DG  D "C1'" 1 
ATOM   640 N  N9    . DG  D 4 6  ? -10.005 9.447   -3.356  1.00 105.35 ? 6   DG  D N9    1 
ATOM   641 C  C8    . DG  D 4 6  ? -10.237 10.789  -3.528  1.00 108.81 ? 6   DG  D C8    1 
ATOM   642 N  N7    . DG  D 4 6  ? -9.231  11.426  -4.064  1.00 107.07 ? 6   DG  D N7    1 
ATOM   643 C  C5    . DG  D 4 6  ? -8.269  10.443  -4.248  1.00 104.00 ? 6   DG  D C5    1 
ATOM   644 C  C6    . DG  D 4 6  ? -6.965  10.534  -4.789  1.00 103.63 ? 6   DG  D C6    1 
ATOM   645 O  O6    . DG  D 4 6  ? -6.384  11.538  -5.226  1.00 108.44 ? 6   DG  D O6    1 
ATOM   646 N  N1    . DG  D 4 6  ? -6.322  9.297   -4.794  1.00 98.99  ? 6   DG  D N1    1 
ATOM   647 C  C2    . DG  D 4 6  ? -6.872  8.122   -4.332  1.00 96.86  ? 6   DG  D C2    1 
ATOM   648 N  N2    . DG  D 4 6  ? -6.099  7.029   -4.412  1.00 92.50  ? 6   DG  D N2    1 
ATOM   649 N  N3    . DG  D 4 6  ? -8.092  8.024   -3.823  1.00 97.57  ? 6   DG  D N3    1 
ATOM   650 C  C4    . DG  D 4 6  ? -8.730  9.219   -3.812  1.00 102.78 ? 6   DG  D C4    1 
ATOM   651 P  P     . DT  D 4 7  ? -12.889 7.470   1.215   1.00 115.22 ? 7   DT  D P     1 
ATOM   652 O  OP1   . DT  D 4 7  ? -13.943 6.554   1.706   1.00 116.65 ? 7   DT  D OP1   1 
ATOM   653 O  OP2   . DT  D 4 7  ? -12.723 8.801   1.841   1.00 114.38 ? 7   DT  D OP2   1 
ATOM   654 O  "O5'" . DT  D 4 7  ? -11.485 6.713   1.274   1.00 107.01 ? 7   DT  D "O5'" 1 
ATOM   655 C  "C5'" . DT  D 4 7  ? -11.312 5.512   0.544   1.00 98.88  ? 7   DT  D "C5'" 1 
ATOM   656 C  "C4'" . DT  D 4 7  ? -9.857  5.088   0.536   1.00 96.27  ? 7   DT  D "C4'" 1 
ATOM   657 O  "O4'" . DT  D 4 7  ? -9.064  6.040   -0.215  1.00 94.38  ? 7   DT  D "O4'" 1 
ATOM   658 C  "C3'" . DT  D 4 7  ? -9.195  4.983   1.918   1.00 91.04  ? 7   DT  D "C3'" 1 
ATOM   659 O  "O3'" . DT  D 4 7  ? -8.591  3.703   2.046   1.00 86.79  ? 7   DT  D "O3'" 1 
ATOM   660 C  "C2'" . DT  D 4 7  ? -8.146  6.107   1.901   1.00 81.97  ? 7   DT  D "C2'" 1 
ATOM   661 C  "C1'" . DT  D 4 7  ? -7.818  6.163   0.421   1.00 88.36  ? 7   DT  D "C1'" 1 
ATOM   662 N  N1    . DT  D 4 7  ? -7.165  7.429   -0.042  1.00 83.48  ? 7   DT  D N1    1 
ATOM   663 C  C2    . DT  D 4 7  ? -5.869  7.389   -0.518  1.00 83.36  ? 7   DT  D C2    1 
ATOM   664 O  O2    . DT  D 4 7  ? -5.198  6.370   -0.561  1.00 83.05  ? 7   DT  D O2    1 
ATOM   665 N  N3    . DT  D 4 7  ? -5.376  8.594   -0.937  1.00 81.56  ? 7   DT  D N3    1 
ATOM   666 C  C4    . DT  D 4 7  ? -6.034  9.808   -0.937  1.00 86.08  ? 7   DT  D C4    1 
ATOM   667 O  O4    . DT  D 4 7  ? -5.507  10.841  -1.337  1.00 91.68  ? 7   DT  D O4    1 
ATOM   668 C  C5    . DT  D 4 7  ? -7.385  9.780   -0.435  1.00 85.79  ? 7   DT  D C5    1 
ATOM   669 C  C7    . DT  D 4 7  ? -8.193  11.038  -0.386  1.00 93.89  ? 7   DT  D C7    1 
ATOM   670 C  C6    . DT  D 4 7  ? -7.881  8.605   -0.019  1.00 86.12  ? 7   DT  D C6    1 
ATOM   671 P  P     . DG  D 4 8  ? -8.151  3.128   3.482   1.00 104.99 ? 8   DG  D P     1 
ATOM   672 O  OP1   . DG  D 4 8  ? -8.792  1.797   3.612   1.00 104.12 ? 8   DG  D OP1   1 
ATOM   673 O  OP2   . DG  D 4 8  ? -8.373  4.169   4.521   1.00 93.81  ? 8   DG  D OP2   1 
ATOM   674 O  "O5'" . DG  D 4 8  ? -6.580  2.893   3.308   1.00 83.59  ? 8   DG  D "O5'" 1 
ATOM   675 C  "C5'" . DG  D 4 8  ? -6.026  2.844   1.997   1.00 84.82  ? 8   DG  D "C5'" 1 
ATOM   676 C  "C4'" . DG  D 4 8  ? -4.633  2.232   1.984   1.00 77.87  ? 8   DG  D "C4'" 1 
ATOM   677 O  "O4'" . DG  D 4 8  ? -3.660  3.241   1.653   1.00 79.74  ? 8   DG  D "O4'" 1 
ATOM   678 C  "C3'" . DG  D 4 8  ? -4.139  1.691   3.298   1.00 75.67  ? 8   DG  D "C3'" 1 
ATOM   679 O  "O3'" . DG  D 4 8  ? -3.052  0.826   3.045   1.00 74.26  ? 8   DG  D "O3'" 1 
ATOM   680 C  "C2'" . DG  D 4 8  ? -3.678  2.967   4.007   1.00 76.65  ? 8   DG  D "C2'" 1 
ATOM   681 C  "C1'" . DG  D 4 8  ? -3.188  3.839   2.843   1.00 73.39  ? 8   DG  D "C1'" 1 
ATOM   682 N  N9    . DG  D 4 8  ? -3.710  5.198   2.857   1.00 70.91  ? 8   DG  D N9    1 
ATOM   683 C  C8    . DG  D 4 8  ? -4.900  5.627   3.387   1.00 70.20  ? 8   DG  D C8    1 
ATOM   684 N  N7    . DG  D 4 8  ? -5.109  6.901   3.218   1.00 69.51  ? 8   DG  D N7    1 
ATOM   685 C  C5    . DG  D 4 8  ? -3.993  7.336   2.520   1.00 65.20  ? 8   DG  D C5    1 
ATOM   686 C  C6    . DG  D 4 8  ? -3.660  8.622   2.051   1.00 69.09  ? 8   DG  D C6    1 
ATOM   687 O  O6    . DG  D 4 8  ? -4.308  9.667   2.163   1.00 73.55  ? 8   DG  D O6    1 
ATOM   688 N  N1    . DG  D 4 8  ? -2.437  8.632   1.397   1.00 68.90  ? 8   DG  D N1    1 
ATOM   689 C  C2    . DG  D 4 8  ? -1.639  7.532   1.215   1.00 71.99  ? 8   DG  D C2    1 
ATOM   690 N  N2    . DG  D 4 8  ? -0.494  7.734   0.553   1.00 80.13  ? 8   DG  D N2    1 
ATOM   691 N  N3    . DG  D 4 8  ? -1.941  6.319   1.646   1.00 70.31  ? 8   DG  D N3    1 
ATOM   692 C  C4    . DG  D 4 8  ? -3.129  6.297   2.286   1.00 67.70  ? 8   DG  D C4    1 
ATOM   693 P  P     . DA  D 4 9  ? -2.237  0.182   4.264   1.00 86.92  ? 9   DA  D P     1 
ATOM   694 O  OP1   . DA  D 4 9  ? -1.463  -0.956  3.723   1.00 90.00  ? 9   DA  D OP1   1 
ATOM   695 O  OP2   . DA  D 4 9  ? -3.188  -0.018  5.381   1.00 81.92  ? 9   DA  D OP2   1 
ATOM   696 O  "O5'" . DA  D 4 9  ? -1.204  1.325   4.685   1.00 80.79  ? 9   DA  D "O5'" 1 
ATOM   697 C  "C5'" . DA  D 4 9  ? -0.128  1.657   3.823   1.00 79.89  ? 9   DA  D "C5'" 1 
ATOM   698 C  "C4'" . DA  D 4 9  ? 0.706   2.772   4.421   1.00 81.27  ? 9   DA  D "C4'" 1 
ATOM   699 O  "O4'" . DA  D 4 9  ? -0.027  4.026   4.336   1.00 79.10  ? 9   DA  D "O4'" 1 
ATOM   700 C  "C3'" . DA  D 4 9  ? 1.062   2.587   5.907   1.00 82.10  ? 9   DA  D "C3'" 1 
ATOM   701 O  "O3'" . DA  D 4 9  ? 2.428   2.924   6.136   1.00 78.59  ? 9   DA  D "O3'" 1 
ATOM   702 C  "C2'" . DA  D 4 9  ? 0.134   3.586   6.596   1.00 77.79  ? 9   DA  D "C2'" 1 
ATOM   703 C  "C1'" . DA  D 4 9  ? 0.113   4.693   5.556   1.00 69.59  ? 9   DA  D "C1'" 1 
ATOM   704 N  N9    . DA  D 4 9  ? -0.974  5.653   5.718   1.00 67.19  ? 9   DA  D N9    1 
ATOM   705 C  C8    . DA  D 4 9  ? -2.184  5.449   6.331   1.00 65.09  ? 9   DA  D C8    1 
ATOM   706 N  N7    . DA  D 4 9  ? -2.959  6.513   6.340   1.00 61.22  ? 9   DA  D N7    1 
ATOM   707 C  C5    . DA  D 4 9  ? -2.197  7.484   5.700   1.00 67.18  ? 9   DA  D C5    1 
ATOM   708 C  C6    . DA  D 4 9  ? -2.446  8.836   5.387   1.00 64.43  ? 9   DA  D C6    1 
ATOM   709 N  N6    . DA  D 4 9  ? -3.580  9.467   5.699   1.00 61.42  ? 9   DA  D N6    1 
ATOM   710 N  N1    . DA  D 4 9  ? -1.478  9.518   4.733   1.00 64.08  ? 9   DA  D N1    1 
ATOM   711 C  C2    . DA  D 4 9  ? -0.346  8.884   4.413   1.00 66.00  ? 9   DA  D C2    1 
ATOM   712 N  N3    . DA  D 4 9  ? 0.005   7.620   4.659   1.00 67.90  ? 9   DA  D N3    1 
ATOM   713 C  C4    . DA  D 4 9  ? -0.974  6.969   5.311   1.00 69.26  ? 9   DA  D C4    1 
ATOM   714 P  P     . DT  D 4 10 ? 3.606   1.908   5.738   1.00 78.04  ? 10  DT  D P     1 
ATOM   715 O  OP1   . DT  D 4 10 ? 4.814   2.745   5.583   1.00 76.82  ? 10  DT  D OP1   1 
ATOM   716 O  OP2   . DT  D 4 10 ? 3.141   1.029   4.646   1.00 87.90  ? 10  DT  D OP2   1 
ATOM   717 O  "O5'" . DT  D 4 10 ? 3.785   0.967   7.016   1.00 80.99  ? 10  DT  D "O5'" 1 
ATOM   718 C  "C5'" . DT  D 4 10 ? 4.601   1.389   8.096   1.00 82.05  ? 10  DT  D "C5'" 1 
ATOM   719 C  "C4'" . DT  D 4 10 ? 4.982   0.208   8.962   1.00 80.60  ? 10  DT  D "C4'" 1 
ATOM   720 O  "O4'" . DT  D 4 10 ? 3.785   -0.475  9.386   1.00 76.23  ? 10  DT  D "O4'" 1 
ATOM   721 C  "C3'" . DT  D 4 10 ? 5.790   -0.860  8.257   1.00 81.14  ? 10  DT  D "C3'" 1 
ATOM   722 O  "O3'" . DT  D 4 10 ? 7.174   -0.528  8.296   1.00 91.98  ? 10  DT  D "O3'" 1 
ATOM   723 C  "C2'" . DT  D 4 10 ? 5.492   -2.097  9.103   1.00 78.92  ? 10  DT  D "C2'" 1 
ATOM   724 C  "C1'" . DT  D 4 10 ? 4.067   -1.842  9.594   1.00 69.94  ? 10  DT  D "C1'" 1 
ATOM   725 N  N1    . DT  D 4 10 ? 3.039   -2.653  8.891   1.00 71.58  ? 10  DT  D N1    1 
ATOM   726 C  C2    . DT  D 4 10 ? 2.967   -4.005  9.143   1.00 76.83  ? 10  DT  D C2    1 
ATOM   727 O  O2    . DT  D 4 10 ? 3.717   -4.581  9.912   1.00 79.72  ? 10  DT  D O2    1 
ATOM   728 N  N3    . DT  D 4 10 ? 1.985   -4.666  8.455   1.00 67.87  ? 10  DT  D N3    1 
ATOM   729 C  C4    . DT  D 4 10 ? 1.087   -4.123  7.561   1.00 64.24  ? 10  DT  D C4    1 
ATOM   730 O  O4    . DT  D 4 10 ? 0.240   -4.803  6.993   1.00 65.41  ? 10  DT  D O4    1 
ATOM   731 C  C5    . DT  D 4 10 ? 1.212   -2.698  7.344   1.00 66.03  ? 10  DT  D C5    1 
ATOM   732 C  C7    . DT  D 4 10 ? 0.289   -1.999  6.390   1.00 71.65  ? 10  DT  D C7    1 
ATOM   733 C  C6    . DT  D 4 10 ? 2.170   -2.039  8.013   1.00 69.63  ? 10  DT  D C6    1 
ATOM   734 P  P     . DG  D 4 11 ? 8.180   -1.085  7.172   1.00 95.52  ? 11  DG  D P     1 
ATOM   735 O  OP1   . DG  D 4 11 ? 9.534   -0.613  7.547   1.00 94.40  ? 11  DG  D OP1   1 
ATOM   736 O  OP2   . DG  D 4 11 ? 7.617   -0.747  5.843   1.00 83.90  ? 11  DG  D OP2   1 
ATOM   737 O  "O5'" . DG  D 4 11 ? 8.124   -2.678  7.350   1.00 87.43  ? 11  DG  D "O5'" 1 
ATOM   738 C  "C5'" . DG  D 4 11 ? 8.668   -3.277  8.522   1.00 91.75  ? 11  DG  D "C5'" 1 
ATOM   739 C  "C4'" . DG  D 4 11 ? 8.292   -4.744  8.606   1.00 96.46  ? 11  DG  D "C4'" 1 
ATOM   740 O  "O4'" . DG  D 4 11 ? 6.876   -4.906  8.413   1.00 90.88  ? 11  DG  D "O4'" 1 
ATOM   741 C  "C3'" . DG  D 4 11 ? 8.892   -5.622  7.529   1.00 102.35 ? 11  DG  D "C3'" 1 
ATOM   742 O  "O3'" . DG  D 4 11 ? 10.200  -6.021  7.897   1.00 108.34 ? 11  DG  D "O3'" 1 
ATOM   743 C  "C2'" . DG  D 4 11 ? 7.930   -6.817  7.491   1.00 97.33  ? 11  DG  D "C2'" 1 
ATOM   744 C  "C1'" . DG  D 4 11 ? 6.637   -6.261  8.102   1.00 87.15  ? 11  DG  D "C1'" 1 
ATOM   745 N  N9    . DG  D 4 11 ? 5.474   -6.354  7.224   1.00 81.60  ? 11  DG  D N9    1 
ATOM   746 C  C8    . DG  D 4 11 ? 4.956   -5.366  6.418   1.00 82.53  ? 11  DG  D C8    1 
ATOM   747 N  N7    . DG  D 4 11 ? 3.894   -5.739  5.751   1.00 77.25  ? 11  DG  D N7    1 
ATOM   748 C  C5    . DG  D 4 11 ? 3.695   -7.058  6.140   1.00 78.96  ? 11  DG  D C5    1 
ATOM   749 C  C6    . DG  D 4 11 ? 2.694   -7.982  5.750   1.00 82.15  ? 11  DG  D C6    1 
ATOM   750 O  O6    . DG  D 4 11 ? 1.759   -7.810  4.953   1.00 83.83  ? 11  DG  D O6    1 
ATOM   751 N  N1    . DG  D 4 11 ? 2.852   -9.212  6.385   1.00 84.48  ? 11  DG  D N1    1 
ATOM   752 C  C2    . DG  D 4 11 ? 3.852   -9.513  7.282   1.00 88.70  ? 11  DG  D C2    1 
ATOM   753 N  N2    . DG  D 4 11 ? 3.841   -10.756 7.790   1.00 93.26  ? 11  DG  D N2    1 
ATOM   754 N  N3    . DG  D 4 11 ? 4.798   -8.655  7.657   1.00 86.14  ? 11  DG  D N3    1 
ATOM   755 C  C4    . DG  D 4 11 ? 4.657   -7.451  7.047   1.00 83.47  ? 11  DG  D C4    1 
ATOM   756 P  P     . DT  D 4 12 ? 11.168  -6.688  6.803   1.00 116.87 ? 12  DT  D P     1 
ATOM   757 O  OP1   . DT  D 4 12 ? 12.557  -6.438  7.257   1.00 103.26 ? 12  DT  D OP1   1 
ATOM   758 O  OP2   . DT  D 4 12 ? 10.710  -6.249  5.462   1.00 107.07 ? 12  DT  D OP2   1 
ATOM   759 O  "O5'" . DT  D 4 12 ? 10.839  -8.247  6.903   1.00 99.35  ? 12  DT  D "O5'" 1 
ATOM   760 C  "C5'" . DT  D 4 12 ? 10.907  -8.899  8.152   1.00 100.50 ? 12  DT  D "C5'" 1 
ATOM   761 C  "C4'" . DT  D 4 12 ? 10.329  -10.291 8.046   1.00 108.40 ? 12  DT  D "C4'" 1 
ATOM   762 O  "O4'" . DT  D 4 12 ? 8.945   -10.202 7.615   1.00 106.57 ? 12  DT  D "O4'" 1 
ATOM   763 C  "C3'" . DT  D 4 12 ? 11.032  -11.193 7.035   1.00 114.86 ? 12  DT  D "C3'" 1 
ATOM   764 O  "O3'" . DT  D 4 12 ? 11.189  -12.504 7.561   1.00 121.19 ? 12  DT  D "O3'" 1 
ATOM   765 C  "C2'" . DT  D 4 12 ? 10.093  -11.180 5.832   1.00 110.74 ? 12  DT  D "C2'" 1 
ATOM   766 C  "C1'" . DT  D 4 12 ? 8.736   -11.033 6.498   1.00 101.52 ? 12  DT  D "C1'" 1 
ATOM   767 N  N1    . DT  D 4 12 ? 7.738   -10.390 5.621   1.00 95.30  ? 12  DT  D N1    1 
ATOM   768 C  C2    . DT  D 4 12 ? 6.601   -11.079 5.264   1.00 97.95  ? 12  DT  D C2    1 
ATOM   769 O  O2    . DT  D 4 12 ? 6.354   -12.207 5.650   1.00 102.70 ? 12  DT  D O2    1 
ATOM   770 N  N3    . DT  D 4 12 ? 5.751   -10.393 4.439   1.00 91.98  ? 12  DT  D N3    1 
ATOM   771 C  C4    . DT  D 4 12 ? 5.925   -9.113  3.943   1.00 92.54  ? 12  DT  D C4    1 
ATOM   772 O  O4    . DT  D 4 12 ? 5.104   -8.579  3.204   1.00 91.40  ? 12  DT  D O4    1 
ATOM   773 C  C5    . DT  D 4 12 ? 7.142   -8.451  4.355   1.00 94.39  ? 12  DT  D C5    1 
ATOM   774 C  C7    . DT  D 4 12 ? 7.442   -7.060  3.879   1.00 94.80  ? 12  DT  D C7    1 
ATOM   775 C  C6    . DT  D 4 12 ? 7.982   -9.119  5.155   1.00 96.86  ? 12  DT  D C6    1 
ATOM   776 P  P     . DC  D 4 13 ? 11.947  -13.627 6.698   1.00 131.42 ? 13  DC  D P     1 
ATOM   777 O  OP1   . DC  D 4 13 ? 12.461  -14.636 7.651   1.00 129.08 ? 13  DC  D OP1   1 
ATOM   778 O  OP2   . DC  D 4 13 ? 12.879  -12.936 5.773   1.00 121.48 ? 13  DC  D OP2   1 
ATOM   779 O  "O5'" . DC  D 4 13 ? 10.783  -14.295 5.826   1.00 113.83 ? 13  DC  D "O5'" 1 
ATOM   780 C  "C5'" . DC  D 4 13 ? 9.689   -14.918 6.478   1.00 114.73 ? 13  DC  D "C5'" 1 
ATOM   781 C  "C4'" . DC  D 4 13 ? 8.835   -15.690 5.488   1.00 119.79 ? 13  DC  D "C4'" 1 
ATOM   782 O  "O4'" . DC  D 4 13 ? 7.932   -14.787 4.800   1.00 115.24 ? 13  DC  D "O4'" 1 
ATOM   783 C  "C3'" . DC  D 4 13 ? 9.607   -16.429 4.397   1.00 125.58 ? 13  DC  D "C3'" 1 
ATOM   784 O  "O3'" . DC  D 4 13 ? 9.045   -17.722 4.220   1.00 133.14 ? 13  DC  D "O3'" 1 
ATOM   785 C  "C2'" . DC  D 4 13 ? 9.395   -15.546 3.165   1.00 122.36 ? 13  DC  D "C2'" 1 
ATOM   786 C  "C1'" . DC  D 4 13 ? 7.990   -15.032 3.417   1.00 110.20 ? 13  DC  D "C1'" 1 
ATOM   787 N  N1    . DC  D 4 13 ? 7.666   -13.760 2.710   1.00 105.27 ? 13  DC  D N1    1 
ATOM   788 C  C2    . DC  D 4 13 ? 6.469   -13.656 1.987   1.00 105.70 ? 13  DC  D C2    1 
ATOM   789 O  O2    . DC  D 4 13 ? 5.710   -14.632 1.934   1.00 105.69 ? 13  DC  D O2    1 
ATOM   790 N  N3    . DC  D 4 13 ? 6.179   -12.489 1.361   1.00 101.96 ? 13  DC  D N3    1 
ATOM   791 C  C4    . DC  D 4 13 ? 7.025   -11.460 1.442   1.00 103.07 ? 13  DC  D C4    1 
ATOM   792 N  N4    . DC  D 4 13 ? 6.697   -10.331 0.807   1.00 102.45 ? 13  DC  D N4    1 
ATOM   793 C  C5    . DC  D 4 13 ? 8.247   -11.543 2.179   1.00 100.56 ? 13  DC  D C5    1 
ATOM   794 C  C6    . DC  D 4 13 ? 8.523   -12.700 2.793   1.00 102.59 ? 13  DC  D C6    1 
ATOM   795 P  P     . DT  D 4 14 ? 9.868   -18.873 3.458   1.00 140.42 ? 14  DT  D P     1 
ATOM   796 O  OP1   . DT  D 4 14 ? 9.883   -20.070 4.330   1.00 132.02 ? 14  DT  D OP1   1 
ATOM   797 O  OP2   . DT  D 4 14 ? 11.148  -18.288 2.997   1.00 134.25 ? 14  DT  D OP2   1 
ATOM   798 O  "O5'" . DT  D 4 14 ? 8.970   -19.175 2.171   1.00 133.67 ? 14  DT  D "O5'" 1 
ATOM   799 C  "C5'" . DT  D 4 14 ? 7.569   -19.361 2.314   1.00 131.19 ? 14  DT  D "C5'" 1 
ATOM   800 C  "C4'" . DT  D 4 14 ? 6.881   -19.280 0.966   1.00 134.98 ? 14  DT  D "C4'" 1 
ATOM   801 O  "O4'" . DT  D 4 14 ? 6.698   -17.886 0.598   1.00 132.14 ? 14  DT  D "O4'" 1 
ATOM   802 C  "C3'" . DT  D 4 14 ? 7.656   -19.925 -0.186  1.00 142.67 ? 14  DT  D "C3'" 1 
ATOM   803 O  "O3'" . DT  D 4 14 ? 6.769   -20.675 -1.018  1.00 150.34 ? 14  DT  D "O3'" 1 
ATOM   804 C  "C2'" . DT  D 4 14 ? 8.243   -18.722 -0.924  1.00 141.24 ? 14  DT  D "C2'" 1 
ATOM   805 C  "C1'" . DT  D 4 14 ? 7.144   -17.694 -0.723  1.00 133.52 ? 14  DT  D "C1'" 1 
ATOM   806 N  N1    . DT  D 4 14 ? 7.599   -16.275 -0.879  1.00 126.80 ? 14  DT  D N1    1 
ATOM   807 C  C2    . DT  D 4 14 ? 6.761   -15.365 -1.488  1.00 125.71 ? 14  DT  D C2    1 
ATOM   808 O  O2    . DT  D 4 14 ? 5.654   -15.654 -1.913  1.00 125.00 ? 14  DT  D O2    1 
ATOM   809 N  N3    . DT  D 4 14 ? 7.266   -14.094 -1.581  1.00 121.59 ? 14  DT  D N3    1 
ATOM   810 C  C4    . DT  D 4 14 ? 8.499   -13.648 -1.136  1.00 115.58 ? 14  DT  D C4    1 
ATOM   811 O  O4    . DT  D 4 14 ? 8.864   -12.482 -1.265  1.00 112.42 ? 14  DT  D O4    1 
ATOM   812 C  C5    . DT  D 4 14 ? 9.328   -14.651 -0.507  1.00 113.41 ? 14  DT  D C5    1 
ATOM   813 C  C7    . DT  D 4 14 ? 10.686  -14.285 0.013   1.00 114.07 ? 14  DT  D C7    1 
ATOM   814 C  C6    . DT  D 4 14 ? 8.845   -15.902 -0.412  1.00 119.44 ? 14  DT  D C6    1 
ATOM   815 P  P     . DG  D 4 15 ? 6.958   -22.265 -1.167  1.00 160.52 ? 15  DG  D P     1 
ATOM   816 O  OP1   . DG  D 4 15 ? 6.040   -22.919 -0.206  1.00 155.18 ? 15  DG  D OP1   1 
ATOM   817 O  OP2   . DG  D 4 15 ? 8.412   -22.542 -1.108  1.00 157.10 ? 15  DG  D OP2   1 
ATOM   818 O  "O5'" . DG  D 4 15 ? 6.429   -22.589 -2.644  1.00 156.35 ? 15  DG  D "O5'" 1 
ATOM   819 C  "C5'" . DG  D 4 15 ? 5.039   -22.510 -2.944  1.00 155.38 ? 15  DG  D "C5'" 1 
ATOM   820 C  "C4'" . DG  D 4 15 ? 4.817   -21.651 -4.171  1.00 153.48 ? 15  DG  D "C4'" 1 
ATOM   821 O  "O4'" . DG  D 4 15 ? 5.363   -20.343 -3.918  1.00 149.73 ? 15  DG  D "O4'" 1 
ATOM   822 C  "C3'" . DG  D 4 15 ? 5.510   -22.164 -5.436  1.00 156.73 ? 15  DG  D "C3'" 1 
ATOM   823 O  "O3'" . DG  D 4 15 ? 4.544   -22.719 -6.373  1.00 164.00 ? 15  DG  D "O3'" 1 
ATOM   824 C  "C2'" . DG  D 4 15 ? 6.270   -20.955 -6.002  1.00 152.53 ? 15  DG  D "C2'" 1 
ATOM   825 C  "C1'" . DG  D 4 15 ? 5.832   -19.790 -5.117  1.00 147.75 ? 15  DG  D "C1'" 1 
ATOM   826 N  N9    . DG  D 4 15 ? 6.924   -18.880 -4.800  1.00 141.39 ? 15  DG  D N9    1 
ATOM   827 C  C8    . DG  D 4 15 ? 8.144   -19.213 -4.263  1.00 141.27 ? 15  DG  D C8    1 
ATOM   828 N  N7    . DG  D 4 15 ? 8.934   -18.188 -4.093  1.00 138.13 ? 15  DG  D N7    1 
ATOM   829 C  C5    . DG  D 4 15 ? 8.190   -17.107 -4.549  1.00 136.73 ? 15  DG  D C5    1 
ATOM   830 C  C6    . DG  D 4 15 ? 8.525   -15.733 -4.613  1.00 133.82 ? 15  DG  D C6    1 
ATOM   831 O  O6    . DG  D 4 15 ? 9.582   -15.183 -4.266  1.00 128.80 ? 15  DG  D O6    1 
ATOM   832 N  N1    . DG  D 4 15 ? 7.482   -14.973 -5.143  1.00 134.85 ? 15  DG  D N1    1 
ATOM   833 C  C2    . DG  D 4 15 ? 6.270   -15.478 -5.559  1.00 135.38 ? 15  DG  D C2    1 
ATOM   834 N  N2    . DG  D 4 15 ? 5.388   -14.591 -6.044  1.00 131.89 ? 15  DG  D N2    1 
ATOM   835 N  N3    . DG  D 4 15 ? 5.945   -16.765 -5.505  1.00 138.01 ? 15  DG  D N3    1 
ATOM   836 C  C4    . DG  D 4 15 ? 6.949   -17.517 -4.987  1.00 138.40 ? 15  DG  D C4    1 
ATOM   837 P  P     . DC  D 4 16 ? 3.689   -21.795 -7.385  1.00 169.38 ? 16  DC  D P     1 
ATOM   838 O  OP1   . DC  D 4 16 ? 3.208   -20.594 -6.664  1.00 161.18 ? 16  DC  D OP1   1 
ATOM   839 O  OP2   . DC  D 4 16 ? 2.697   -22.687 -8.029  1.00 164.63 ? 16  DC  D OP2   1 
ATOM   840 O  "O5'" . DC  D 4 16 ? 4.732   -21.374 -8.529  1.00 158.95 ? 16  DC  D "O5'" 1 
ATOM   841 C  "C5'" . DC  D 4 16 ? 4.272   -21.044 -9.844  1.00 156.45 ? 16  DC  D "C5'" 1 
ATOM   842 C  "C4'" . DC  D 4 16 ? 3.228   -19.938 -9.803  1.00 152.66 ? 16  DC  D "C4'" 1 
ATOM   843 O  "O4'" . DC  D 4 16 ? 3.635   -18.920 -8.857  1.00 150.39 ? 16  DC  D "O4'" 1 
ATOM   844 C  "C3'" . DC  D 4 16 ? 3.019   -19.205 -11.116 1.00 151.83 ? 16  DC  D "C3'" 1 
ATOM   845 O  "O3'" . DC  D 4 16 ? 1.695   -18.691 -11.183 1.00 150.68 ? 16  DC  D "O3'" 1 
ATOM   846 C  "C2'" . DC  D 4 16 ? 4.056   -18.086 -11.042 1.00 147.19 ? 16  DC  D "C2'" 1 
ATOM   847 C  "C1'" . DC  D 4 16 ? 4.104   -17.774 -9.544  1.00 147.72 ? 16  DC  D "C1'" 1 
ATOM   848 N  N1    . DC  D 4 16 ? 5.476   -17.466 -9.048  1.00 146.52 ? 16  DC  D N1    1 
ATOM   849 C  C2    . DC  D 4 16 ? 5.948   -16.147 -9.073  1.00 144.49 ? 16  DC  D C2    1 
ATOM   850 O  O2    . DC  D 4 16 ? 5.213   -15.249 -9.507  1.00 143.37 ? 16  DC  D O2    1 
ATOM   851 N  N3    . DC  D 4 16 ? 7.202   -15.891 -8.618  1.00 140.86 ? 16  DC  D N3    1 
ATOM   852 C  C4    . DC  D 4 16 ? 7.963   -16.889 -8.158  1.00 140.28 ? 16  DC  D C4    1 
ATOM   853 N  N4    . DC  D 4 16 ? 9.192   -16.589 -7.720  1.00 136.58 ? 16  DC  D N4    1 
ATOM   854 C  C5    . DC  D 4 16 ? 7.498   -18.236 -8.126  1.00 141.89 ? 16  DC  D C5    1 
ATOM   855 C  C6    . DC  D 4 16 ? 6.263   -18.476 -8.576  1.00 143.93 ? 16  DC  D C6    1 
HETATM 856 AS AS    . CAC E 5 .  ? -0.844  8.287   12.892  1.00 145.37 ? 101 CAC C AS    1 
HETATM 857 AS AS    . CAC F 5 .  ? 1.084   -4.001  2.457   1.00 184.63 ? 101 CAC D AS    1 
HETATM 858 MG MG    . MG  G 6 .  ? -7.568  5.582   6.505   1.00 78.89  ? 102 MG  D MG    1 
# 
loop_
_pdbx_poly_seq_scheme.asym_id 
_pdbx_poly_seq_scheme.entity_id 
_pdbx_poly_seq_scheme.seq_id 
_pdbx_poly_seq_scheme.mon_id 
_pdbx_poly_seq_scheme.ndb_seq_num 
_pdbx_poly_seq_scheme.pdb_seq_num 
_pdbx_poly_seq_scheme.auth_seq_num 
_pdbx_poly_seq_scheme.pdb_mon_id 
_pdbx_poly_seq_scheme.auth_mon_id 
_pdbx_poly_seq_scheme.pdb_strand_id 
_pdbx_poly_seq_scheme.pdb_ins_code 
_pdbx_poly_seq_scheme.hetero 
A 1 1  DG 1  1  1  DG DG A . n 
A 1 2  DA 2  2  2  DA DA A . n 
A 1 3  DG 3  3  3  DG DG A . n 
A 1 4  DC 4  4  4  DC DC A . n 
A 1 5  DA 5  5  5  DA DA A . n 
A 1 6  DG 6  6  6  DG DG A . n 
A 1 7  DA 7  7  7  DA DA A . n 
A 1 8  DC 8  8  8  DC DC A . n 
A 1 9  DA 9  9  9  DA DA A . n 
A 1 10 DA 10 10 10 DA DA A . n 
A 1 11 DG 11 11 11 DG DG A . n 
B 2 1  DA 1  12 12 DA DA B . n 
B 2 2  DC 2  13 13 DC DC B . n 
B 2 3  DT 3  14 14 DT DT B . n 
B 2 4  DT 4  15 15 DT DT B . n 
B 2 5  DC 5  16 16 DC DC B . n 
B 2 6  DA 6  17 17 DA DA B . n 
B 2 7  DC 7  18 18 DC DC B . n 
B 2 8  DT 8  19 19 DT DT B . n 
B 2 9  DC 9  20 20 DC DC B . n 
B 2 10 DA 10 21 21 DA DA B . n 
C 3 1  DC 1  1  1  DC DC C . n 
C 3 2  DT 2  2  2  DT DT C . n 
C 3 3  DA 3  3  3  DA DA C . n 
C 3 4  DG 4  4  4  DG DG C . n 
C 3 5  DT 5  5  5  DT DT C . n 
D 4 1  DT 1  1  1  DT DT D . n 
D 4 2  DC 2  2  2  DC DC D . n 
D 4 3  DT 3  3  3  DT DT D . n 
D 4 4  DG 4  4  4  DG DG D . n 
D 4 5  DA 5  5  5  DA DA D . n 
D 4 6  DG 6  6  6  DG DG D . n 
D 4 7  DT 7  7  7  DT DT D . n 
D 4 8  DG 8  8  8  DG DG D . n 
D 4 9  DA 9  9  9  DA DA D . n 
D 4 10 DT 10 10 10 DT DT D . n 
D 4 11 DG 11 11 11 DG DG D . n 
D 4 12 DT 12 12 12 DT DT D . n 
D 4 13 DC 13 13 13 DC DC D . n 
D 4 14 DT 14 14 14 DT DT D . n 
D 4 15 DG 15 15 15 DG DG D . n 
D 4 16 DC 16 16 16 DC DC D . n 
# 
loop_
_pdbx_nonpoly_scheme.asym_id 
_pdbx_nonpoly_scheme.entity_id 
_pdbx_nonpoly_scheme.mon_id 
_pdbx_nonpoly_scheme.ndb_seq_num 
_pdbx_nonpoly_scheme.pdb_seq_num 
_pdbx_nonpoly_scheme.auth_seq_num 
_pdbx_nonpoly_scheme.pdb_mon_id 
_pdbx_nonpoly_scheme.auth_mon_id 
_pdbx_nonpoly_scheme.pdb_strand_id 
_pdbx_nonpoly_scheme.pdb_ins_code 
E 5 CAC 1 101 2 CAC AS C . 
F 5 CAC 1 101 1 CAC AS D . 
G 6 MG  1 102 1 MG  MG D . 
# 
_pdbx_struct_assembly.id                   1 
_pdbx_struct_assembly.details              author_and_software_defined_assembly 
_pdbx_struct_assembly.method_details       PISA 
_pdbx_struct_assembly.oligomeric_details   tetrameric 
_pdbx_struct_assembly.oligomeric_count     4 
# 
_pdbx_struct_assembly_gen.assembly_id       1 
_pdbx_struct_assembly_gen.oper_expression   1 
_pdbx_struct_assembly_gen.asym_id_list      A,B,C,D,E,F,G 
# 
loop_
_pdbx_struct_assembly_prop.biol_id 
_pdbx_struct_assembly_prop.type 
_pdbx_struct_assembly_prop.value 
_pdbx_struct_assembly_prop.details 
1 'ABSA (A^2)' 2690 ? 
1 MORE         -19  ? 
1 'SSA (A^2)'  7940 ? 
# 
_pdbx_struct_oper_list.id                   1 
_pdbx_struct_oper_list.type                 'identity operation' 
_pdbx_struct_oper_list.name                 1_555 
_pdbx_struct_oper_list.symmetry_operation   x,y,z 
_pdbx_struct_oper_list.matrix[1][1]         1.0000000000 
_pdbx_struct_oper_list.matrix[1][2]         0.0000000000 
_pdbx_struct_oper_list.matrix[1][3]         0.0000000000 
_pdbx_struct_oper_list.vector[1]            0.0000000000 
_pdbx_struct_oper_list.matrix[2][1]         0.0000000000 
_pdbx_struct_oper_list.matrix[2][2]         1.0000000000 
_pdbx_struct_oper_list.matrix[2][3]         0.0000000000 
_pdbx_struct_oper_list.vector[2]            0.0000000000 
_pdbx_struct_oper_list.matrix[3][1]         0.0000000000 
_pdbx_struct_oper_list.matrix[3][2]         0.0000000000 
_pdbx_struct_oper_list.matrix[3][3]         1.0000000000 
_pdbx_struct_oper_list.vector[3]            0.0000000000 
# 
loop_
_pdbx_audit_revision_history.ordinal 
_pdbx_audit_revision_history.data_content_type 
_pdbx_audit_revision_history.major_revision 
_pdbx_audit_revision_history.minor_revision 
_pdbx_audit_revision_history.revision_date 
1 'Structure model' 1 0 2021-07-14 
2 'Structure model' 1 1 2022-07-06 
3 'Structure model' 1 2 2023-10-18 
# 
_pdbx_audit_revision_details.ordinal             1 
_pdbx_audit_revision_details.revision_ordinal    1 
_pdbx_audit_revision_details.data_content_type   'Structure model' 
_pdbx_audit_revision_details.provider            repository 
_pdbx_audit_revision_details.type                'Initial release' 
_pdbx_audit_revision_details.description         ? 
_pdbx_audit_revision_details.details             ? 
# 
loop_
_pdbx_audit_revision_group.ordinal 
_pdbx_audit_revision_group.revision_ordinal 
_pdbx_audit_revision_group.data_content_type 
_pdbx_audit_revision_group.group 
1 2 'Structure model' 'Database references'    
2 3 'Structure model' 'Data collection'        
3 3 'Structure model' 'Refinement description' 
# 
loop_
_pdbx_audit_revision_category.ordinal 
_pdbx_audit_revision_category.revision_ordinal 
_pdbx_audit_revision_category.data_content_type 
_pdbx_audit_revision_category.category 
1 2 'Structure model' citation                      
2 2 'Structure model' citation_author               
3 2 'Structure model' database_2                    
4 3 'Structure model' chem_comp_atom                
5 3 'Structure model' chem_comp_bond                
6 3 'Structure model' pdbx_initial_refinement_model 
# 
loop_
_pdbx_audit_revision_item.ordinal 
_pdbx_audit_revision_item.revision_ordinal 
_pdbx_audit_revision_item.data_content_type 
_pdbx_audit_revision_item.item 
1  2 'Structure model' '_citation.country'                   
2  2 'Structure model' '_citation.journal_abbrev'            
3  2 'Structure model' '_citation.journal_id_CSD'            
4  2 'Structure model' '_citation.journal_id_ISSN'           
5  2 'Structure model' '_citation.journal_volume'            
6  2 'Structure model' '_citation.page_first'                
7  2 'Structure model' '_citation.page_last'                 
8  2 'Structure model' '_citation.pdbx_database_id_DOI'      
9  2 'Structure model' '_citation.pdbx_database_id_PubMed'   
10 2 'Structure model' '_citation.title'                     
11 2 'Structure model' '_citation.year'                      
12 2 'Structure model' '_database_2.pdbx_DOI'                
13 2 'Structure model' '_database_2.pdbx_database_accession' 
# 
loop_
_software.citation_id 
_software.classification 
_software.compiler_name 
_software.compiler_version 
_software.contact_author 
_software.contact_author_email 
_software.date 
_software.description 
_software.dependencies 
_software.hardware 
_software.language 
_software.location 
_software.mods 
_software.name 
_software.os 
_software.os_version 
_software.type 
_software.version 
_software.pdbx_ordinal 
? 'data reduction'  ? ? ? ? ? ? ? ? ? ? ? HKL-2000    ? ? ? .           1 
? 'data scaling'    ? ? ? ? ? ? ? ? ? ? ? HKL-2000    ? ? ? .           2 
? refinement        ? ? ? ? ? ? ? ? ? ? ? PHENIX      ? ? ? 1.11.1_2575 3 
? 'data extraction' ? ? ? ? ? ? ? ? ? ? ? PDB_EXTRACT ? ? ? 3.25        4 
? phasing           ? ? ? ? ? ? ? ? ? ? ? PHASER      ? ? ? .           5 
# 
_pdbx_entry_details.entry_id                 6XDX 
_pdbx_entry_details.has_ligand_of_interest   N 
_pdbx_entry_details.compound_details         ? 
_pdbx_entry_details.source_details           ? 
_pdbx_entry_details.nonpolymer_details       ? 
_pdbx_entry_details.sequence_details         ? 
# 
_pdbx_validate_rmsd_angle.id                         1 
_pdbx_validate_rmsd_angle.PDB_model_num              1 
_pdbx_validate_rmsd_angle.auth_atom_id_1             "O4'" 
_pdbx_validate_rmsd_angle.auth_asym_id_1             C 
_pdbx_validate_rmsd_angle.auth_comp_id_1             DT 
_pdbx_validate_rmsd_angle.auth_seq_id_1              5 
_pdbx_validate_rmsd_angle.PDB_ins_code_1             ? 
_pdbx_validate_rmsd_angle.label_alt_id_1             ? 
_pdbx_validate_rmsd_angle.auth_atom_id_2             "C1'" 
_pdbx_validate_rmsd_angle.auth_asym_id_2             C 
_pdbx_validate_rmsd_angle.auth_comp_id_2             DT 
_pdbx_validate_rmsd_angle.auth_seq_id_2              5 
_pdbx_validate_rmsd_angle.PDB_ins_code_2             ? 
_pdbx_validate_rmsd_angle.label_alt_id_2             ? 
_pdbx_validate_rmsd_angle.auth_atom_id_3             N1 
_pdbx_validate_rmsd_angle.auth_asym_id_3             C 
_pdbx_validate_rmsd_angle.auth_comp_id_3             DT 
_pdbx_validate_rmsd_angle.auth_seq_id_3              5 
_pdbx_validate_rmsd_angle.PDB_ins_code_3             ? 
_pdbx_validate_rmsd_angle.label_alt_id_3             ? 
_pdbx_validate_rmsd_angle.angle_value                110.84 
_pdbx_validate_rmsd_angle.angle_target_value         108.30 
_pdbx_validate_rmsd_angle.angle_deviation            2.54 
_pdbx_validate_rmsd_angle.angle_standard_deviation   0.30 
_pdbx_validate_rmsd_angle.linker_flag                N 
# 
loop_
_pdbx_unobs_or_zero_occ_atoms.id 
_pdbx_unobs_or_zero_occ_atoms.PDB_model_num 
_pdbx_unobs_or_zero_occ_atoms.polymer_flag 
_pdbx_unobs_or_zero_occ_atoms.occupancy_flag 
_pdbx_unobs_or_zero_occ_atoms.auth_asym_id 
_pdbx_unobs_or_zero_occ_atoms.auth_comp_id 
_pdbx_unobs_or_zero_occ_atoms.auth_seq_id 
_pdbx_unobs_or_zero_occ_atoms.PDB_ins_code 
_pdbx_unobs_or_zero_occ_atoms.auth_atom_id 
_pdbx_unobs_or_zero_occ_atoms.label_alt_id 
_pdbx_unobs_or_zero_occ_atoms.label_asym_id 
_pdbx_unobs_or_zero_occ_atoms.label_comp_id 
_pdbx_unobs_or_zero_occ_atoms.label_seq_id 
_pdbx_unobs_or_zero_occ_atoms.label_atom_id 
1 1 N 1 C CAC 101 ? O1 ? E CAC 1 O1 
2 1 N 1 C CAC 101 ? O2 ? E CAC 1 O2 
3 1 N 1 C CAC 101 ? C1 ? E CAC 1 C1 
4 1 N 1 C CAC 101 ? C2 ? E CAC 1 C2 
5 1 N 1 D CAC 101 ? O1 ? F CAC 1 O1 
6 1 N 1 D CAC 101 ? O2 ? F CAC 1 O2 
7 1 N 1 D CAC 101 ? C1 ? F CAC 1 C1 
8 1 N 1 D CAC 101 ? C2 ? F CAC 1 C2 
# 
loop_
_chem_comp_atom.comp_id 
_chem_comp_atom.atom_id 
_chem_comp_atom.type_symbol 
_chem_comp_atom.pdbx_aromatic_flag 
_chem_comp_atom.pdbx_stereo_config 
_chem_comp_atom.pdbx_ordinal 
CAC AS     AS N N 1   
CAC O1     O  N N 2   
CAC O2     O  N N 3   
CAC C1     C  N N 4   
CAC C2     C  N N 5   
CAC H11    H  N N 6   
CAC H12    H  N N 7   
CAC H13    H  N N 8   
CAC H21    H  N N 9   
CAC H22    H  N N 10  
CAC H23    H  N N 11  
DA  OP3    O  N N 12  
DA  P      P  N N 13  
DA  OP1    O  N N 14  
DA  OP2    O  N N 15  
DA  "O5'"  O  N N 16  
DA  "C5'"  C  N N 17  
DA  "C4'"  C  N R 18  
DA  "O4'"  O  N N 19  
DA  "C3'"  C  N S 20  
DA  "O3'"  O  N N 21  
DA  "C2'"  C  N N 22  
DA  "C1'"  C  N R 23  
DA  N9     N  Y N 24  
DA  C8     C  Y N 25  
DA  N7     N  Y N 26  
DA  C5     C  Y N 27  
DA  C6     C  Y N 28  
DA  N6     N  N N 29  
DA  N1     N  Y N 30  
DA  C2     C  Y N 31  
DA  N3     N  Y N 32  
DA  C4     C  Y N 33  
DA  HOP3   H  N N 34  
DA  HOP2   H  N N 35  
DA  "H5'"  H  N N 36  
DA  "H5''" H  N N 37  
DA  "H4'"  H  N N 38  
DA  "H3'"  H  N N 39  
DA  "HO3'" H  N N 40  
DA  "H2'"  H  N N 41  
DA  "H2''" H  N N 42  
DA  "H1'"  H  N N 43  
DA  H8     H  N N 44  
DA  H61    H  N N 45  
DA  H62    H  N N 46  
DA  H2     H  N N 47  
DC  OP3    O  N N 48  
DC  P      P  N N 49  
DC  OP1    O  N N 50  
DC  OP2    O  N N 51  
DC  "O5'"  O  N N 52  
DC  "C5'"  C  N N 53  
DC  "C4'"  C  N R 54  
DC  "O4'"  O  N N 55  
DC  "C3'"  C  N S 56  
DC  "O3'"  O  N N 57  
DC  "C2'"  C  N N 58  
DC  "C1'"  C  N R 59  
DC  N1     N  N N 60  
DC  C2     C  N N 61  
DC  O2     O  N N 62  
DC  N3     N  N N 63  
DC  C4     C  N N 64  
DC  N4     N  N N 65  
DC  C5     C  N N 66  
DC  C6     C  N N 67  
DC  HOP3   H  N N 68  
DC  HOP2   H  N N 69  
DC  "H5'"  H  N N 70  
DC  "H5''" H  N N 71  
DC  "H4'"  H  N N 72  
DC  "H3'"  H  N N 73  
DC  "HO3'" H  N N 74  
DC  "H2'"  H  N N 75  
DC  "H2''" H  N N 76  
DC  "H1'"  H  N N 77  
DC  H41    H  N N 78  
DC  H42    H  N N 79  
DC  H5     H  N N 80  
DC  H6     H  N N 81  
DG  OP3    O  N N 82  
DG  P      P  N N 83  
DG  OP1    O  N N 84  
DG  OP2    O  N N 85  
DG  "O5'"  O  N N 86  
DG  "C5'"  C  N N 87  
DG  "C4'"  C  N R 88  
DG  "O4'"  O  N N 89  
DG  "C3'"  C  N S 90  
DG  "O3'"  O  N N 91  
DG  "C2'"  C  N N 92  
DG  "C1'"  C  N R 93  
DG  N9     N  Y N 94  
DG  C8     C  Y N 95  
DG  N7     N  Y N 96  
DG  C5     C  Y N 97  
DG  C6     C  N N 98  
DG  O6     O  N N 99  
DG  N1     N  N N 100 
DG  C2     C  N N 101 
DG  N2     N  N N 102 
DG  N3     N  N N 103 
DG  C4     C  Y N 104 
DG  HOP3   H  N N 105 
DG  HOP2   H  N N 106 
DG  "H5'"  H  N N 107 
DG  "H5''" H  N N 108 
DG  "H4'"  H  N N 109 
DG  "H3'"  H  N N 110 
DG  "HO3'" H  N N 111 
DG  "H2'"  H  N N 112 
DG  "H2''" H  N N 113 
DG  "H1'"  H  N N 114 
DG  H8     H  N N 115 
DG  H1     H  N N 116 
DG  H21    H  N N 117 
DG  H22    H  N N 118 
DT  OP3    O  N N 119 
DT  P      P  N N 120 
DT  OP1    O  N N 121 
DT  OP2    O  N N 122 
DT  "O5'"  O  N N 123 
DT  "C5'"  C  N N 124 
DT  "C4'"  C  N R 125 
DT  "O4'"  O  N N 126 
DT  "C3'"  C  N S 127 
DT  "O3'"  O  N N 128 
DT  "C2'"  C  N N 129 
DT  "C1'"  C  N R 130 
DT  N1     N  N N 131 
DT  C2     C  N N 132 
DT  O2     O  N N 133 
DT  N3     N  N N 134 
DT  C4     C  N N 135 
DT  O4     O  N N 136 
DT  C5     C  N N 137 
DT  C7     C  N N 138 
DT  C6     C  N N 139 
DT  HOP3   H  N N 140 
DT  HOP2   H  N N 141 
DT  "H5'"  H  N N 142 
DT  "H5''" H  N N 143 
DT  "H4'"  H  N N 144 
DT  "H3'"  H  N N 145 
DT  "HO3'" H  N N 146 
DT  "H2'"  H  N N 147 
DT  "H2''" H  N N 148 
DT  "H1'"  H  N N 149 
DT  H3     H  N N 150 
DT  H71    H  N N 151 
DT  H72    H  N N 152 
DT  H73    H  N N 153 
DT  H6     H  N N 154 
MG  MG     MG N N 155 
# 
loop_
_chem_comp_bond.comp_id 
_chem_comp_bond.atom_id_1 
_chem_comp_bond.atom_id_2 
_chem_comp_bond.value_order 
_chem_comp_bond.pdbx_aromatic_flag 
_chem_comp_bond.pdbx_stereo_config 
_chem_comp_bond.pdbx_ordinal 
CAC AS    O1     doub N N 1   
CAC AS    O2     sing N N 2   
CAC AS    C1     sing N N 3   
CAC AS    C2     sing N N 4   
CAC C1    H11    sing N N 5   
CAC C1    H12    sing N N 6   
CAC C1    H13    sing N N 7   
CAC C2    H21    sing N N 8   
CAC C2    H22    sing N N 9   
CAC C2    H23    sing N N 10  
DA  OP3   P      sing N N 11  
DA  OP3   HOP3   sing N N 12  
DA  P     OP1    doub N N 13  
DA  P     OP2    sing N N 14  
DA  P     "O5'"  sing N N 15  
DA  OP2   HOP2   sing N N 16  
DA  "O5'" "C5'"  sing N N 17  
DA  "C5'" "C4'"  sing N N 18  
DA  "C5'" "H5'"  sing N N 19  
DA  "C5'" "H5''" sing N N 20  
DA  "C4'" "O4'"  sing N N 21  
DA  "C4'" "C3'"  sing N N 22  
DA  "C4'" "H4'"  sing N N 23  
DA  "O4'" "C1'"  sing N N 24  
DA  "C3'" "O3'"  sing N N 25  
DA  "C3'" "C2'"  sing N N 26  
DA  "C3'" "H3'"  sing N N 27  
DA  "O3'" "HO3'" sing N N 28  
DA  "C2'" "C1'"  sing N N 29  
DA  "C2'" "H2'"  sing N N 30  
DA  "C2'" "H2''" sing N N 31  
DA  "C1'" N9     sing N N 32  
DA  "C1'" "H1'"  sing N N 33  
DA  N9    C8     sing Y N 34  
DA  N9    C4     sing Y N 35  
DA  C8    N7     doub Y N 36  
DA  C8    H8     sing N N 37  
DA  N7    C5     sing Y N 38  
DA  C5    C6     sing Y N 39  
DA  C5    C4     doub Y N 40  
DA  C6    N6     sing N N 41  
DA  C6    N1     doub Y N 42  
DA  N6    H61    sing N N 43  
DA  N6    H62    sing N N 44  
DA  N1    C2     sing Y N 45  
DA  C2    N3     doub Y N 46  
DA  C2    H2     sing N N 47  
DA  N3    C4     sing Y N 48  
DC  OP3   P      sing N N 49  
DC  OP3   HOP3   sing N N 50  
DC  P     OP1    doub N N 51  
DC  P     OP2    sing N N 52  
DC  P     "O5'"  sing N N 53  
DC  OP2   HOP2   sing N N 54  
DC  "O5'" "C5'"  sing N N 55  
DC  "C5'" "C4'"  sing N N 56  
DC  "C5'" "H5'"  sing N N 57  
DC  "C5'" "H5''" sing N N 58  
DC  "C4'" "O4'"  sing N N 59  
DC  "C4'" "C3'"  sing N N 60  
DC  "C4'" "H4'"  sing N N 61  
DC  "O4'" "C1'"  sing N N 62  
DC  "C3'" "O3'"  sing N N 63  
DC  "C3'" "C2'"  sing N N 64  
DC  "C3'" "H3'"  sing N N 65  
DC  "O3'" "HO3'" sing N N 66  
DC  "C2'" "C1'"  sing N N 67  
DC  "C2'" "H2'"  sing N N 68  
DC  "C2'" "H2''" sing N N 69  
DC  "C1'" N1     sing N N 70  
DC  "C1'" "H1'"  sing N N 71  
DC  N1    C2     sing N N 72  
DC  N1    C6     sing N N 73  
DC  C2    O2     doub N N 74  
DC  C2    N3     sing N N 75  
DC  N3    C4     doub N N 76  
DC  C4    N4     sing N N 77  
DC  C4    C5     sing N N 78  
DC  N4    H41    sing N N 79  
DC  N4    H42    sing N N 80  
DC  C5    C6     doub N N 81  
DC  C5    H5     sing N N 82  
DC  C6    H6     sing N N 83  
DG  OP3   P      sing N N 84  
DG  OP3   HOP3   sing N N 85  
DG  P     OP1    doub N N 86  
DG  P     OP2    sing N N 87  
DG  P     "O5'"  sing N N 88  
DG  OP2   HOP2   sing N N 89  
DG  "O5'" "C5'"  sing N N 90  
DG  "C5'" "C4'"  sing N N 91  
DG  "C5'" "H5'"  sing N N 92  
DG  "C5'" "H5''" sing N N 93  
DG  "C4'" "O4'"  sing N N 94  
DG  "C4'" "C3'"  sing N N 95  
DG  "C4'" "H4'"  sing N N 96  
DG  "O4'" "C1'"  sing N N 97  
DG  "C3'" "O3'"  sing N N 98  
DG  "C3'" "C2'"  sing N N 99  
DG  "C3'" "H3'"  sing N N 100 
DG  "O3'" "HO3'" sing N N 101 
DG  "C2'" "C1'"  sing N N 102 
DG  "C2'" "H2'"  sing N N 103 
DG  "C2'" "H2''" sing N N 104 
DG  "C1'" N9     sing N N 105 
DG  "C1'" "H1'"  sing N N 106 
DG  N9    C8     sing Y N 107 
DG  N9    C4     sing Y N 108 
DG  C8    N7     doub Y N 109 
DG  C8    H8     sing N N 110 
DG  N7    C5     sing Y N 111 
DG  C5    C6     sing N N 112 
DG  C5    C4     doub Y N 113 
DG  C6    O6     doub N N 114 
DG  C6    N1     sing N N 115 
DG  N1    C2     sing N N 116 
DG  N1    H1     sing N N 117 
DG  C2    N2     sing N N 118 
DG  C2    N3     doub N N 119 
DG  N2    H21    sing N N 120 
DG  N2    H22    sing N N 121 
DG  N3    C4     sing N N 122 
DT  OP3   P      sing N N 123 
DT  OP3   HOP3   sing N N 124 
DT  P     OP1    doub N N 125 
DT  P     OP2    sing N N 126 
DT  P     "O5'"  sing N N 127 
DT  OP2   HOP2   sing N N 128 
DT  "O5'" "C5'"  sing N N 129 
DT  "C5'" "C4'"  sing N N 130 
DT  "C5'" "H5'"  sing N N 131 
DT  "C5'" "H5''" sing N N 132 
DT  "C4'" "O4'"  sing N N 133 
DT  "C4'" "C3'"  sing N N 134 
DT  "C4'" "H4'"  sing N N 135 
DT  "O4'" "C1'"  sing N N 136 
DT  "C3'" "O3'"  sing N N 137 
DT  "C3'" "C2'"  sing N N 138 
DT  "C3'" "H3'"  sing N N 139 
DT  "O3'" "HO3'" sing N N 140 
DT  "C2'" "C1'"  sing N N 141 
DT  "C2'" "H2'"  sing N N 142 
DT  "C2'" "H2''" sing N N 143 
DT  "C1'" N1     sing N N 144 
DT  "C1'" "H1'"  sing N N 145 
DT  N1    C2     sing N N 146 
DT  N1    C6     sing N N 147 
DT  C2    O2     doub N N 148 
DT  C2    N3     sing N N 149 
DT  N3    C4     sing N N 150 
DT  N3    H3     sing N N 151 
DT  C4    O4     doub N N 152 
DT  C4    C5     sing N N 153 
DT  C5    C7     sing N N 154 
DT  C5    C6     doub N N 155 
DT  C7    H71    sing N N 156 
DT  C7    H72    sing N N 157 
DT  C7    H73    sing N N 158 
DT  C6    H6     sing N N 159 
# 
loop_
_ndb_struct_conf_na.entry_id 
_ndb_struct_conf_na.feature 
6XDX 'double helix'        
6XDX 'a-form double helix' 
6XDX 'b-form double helix' 
# 
loop_
_ndb_struct_na_base_pair.model_number 
_ndb_struct_na_base_pair.i_label_asym_id 
_ndb_struct_na_base_pair.i_label_comp_id 
_ndb_struct_na_base_pair.i_label_seq_id 
_ndb_struct_na_base_pair.i_symmetry 
_ndb_struct_na_base_pair.j_label_asym_id 
_ndb_struct_na_base_pair.j_label_comp_id 
_ndb_struct_na_base_pair.j_label_seq_id 
_ndb_struct_na_base_pair.j_symmetry 
_ndb_struct_na_base_pair.shear 
_ndb_struct_na_base_pair.stretch 
_ndb_struct_na_base_pair.stagger 
_ndb_struct_na_base_pair.buckle 
_ndb_struct_na_base_pair.propeller 
_ndb_struct_na_base_pair.opening 
_ndb_struct_na_base_pair.pair_number 
_ndb_struct_na_base_pair.pair_name 
_ndb_struct_na_base_pair.i_auth_asym_id 
_ndb_struct_na_base_pair.i_auth_seq_id 
_ndb_struct_na_base_pair.i_PDB_ins_code 
_ndb_struct_na_base_pair.j_auth_asym_id 
_ndb_struct_na_base_pair.j_auth_seq_id 
_ndb_struct_na_base_pair.j_PDB_ins_code 
_ndb_struct_na_base_pair.hbond_type_28 
_ndb_struct_na_base_pair.hbond_type_12 
1 A DG 3  1_555 D DC 16 1_555 2.095  0.484  0.290  -2.507 -24.012 8.095   1  A_DG3:DC16_D A 3  ? D 16 ? ?  1 
1 A DC 4  1_555 D DG 15 1_555 -0.431 0.842  0.029  -3.412 -16.883 5.214   2  A_DC4:DG15_D A 4  ? D 15 ? ?  1 
1 A DA 5  1_555 D DT 14 1_555 0.213  0.346  0.232  -4.447 -10.414 8.862   3  A_DA5:DT14_D A 5  ? D 14 ? 20 1 
1 A DG 6  1_555 D DC 13 1_555 -0.468 -0.365 0.168  1.484  -8.103  -7.326  4  A_DG6:DC13_D A 6  ? D 13 ? 19 1 
1 A DA 7  1_555 D DT 12 1_555 -0.116 0.184  0.132  -3.203 -5.221  -12.178 5  A_DA7:DT12_D A 7  ? D 12 ? 20 1 
1 A DC 8  1_555 D DG 11 1_555 0.121  -0.440 0.289  2.653  -4.088  -4.820  6  A_DC8:DG11_D A 8  ? D 11 ? 19 1 
1 A DA 9  1_555 D DT 10 1_555 0.376  0.127  0.511  6.029  -4.159  6.300   7  A_DA9:DT10_D A 9  ? D 10 ? 20 1 
1 A DA 10 1_555 C DT 2  1_555 0.142  -0.004 0.687  6.589  -7.133  1.084   8  A_DA10:DT2_C A 10 ? C 2  ? 20 1 
1 A DG 11 1_555 C DC 1  1_555 1.128  -0.006 0.409  3.641  -8.653  6.228   9  A_DG11:DC1_C A 11 ? C 1  ? 19 1 
1 B DA 1  1_555 C DT 5  1_555 0.222  -0.366 -0.009 2.565  -11.402 -9.814  10 B_DA12:DT5_C B 12 ? C 5  ? 20 1 
1 B DC 2  1_555 C DG 4  1_555 0.241  -0.448 0.479  -2.065 -15.412 1.503   11 B_DC13:DG4_C B 13 ? C 4  ? 19 1 
1 B DT 3  1_555 C DA 3  1_555 -0.558 0.034  1.026  -4.502 -15.988 1.817   12 B_DT14:DA3_C B 14 ? C 3  ? 20 1 
1 B DT 4  1_555 D DA 9  1_555 -0.283 0.054  0.187  4.253  -8.596  7.115   13 B_DT15:DA9_D B 15 ? D 9  ? 20 1 
1 B DC 5  1_555 D DG 8  1_555 0.420  -0.208 -0.131 14.919 -9.102  0.863   14 B_DC16:DG8_D B 16 ? D 8  ? 19 1 
1 B DA 6  1_555 D DT 7  1_555 1.044  0.087  0.667  13.385 -20.087 -1.164  15 B_DA17:DT7_D B 17 ? D 7  ? 20 1 
1 B DC 7  1_555 D DG 6  1_555 -0.789 0.401  -0.277 13.900 -19.905 13.556  16 B_DC18:DG6_D B 18 ? D 6  ? ?  1 
1 B DT 8  1_555 D DA 5  1_555 -1.082 -0.050 -0.819 11.432 -21.488 9.326   17 B_DT19:DA5_D B 19 ? D 5  ? 20 1 
1 B DC 9  1_555 D DG 4  1_555 -1.326 0.618  -0.494 18.442 -24.636 12.243  18 B_DC20:DG4_D B 20 ? D 4  ? ?  1 
1 B DA 10 1_555 D DT 3  1_555 1.501  0.211  -0.395 -7.339 -30.445 4.934   19 B_DA21:DT3_D B 21 ? D 3  ? 20 1 
# 
loop_
_ndb_struct_na_base_pair_step.model_number 
_ndb_struct_na_base_pair_step.i_label_asym_id_1 
_ndb_struct_na_base_pair_step.i_label_comp_id_1 
_ndb_struct_na_base_pair_step.i_label_seq_id_1 
_ndb_struct_na_base_pair_step.i_symmetry_1 
_ndb_struct_na_base_pair_step.j_label_asym_id_1 
_ndb_struct_na_base_pair_step.j_label_comp_id_1 
_ndb_struct_na_base_pair_step.j_label_seq_id_1 
_ndb_struct_na_base_pair_step.j_symmetry_1 
_ndb_struct_na_base_pair_step.i_label_asym_id_2 
_ndb_struct_na_base_pair_step.i_label_comp_id_2 
_ndb_struct_na_base_pair_step.i_label_seq_id_2 
_ndb_struct_na_base_pair_step.i_symmetry_2 
_ndb_struct_na_base_pair_step.j_label_asym_id_2 
_ndb_struct_na_base_pair_step.j_label_comp_id_2 
_ndb_struct_na_base_pair_step.j_label_seq_id_2 
_ndb_struct_na_base_pair_step.j_symmetry_2 
_ndb_struct_na_base_pair_step.shift 
_ndb_struct_na_base_pair_step.slide 
_ndb_struct_na_base_pair_step.rise 
_ndb_struct_na_base_pair_step.tilt 
_ndb_struct_na_base_pair_step.roll 
_ndb_struct_na_base_pair_step.twist 
_ndb_struct_na_base_pair_step.x_displacement 
_ndb_struct_na_base_pair_step.y_displacement 
_ndb_struct_na_base_pair_step.helical_rise 
_ndb_struct_na_base_pair_step.inclination 
_ndb_struct_na_base_pair_step.tip 
_ndb_struct_na_base_pair_step.helical_twist 
_ndb_struct_na_base_pair_step.step_number 
_ndb_struct_na_base_pair_step.step_name 
_ndb_struct_na_base_pair_step.i_auth_asym_id_1 
_ndb_struct_na_base_pair_step.i_auth_seq_id_1 
_ndb_struct_na_base_pair_step.i_PDB_ins_code_1 
_ndb_struct_na_base_pair_step.j_auth_asym_id_1 
_ndb_struct_na_base_pair_step.j_auth_seq_id_1 
_ndb_struct_na_base_pair_step.j_PDB_ins_code_1 
_ndb_struct_na_base_pair_step.i_auth_asym_id_2 
_ndb_struct_na_base_pair_step.i_auth_seq_id_2 
_ndb_struct_na_base_pair_step.i_PDB_ins_code_2 
_ndb_struct_na_base_pair_step.j_auth_asym_id_2 
_ndb_struct_na_base_pair_step.j_auth_seq_id_2 
_ndb_struct_na_base_pair_step.j_PDB_ins_code_2 
1 A DG 3  1_555 D DC 16 1_555 A DC 4  1_555 D DG 15 1_555 0.112  -0.411 2.879 5.201  2.507  26.812 -1.411 0.891  2.801 5.329  
-11.053 27.415 1  AA_DG3DC4:DG15DC16_DD A 3  ? D 16 ? A 4  ? D 15 ? 
1 A DC 4  1_555 D DG 15 1_555 A DA 5  1_555 D DT 14 1_555 0.478  1.391  3.470 -1.747 1.848  38.960 1.843  -0.939 3.506 2.767  
2.616   39.039 2  AA_DC4DA5:DT14DG15_DD A 4  ? D 15 ? A 5  ? D 14 ? 
1 A DA 5  1_555 D DT 14 1_555 A DG 6  1_555 D DC 13 1_555 -0.696 -0.221 3.128 -2.457 3.004  28.413 -1.098 0.872  3.136 6.085  
4.977   28.671 3  AA_DA5DG6:DC13DT14_DD A 5  ? D 14 ? A 6  ? D 13 ? 
1 A DG 6  1_555 D DC 13 1_555 A DA 7  1_555 D DT 12 1_555 -0.273 -0.923 3.416 -0.822 4.378  34.841 -2.204 0.326  3.285 7.274  
1.367   35.116 4  AA_DG6DA7:DT12DC13_DD A 6  ? D 13 ? A 7  ? D 12 ? 
1 A DA 7  1_555 D DT 12 1_555 A DC 8  1_555 D DG 11 1_555 0.734  -0.732 3.288 -3.468 1.431  34.245 -1.457 -1.773 3.169 2.422  
5.868   34.444 5  AA_DA7DC8:DG11DT12_DD A 7  ? D 12 ? A 8  ? D 11 ? 
1 A DC 8  1_555 D DG 11 1_555 A DA 9  1_555 D DT 10 1_555 -0.331 -1.469 3.172 -5.905 1.413  34.384 -2.658 -0.315 3.123 2.367  
9.894   34.900 6  AA_DC8DA9:DT10DG11_DD A 8  ? D 11 ? A 9  ? D 10 ? 
1 A DA 9  1_555 D DT 10 1_555 A DA 10 1_555 C DT 2  1_555 -1.614 -0.805 3.223 -3.580 -0.723 28.462 -1.459 2.436  3.415 -1.464 
7.244   28.691 7  AA_DA9DA10:DT2DT10_CD A 9  ? D 10 ? A 10 ? C 2  ? 
1 A DA 10 1_555 C DT 2  1_555 A DG 11 1_555 C DC 1  1_555 0.264  -0.135 3.440 -0.112 0.723  37.962 -0.304 -0.421 3.436 1.112  
0.173   37.968 8  AA_DA10DG11:DC1DT2_CC A 10 ? C 2  ? A 11 ? C 1  ? 
1 B DA 1  1_555 C DT 5  1_555 B DC 2  1_555 C DG 4  1_555 1.181  -1.093 3.376 -2.068 0.031  34.596 -1.840 -2.308 3.301 0.052  
3.474   34.656 9  BB_DA12DC13:DG4DT5_CC B 12 ? C 5  ? B 13 ? C 4  ? 
1 B DC 2  1_555 C DG 4  1_555 B DT 3  1_555 C DA 3  1_555 -0.216 -1.551 3.192 -3.479 0.260  29.180 -3.112 -0.303 3.182 0.513  
6.875   29.383 10 BB_DC13DT14:DA3DG4_CC B 13 ? C 4  ? B 14 ? C 3  ? 
1 B DT 3  1_555 C DA 3  1_555 B DT 4  1_555 D DA 9  1_555 -0.649 -0.772 2.944 4.732  -3.595 35.118 -0.793 1.680  2.897 -5.906 
-7.774  35.601 11 BB_DT14DT15:DA9DA3_DC B 14 ? C 3  ? B 15 ? D 9  ? 
1 B DT 4  1_555 D DA 9  1_555 B DC 5  1_555 D DG 8  1_555 -0.235 0.808  3.257 4.198  7.100  23.274 -0.338 1.867  3.265 16.932 
-10.011 24.674 12 BB_DT15DC16:DG8DA9_DD B 15 ? D 9  ? B 16 ? D 8  ? 
1 B DC 5  1_555 D DG 8  1_555 B DA 6  1_555 D DT 7  1_555 0.395  1.665  3.411 -1.667 -2.486 49.766 2.162  -0.593 3.315 -2.952 
1.979   49.850 13 BB_DC16DA17:DT7DG8_DD B 16 ? D 8  ? B 17 ? D 7  ? 
1 B DA 6  1_555 D DT 7  1_555 B DC 7  1_555 D DG 6  1_555 1.033  -0.646 3.147 5.793  2.593  22.806 -2.430 -0.611 3.215 6.401  
-14.298 23.661 14 BB_DA17DC18:DG6DT7_DD B 17 ? D 7  ? B 18 ? D 6  ? 
1 B DC 7  1_555 D DG 6  1_555 B DT 8  1_555 D DA 5  1_555 -0.439 0.567  3.298 6.521  3.123  32.445 0.466  1.864  3.192 5.505  
-11.493 33.219 15 BB_DC18DT19:DA5DG6_DD B 18 ? D 6  ? B 19 ? D 5  ? 
1 B DT 8  1_555 D DA 5  1_555 B DC 9  1_555 D DG 4  1_555 1.109  1.045  3.167 5.807  6.561  33.609 0.719  -0.945 3.442 11.114 
-9.836  34.700 16 BB_DT19DC20:DG4DA5_DD B 19 ? D 5  ? B 20 ? D 4  ? 
1 B DC 9  1_555 D DG 4  1_555 B DA 10 1_555 D DT 3  1_555 0.033  2.832  4.249 1.688  -0.295 51.507 3.284  0.111  4.232 -0.340 
-1.942  51.533 17 BB_DC20DA21:DT3DG4_DD B 20 ? D 4  ? B 21 ? D 3  ? 
# 
loop_
_pdbx_audit_support.funding_organization 
_pdbx_audit_support.country 
_pdbx_audit_support.grant_number 
_pdbx_audit_support.ordinal 
'National Science Foundation (NSF, United States)'                                         'United States' 1360635     1 
'National Institutes of Health/National Institute of General Medical Sciences (NIH/NIGMS)' 'United States' R01GM104960 2 
'National Science Foundation (NSF, United States)'                                         'United States' NSF2004250  3 
# 
loop_
_pdbx_entity_nonpoly.entity_id 
_pdbx_entity_nonpoly.name 
_pdbx_entity_nonpoly.comp_id 
5 'CACODYLATE ION' CAC 
6 'MAGNESIUM ION'  MG  
# 
_pdbx_initial_refinement_model.id               1 
_pdbx_initial_refinement_model.entity_id_list   ? 
_pdbx_initial_refinement_model.type             'experimental model' 
_pdbx_initial_refinement_model.source_name      PDB 
_pdbx_initial_refinement_model.accession_code   6X8C 
_pdbx_initial_refinement_model.details          ? 
# 
_pdbx_struct_assembly_auth_evidence.id                     1 
_pdbx_struct_assembly_auth_evidence.assembly_id            1 
_pdbx_struct_assembly_auth_evidence.experimental_support   none 
_pdbx_struct_assembly_auth_evidence.details                ? 
# 
